data_5O6V
#
_entry.id   5O6V
#
_cell.length_a   1.000
_cell.length_b   1.000
_cell.length_c   1.000
_cell.angle_alpha   90.00
_cell.angle_beta   90.00
_cell.angle_gamma   90.00
#
_symmetry.space_group_name_H-M   'P 1'
#
loop_
_entity.id
_entity.type
_entity.pdbx_description
1 polymer 'Envelope protein'
2 polymer 'Small envelope protein M'
3 polymer 'Fab 19/1786 - Heavy chain'
4 polymer 'Fab 19/1786 - Light chain'
5 non-polymer 2-acetamido-2-deoxy-beta-D-glucopyranose
#
loop_
_entity_poly.entity_id
_entity_poly.type
_entity_poly.pdbx_seq_one_letter_code
_entity_poly.pdbx_strand_id
1 'polypeptide(L)'
;SRCTHLENRDFVTGTQGTTRVTLVLELGGCVTITAEGKPSMDVWLDAIYQENPAQTREYCLHAKLSDTKVAARCPTMGPA
TLAEEHQGGTVCKRDQSDRGWGNHCGLFGKGSIVACVKAACEAKKKATGHVYDANKIVYTVKVEPHTGDYVAANETHSGR
KTASFTVSSEKTILTMGEYGDVSLLCRVASGVDLAQTVILELDKTVEHLPTAWQVHRDWFNDLALPWKHEGARNWNNAER
LVEFGAPHAVKMDVYNLGDQTGVLLKALAGVPVAHIEGTKYHLKSGHVTCEVGLEKLKMKGLTYTMCDKTKFTWKRAPTD
SGHDTVVMEVTFSGTKPCRIPVRAVAHGSPDVNVAMLITPNPTIENNGGGFIEMQLPPGDNIIYVGELSYQWFQKGSSIG
RVFQKTKKGIERLTVIGEHAWDFGSAGGFLSSIGKALHTVLGGAFNSIFGGVGFLPKLLLGVALAWLGLNMRNPTMSMSF
LLAGVLVLAMTLGVGA
;
A,B,C
2 'polypeptide(L)' SVLIPSHAQGELTGRGHKWLEGDSLRTHLTRVEGWVWKNRLLALAMVTVVWLTLESVVTRVAVLVVLLCLAPVYA D,E,F
3 'polypeptide(L)'
;EVKLEESGGGLVQPGGSLKLSCAASGFTFSSYGMSWVRQTPDKRLELVAATNSDGDSTYYPDSVKGRFTISRDRAKNTLY
LQMSSLKSEDTAMYYCTRVLYDYDGEFAYWGQGTLVTVSAAKTTPPSVYPLAPGSAAQTNSMVTLGCLVKGYFPEPVTVT
WNSGSLSSGVHTFPAVLQSDLYTLSSSVTVPSKTWPSETVTCNVAHPASSTK
;
H,I
4 'polypeptide(L)'
;DIVMTQSQKFMSTSVGDRVTVTCKASQNVGTNVAWYQQKPGQSPKGLIYSASYRYSGVPDRFIGSGSGTDFTLTISNVQS
GDLAEYFCQQYNNHPLTFGAGTKLELKRADAAPTVSIFPPSSEQLTSGGASVVCFLNNFYPKDINVKWKIDGSERQDGVL
NSWTDQDSKDSTYSMSSTLTLTKDEYERHNSYTCEATHKTSTSPIVKS
;
L,M
#
# COMPACT_ATOMS: atom_id res chain seq x y z
N SER A 1 41.83 -66.10 -47.22
CA SER A 1 42.49 -65.25 -46.19
C SER A 1 41.83 -63.88 -46.09
N ARG A 2 41.03 -63.67 -45.06
CA ARG A 2 40.38 -62.38 -44.84
C ARG A 2 41.37 -61.31 -44.37
N CYS A 3 42.48 -61.73 -43.75
CA CYS A 3 43.52 -60.77 -43.33
C CYS A 3 44.15 -59.97 -44.46
N THR A 4 44.10 -60.49 -45.68
CA THR A 4 44.56 -59.76 -46.85
C THR A 4 43.65 -58.59 -47.22
N HIS A 5 42.37 -58.66 -46.82
CA HIS A 5 41.37 -57.66 -47.22
C HIS A 5 41.54 -56.30 -46.57
N LEU A 6 42.00 -56.27 -45.32
CA LEU A 6 42.10 -55.02 -44.57
C LEU A 6 43.54 -54.74 -44.17
N GLU A 7 43.80 -53.46 -43.84
CA GLU A 7 45.16 -52.97 -43.64
C GLU A 7 45.75 -53.42 -42.31
N ASN A 8 44.96 -53.31 -41.24
CA ASN A 8 45.45 -53.60 -39.89
C ASN A 8 45.62 -55.11 -39.69
N ARG A 9 46.77 -55.62 -40.13
CA ARG A 9 47.09 -57.04 -40.06
C ARG A 9 48.34 -57.29 -39.21
N ASP A 10 48.33 -58.37 -38.43
CA ASP A 10 49.46 -58.74 -37.55
C ASP A 10 49.90 -60.17 -37.82
N PHE A 11 51.21 -60.38 -37.91
CA PHE A 11 51.79 -61.71 -38.13
C PHE A 11 52.38 -62.22 -36.82
N VAL A 12 52.01 -63.44 -36.44
CA VAL A 12 52.51 -64.07 -35.21
C VAL A 12 53.14 -65.42 -35.55
N THR A 13 54.43 -65.54 -35.26
CA THR A 13 55.17 -66.78 -35.46
C THR A 13 54.82 -67.85 -34.41
N GLY A 14 55.07 -69.10 -34.78
CA GLY A 14 54.93 -70.25 -33.89
C GLY A 14 56.16 -71.13 -34.01
N THR A 15 56.93 -71.23 -32.92
CA THR A 15 58.12 -72.06 -32.89
C THR A 15 57.78 -73.53 -32.64
N GLN A 16 58.79 -74.39 -32.69
CA GLN A 16 58.62 -75.80 -32.32
C GLN A 16 58.49 -75.86 -30.80
N GLY A 17 57.25 -76.08 -30.33
CA GLY A 17 56.96 -76.11 -28.89
C GLY A 17 55.82 -75.17 -28.56
N THR A 18 55.93 -73.92 -29.00
CA THR A 18 54.92 -72.90 -28.76
C THR A 18 53.64 -73.22 -29.55
N THR A 19 52.67 -73.83 -28.86
CA THR A 19 51.40 -74.22 -29.47
C THR A 19 50.16 -73.51 -28.93
N ARG A 20 50.31 -72.78 -27.82
CA ARG A 20 49.20 -72.06 -27.20
C ARG A 20 49.46 -70.57 -27.27
N VAL A 21 49.07 -69.98 -28.41
CA VAL A 21 49.34 -68.57 -28.69
C VAL A 21 48.26 -67.71 -28.07
N THR A 22 48.65 -66.86 -27.13
CA THR A 22 47.74 -65.89 -26.53
C THR A 22 47.69 -64.67 -27.45
N LEU A 23 46.56 -64.49 -28.14
CA LEU A 23 46.34 -63.33 -29.00
C LEU A 23 45.44 -62.32 -28.34
N VAL A 24 45.50 -61.10 -28.87
CA VAL A 24 44.59 -60.02 -28.51
C VAL A 24 43.92 -59.57 -29.79
N LEU A 25 42.74 -60.14 -30.03
CA LEU A 25 42.00 -59.90 -31.25
C LEU A 25 41.32 -58.56 -31.14
N GLU A 26 41.72 -57.65 -32.02
CA GLU A 26 41.21 -56.28 -32.03
C GLU A 26 40.17 -56.13 -33.14
N LEU A 27 39.09 -55.42 -32.83
CA LEU A 27 37.97 -55.27 -33.76
C LEU A 27 38.38 -54.34 -34.90
N GLY A 28 38.08 -54.76 -36.12
CA GLY A 28 38.63 -54.12 -37.32
C GLY A 28 40.09 -54.46 -37.52
N GLY A 29 40.52 -55.60 -36.97
CA GLY A 29 41.87 -56.13 -37.14
C GLY A 29 41.80 -57.57 -37.60
N CYS A 30 42.96 -58.13 -37.95
CA CYS A 30 43.05 -59.51 -38.38
C CYS A 30 44.45 -60.00 -38.11
N VAL A 31 44.57 -61.14 -37.44
CA VAL A 31 45.86 -61.68 -37.07
C VAL A 31 46.13 -62.96 -37.85
N THR A 32 47.27 -62.99 -38.54
CA THR A 32 47.71 -64.17 -39.27
C THR A 32 48.70 -64.94 -38.41
N ILE A 33 48.32 -66.14 -37.99
CA ILE A 33 49.18 -67.00 -37.19
C ILE A 33 49.96 -67.91 -38.13
N THR A 34 51.29 -67.87 -38.03
CA THR A 34 52.17 -68.80 -38.73
C THR A 34 52.86 -69.68 -37.70
N ALA A 35 53.19 -70.90 -38.09
CA ALA A 35 53.88 -71.84 -37.21
C ALA A 35 54.69 -72.85 -38.02
N GLU A 36 55.92 -73.12 -37.58
CA GLU A 36 56.77 -74.11 -38.22
C GLU A 36 56.22 -75.48 -37.92
N GLY A 37 55.74 -76.17 -38.96
CA GLY A 37 55.08 -77.48 -38.80
C GLY A 37 53.56 -77.44 -38.77
N LYS A 38 52.96 -76.25 -38.76
CA LYS A 38 51.50 -76.10 -38.74
C LYS A 38 51.02 -75.19 -39.87
N PRO A 39 49.82 -75.48 -40.42
CA PRO A 39 49.25 -74.58 -41.43
C PRO A 39 48.80 -73.26 -40.81
N SER A 40 48.86 -72.20 -41.61
CA SER A 40 48.60 -70.85 -41.12
C SER A 40 47.12 -70.60 -40.94
N MET A 41 46.79 -69.84 -39.90
CA MET A 41 45.40 -69.53 -39.55
C MET A 41 45.22 -68.02 -39.61
N ASP A 42 43.97 -67.62 -39.79
CA ASP A 42 43.58 -66.22 -39.65
C ASP A 42 42.47 -66.15 -38.63
N VAL A 43 42.78 -65.53 -37.50
CA VAL A 43 41.85 -65.42 -36.38
C VAL A 43 41.64 -63.94 -36.15
N TRP A 44 40.39 -63.54 -35.97
CA TRP A 44 40.06 -62.14 -35.79
C TRP A 44 38.80 -61.95 -34.97
N LEU A 45 38.76 -60.83 -34.26
CA LEU A 45 37.55 -60.38 -33.60
C LEU A 45 36.64 -59.83 -34.68
N ASP A 46 35.49 -60.46 -34.87
CA ASP A 46 34.60 -60.16 -36.00
C ASP A 46 33.49 -59.20 -35.63
N ALA A 47 32.86 -59.44 -34.48
CA ALA A 47 31.75 -58.63 -34.03
C ALA A 47 31.60 -58.69 -32.52
N ILE A 48 31.12 -57.59 -31.95
CA ILE A 48 30.80 -57.51 -30.52
C ILE A 48 29.39 -56.96 -30.40
N TYR A 49 28.45 -57.79 -29.95
CA TYR A 49 27.06 -57.38 -29.83
C TYR A 49 26.31 -58.05 -28.70
N GLN A 50 25.10 -57.57 -28.46
CA GLN A 50 24.15 -58.17 -27.53
C GLN A 50 22.77 -57.84 -28.04
N GLU A 51 21.93 -58.87 -28.23
CA GLU A 51 20.62 -58.69 -28.84
C GLU A 51 19.65 -58.00 -27.87
N ASN A 52 19.29 -56.74 -28.17
CA ASN A 52 18.40 -55.91 -27.34
C ASN A 52 18.88 -55.80 -25.89
N PRO A 53 19.98 -55.06 -25.66
CA PRO A 53 20.49 -54.94 -24.30
C PRO A 53 19.64 -53.99 -23.45
N ALA A 54 19.88 -54.00 -22.15
CA ALA A 54 19.13 -53.17 -21.20
C ALA A 54 19.46 -51.70 -21.43
N GLN A 55 18.46 -50.94 -21.89
CA GLN A 55 18.65 -49.53 -22.23
C GLN A 55 18.57 -48.63 -20.99
N THR A 56 19.52 -47.70 -20.90
CA THR A 56 19.67 -46.81 -19.76
C THR A 56 18.83 -45.56 -20.01
N ARG A 57 19.13 -44.49 -19.29
CA ARG A 57 18.62 -43.14 -19.55
C ARG A 57 18.42 -42.80 -21.03
N GLU A 58 17.16 -42.59 -21.41
CA GLU A 58 16.85 -41.94 -22.68
C GLU A 58 17.11 -40.44 -22.51
N TYR A 59 17.08 -39.71 -23.61
CA TYR A 59 17.21 -38.26 -23.56
C TYR A 59 16.31 -37.62 -24.59
N CYS A 60 16.00 -36.34 -24.37
CA CYS A 60 15.19 -35.59 -25.31
C CYS A 60 16.03 -34.44 -25.85
N LEU A 61 16.11 -34.35 -27.19
CA LEU A 61 16.90 -33.32 -27.86
C LEU A 61 16.05 -32.19 -28.40
N HIS A 62 14.88 -32.50 -28.93
CA HIS A 62 13.96 -31.49 -29.43
C HIS A 62 12.70 -31.54 -28.57
N ALA A 63 12.37 -30.42 -27.95
CA ALA A 63 11.26 -30.36 -26.99
C ALA A 63 9.93 -30.05 -27.69
N LYS A 64 8.87 -30.68 -27.19
CA LYS A 64 7.50 -30.43 -27.64
C LYS A 64 6.79 -29.66 -26.55
N LEU A 65 6.32 -28.45 -26.89
CA LEU A 65 5.72 -27.55 -25.92
C LEU A 65 4.29 -27.20 -26.31
N SER A 66 3.37 -27.39 -25.38
CA SER A 66 1.96 -27.14 -25.61
C SER A 66 1.22 -26.87 -24.31
N ASP A 67 0.03 -26.28 -24.42
CA ASP A 67 -0.79 -25.87 -23.28
C ASP A 67 -0.02 -24.97 -22.31
N THR A 68 0.53 -23.89 -22.87
CA THR A 68 1.31 -22.92 -22.10
C THR A 68 0.36 -22.13 -21.22
N LYS A 69 0.55 -22.27 -19.90
CA LYS A 69 -0.33 -21.64 -18.92
C LYS A 69 0.48 -20.74 -18.01
N VAL A 70 0.08 -19.48 -17.96
CA VAL A 70 0.77 -18.48 -17.17
C VAL A 70 -0.22 -17.86 -16.21
N ALA A 71 0.15 -17.75 -14.94
CA ALA A 71 -0.61 -16.99 -13.95
C ALA A 71 0.29 -16.01 -13.22
N ALA A 72 -0.25 -14.83 -12.95
CA ALA A 72 0.47 -13.77 -12.25
C ALA A 72 -0.41 -13.21 -11.14
N ARG A 73 0.23 -12.70 -10.09
CA ARG A 73 -0.47 -12.13 -8.95
C ARG A 73 0.15 -10.78 -8.61
N CYS A 74 -0.42 -10.10 -7.60
CA CYS A 74 0.19 -8.91 -7.03
C CYS A 74 1.24 -9.36 -6.04
N PRO A 75 2.08 -8.43 -5.55
CA PRO A 75 3.11 -8.86 -4.59
C PRO A 75 2.58 -9.46 -3.28
N THR A 76 1.63 -8.77 -2.67
CA THR A 76 1.09 -9.17 -1.37
C THR A 76 -0.37 -9.61 -1.47
N MET A 77 -0.70 -10.32 -2.55
CA MET A 77 -2.05 -10.88 -2.74
C MET A 77 -1.94 -12.36 -3.11
N GLY A 78 -1.13 -13.11 -2.37
CA GLY A 78 -1.04 -14.56 -2.55
C GLY A 78 -0.36 -14.98 -3.84
N PRO A 79 1.00 -15.03 -3.85
CA PRO A 79 1.82 -15.42 -5.01
C PRO A 79 1.32 -16.60 -5.84
N ALA A 80 1.66 -16.56 -7.14
CA ALA A 80 0.96 -17.32 -8.17
C ALA A 80 1.19 -18.83 -8.10
N THR A 81 0.10 -19.58 -8.19
CA THR A 81 0.14 -21.04 -8.26
C THR A 81 -0.70 -21.55 -9.42
N LEU A 82 -0.43 -22.79 -9.85
CA LEU A 82 -1.18 -23.47 -10.90
C LEU A 82 -1.32 -24.93 -10.54
N ALA A 83 -2.37 -25.57 -11.08
CA ALA A 83 -2.56 -27.02 -10.95
C ALA A 83 -1.51 -27.82 -11.71
N GLU A 84 -0.96 -27.23 -12.77
CA GLU A 84 0.04 -27.87 -13.63
C GLU A 84 1.48 -27.67 -13.14
N GLU A 85 1.66 -26.90 -12.06
CA GLU A 85 2.98 -26.81 -11.39
C GLU A 85 3.48 -28.14 -10.88
N HIS A 86 2.57 -28.96 -10.38
CA HIS A 86 2.91 -30.23 -9.75
C HIS A 86 2.63 -31.45 -10.63
N GLN A 87 2.01 -31.26 -11.80
CA GLN A 87 1.77 -32.36 -12.73
C GLN A 87 3.05 -32.87 -13.36
N GLY A 88 3.01 -34.11 -13.84
CA GLY A 88 4.15 -34.73 -14.49
C GLY A 88 4.35 -34.23 -15.91
N GLY A 89 5.61 -34.22 -16.35
CA GLY A 89 5.97 -33.78 -17.70
C GLY A 89 5.86 -32.29 -17.92
N THR A 90 5.84 -31.53 -16.83
CA THR A 90 5.61 -30.09 -16.86
C THR A 90 6.86 -29.37 -16.39
N VAL A 91 7.20 -28.29 -17.08
CA VAL A 91 8.33 -27.44 -16.70
C VAL A 91 7.79 -26.11 -16.28
N CYS A 92 8.11 -25.71 -15.06
CA CYS A 92 7.68 -24.43 -14.52
C CYS A 92 8.85 -23.68 -13.93
N LYS A 93 8.69 -22.37 -13.86
CA LYS A 93 9.67 -21.49 -13.24
C LYS A 93 8.91 -20.35 -12.58
N ARG A 94 9.10 -20.20 -11.27
CA ARG A 94 8.50 -19.12 -10.52
C ARG A 94 9.38 -17.88 -10.65
N ASP A 95 8.73 -16.73 -10.78
CA ASP A 95 9.42 -15.47 -11.02
C ASP A 95 8.58 -14.35 -10.42
N GLN A 96 9.05 -13.12 -10.55
CA GLN A 96 8.29 -11.94 -10.13
C GLN A 96 8.26 -10.89 -11.24
N SER A 97 7.05 -10.49 -11.58
CA SER A 97 6.80 -9.46 -12.59
C SER A 97 6.91 -8.05 -11.99
N ASP A 98 6.56 -7.04 -12.78
CA ASP A 98 6.47 -5.66 -12.33
C ASP A 98 5.06 -5.17 -12.54
N ARG A 99 4.21 -5.37 -11.54
CA ARG A 99 2.79 -5.06 -11.66
C ARG A 99 2.55 -3.55 -11.58
N GLY A 100 1.92 -3.00 -12.62
CA GLY A 100 1.51 -1.61 -12.65
C GLY A 100 0.07 -1.44 -12.19
N TRP A 101 -0.75 -0.89 -13.07
CA TRP A 101 -2.19 -0.76 -12.85
C TRP A 101 -3.08 -1.18 -14.01
N GLY A 102 -2.51 -1.35 -15.22
CA GLY A 102 -3.26 -1.86 -16.36
C GLY A 102 -3.54 -3.35 -16.26
N ASN A 103 -2.60 -4.04 -15.64
CA ASN A 103 -2.77 -5.41 -15.15
C ASN A 103 -3.57 -5.52 -13.85
N HIS A 104 -3.92 -4.38 -13.26
CA HIS A 104 -4.90 -4.27 -12.16
C HIS A 104 -4.40 -4.91 -10.86
N CYS A 105 -3.35 -4.33 -10.32
CA CYS A 105 -2.93 -4.58 -8.93
C CYS A 105 -3.08 -3.31 -8.12
N GLY A 106 -3.54 -3.46 -6.89
CA GLY A 106 -3.67 -2.35 -5.95
C GLY A 106 -2.34 -1.74 -5.54
N LEU A 107 -1.28 -2.54 -5.57
CA LEU A 107 0.06 -2.08 -5.23
C LEU A 107 1.03 -2.31 -6.38
N PHE A 108 2.12 -1.54 -6.38
CA PHE A 108 3.27 -1.77 -7.26
C PHE A 108 4.20 -2.84 -6.66
N GLY A 109 5.33 -3.08 -7.31
CA GLY A 109 6.42 -3.87 -6.74
C GLY A 109 6.66 -5.11 -7.57
N LYS A 110 6.98 -6.20 -6.89
CA LYS A 110 7.35 -7.45 -7.53
C LYS A 110 6.27 -8.52 -7.34
N GLY A 111 5.25 -8.46 -8.17
CA GLY A 111 4.16 -9.45 -8.16
C GLY A 111 4.64 -10.76 -8.76
N SER A 112 4.42 -11.86 -8.03
CA SER A 112 4.94 -13.16 -8.45
C SER A 112 4.18 -13.73 -9.65
N ILE A 113 4.91 -14.44 -10.49
CA ILE A 113 4.40 -14.97 -11.75
C ILE A 113 5.06 -16.32 -12.03
N VAL A 114 4.33 -17.19 -12.73
CA VAL A 114 4.82 -18.52 -13.06
C VAL A 114 4.24 -18.94 -14.41
N ALA A 115 5.07 -19.62 -15.20
CA ALA A 115 4.67 -20.12 -16.51
C ALA A 115 4.94 -21.61 -16.56
N CYS A 116 3.97 -22.37 -17.08
CA CYS A 116 4.06 -23.83 -17.14
C CYS A 116 3.67 -24.33 -18.52
N VAL A 117 4.41 -25.32 -18.99
CA VAL A 117 4.17 -25.94 -20.30
C VAL A 117 4.12 -27.44 -20.12
N LYS A 118 3.33 -28.12 -20.96
CA LYS A 118 3.35 -29.58 -21.01
C LYS A 118 4.54 -29.98 -21.87
N ALA A 119 5.71 -29.96 -21.26
CA ALA A 119 6.97 -30.20 -21.96
C ALA A 119 7.13 -31.68 -22.27
N ALA A 120 6.51 -32.11 -23.37
CA ALA A 120 6.69 -33.45 -23.91
C ALA A 120 7.93 -33.45 -24.79
N CYS A 121 8.20 -34.56 -25.45
CA CYS A 121 9.34 -34.66 -26.35
C CYS A 121 8.86 -34.78 -27.77
N GLU A 122 9.67 -34.28 -28.71
CA GLU A 122 9.39 -34.43 -30.14
C GLU A 122 9.73 -35.87 -30.52
N ALA A 123 8.96 -36.40 -31.48
CA ALA A 123 9.06 -37.81 -31.84
C ALA A 123 10.36 -38.08 -32.58
N LYS A 124 10.91 -39.27 -32.35
CA LYS A 124 12.14 -39.73 -33.00
C LYS A 124 13.34 -38.76 -32.89
N LYS A 125 13.44 -38.09 -31.75
CA LYS A 125 14.61 -37.27 -31.38
C LYS A 125 15.21 -37.77 -30.07
N LYS A 126 14.88 -39.01 -29.70
CA LYS A 126 15.37 -39.58 -28.46
C LYS A 126 16.83 -40.04 -28.62
N ALA A 127 17.68 -39.54 -27.72
CA ALA A 127 19.07 -40.00 -27.62
C ALA A 127 19.12 -41.14 -26.60
N THR A 128 18.80 -42.33 -27.08
CA THR A 128 18.69 -43.51 -26.24
C THR A 128 20.07 -44.10 -25.99
N GLY A 129 20.36 -44.42 -24.73
CA GLY A 129 21.60 -45.09 -24.34
C GLY A 129 21.37 -46.56 -24.06
N HIS A 130 22.41 -47.36 -24.26
CA HIS A 130 22.35 -48.80 -24.02
C HIS A 130 23.66 -49.25 -23.42
N VAL A 131 23.59 -50.23 -22.52
CA VAL A 131 24.79 -50.81 -21.89
C VAL A 131 24.84 -52.31 -22.13
N TYR A 132 26.06 -52.81 -22.30
CA TYR A 132 26.26 -54.23 -22.54
C TYR A 132 26.38 -54.97 -21.22
N ASP A 133 25.46 -55.92 -20.99
CA ASP A 133 25.60 -56.87 -19.89
C ASP A 133 26.57 -57.99 -20.30
N ALA A 134 27.55 -58.26 -19.43
CA ALA A 134 28.56 -59.31 -19.68
C ALA A 134 27.98 -60.74 -19.67
N ASN A 135 26.84 -60.89 -19.01
CA ASN A 135 26.13 -62.16 -18.98
C ASN A 135 25.54 -62.54 -20.34
N LYS A 136 25.21 -61.54 -21.16
CA LYS A 136 24.55 -61.77 -22.45
C LYS A 136 25.26 -61.16 -23.66
N ILE A 137 26.47 -60.62 -23.48
CA ILE A 137 27.24 -60.08 -24.60
C ILE A 137 27.80 -61.22 -25.44
N VAL A 138 27.96 -60.95 -26.72
CA VAL A 138 28.45 -61.93 -27.68
C VAL A 138 29.68 -61.35 -28.38
N TYR A 139 30.86 -61.92 -28.11
CA TYR A 139 31.99 -61.74 -29.01
C TYR A 139 31.87 -62.77 -30.11
N THR A 140 32.46 -62.45 -31.25
CA THR A 140 32.39 -63.32 -32.42
C THR A 140 33.76 -63.39 -33.04
N VAL A 141 34.31 -64.59 -33.09
CA VAL A 141 35.57 -64.86 -33.73
C VAL A 141 35.35 -65.85 -34.85
N LYS A 142 35.55 -65.39 -36.08
CA LYS A 142 35.54 -66.25 -37.24
C LYS A 142 36.98 -66.59 -37.56
N VAL A 143 37.26 -67.89 -37.67
CA VAL A 143 38.58 -68.37 -38.06
C VAL A 143 38.50 -68.94 -39.47
N GLU A 144 39.36 -68.41 -40.35
CA GLU A 144 39.53 -68.92 -41.71
C GLU A 144 40.97 -69.43 -41.81
N PRO A 145 41.16 -70.67 -42.27
CA PRO A 145 42.50 -71.15 -42.55
C PRO A 145 42.95 -70.77 -43.96
N HIS A 146 44.26 -70.71 -44.17
CA HIS A 146 44.81 -70.54 -45.51
C HIS A 146 44.68 -71.84 -46.28
N THR A 147 43.57 -71.96 -46.99
CA THR A 147 43.28 -73.16 -47.76
C THR A 147 43.94 -73.16 -49.13
N GLY A 148 44.56 -72.05 -49.53
CA GLY A 148 45.05 -71.89 -50.90
C GLY A 148 43.96 -71.41 -51.84
N ASP A 149 42.69 -71.51 -51.45
CA ASP A 149 41.60 -70.88 -52.18
C ASP A 149 41.63 -69.39 -51.91
N TYR A 150 40.90 -68.64 -52.73
CA TYR A 150 40.67 -67.23 -52.44
C TYR A 150 39.20 -66.91 -52.55
N VAL A 151 38.73 -66.13 -51.58
CA VAL A 151 37.34 -65.73 -51.48
C VAL A 151 37.33 -64.23 -51.26
N ALA A 152 36.50 -63.53 -52.02
CA ALA A 152 36.37 -62.07 -51.92
C ALA A 152 35.43 -61.67 -50.76
N ALA A 153 35.14 -60.39 -50.61
CA ALA A 153 34.31 -59.89 -49.51
C ALA A 153 32.82 -60.16 -49.75
N ASN A 154 32.36 -60.04 -51.00
CA ASN A 154 30.98 -60.43 -51.39
C ASN A 154 30.65 -61.89 -51.04
N GLU A 155 31.61 -62.80 -51.27
CA GLU A 155 31.48 -64.22 -50.95
C GLU A 155 31.94 -64.52 -49.52
N THR A 156 31.48 -65.63 -48.98
CA THR A 156 31.96 -66.14 -47.70
C THR A 156 32.71 -67.44 -47.97
N HIS A 157 33.84 -67.60 -47.29
CA HIS A 157 34.68 -68.79 -47.47
C HIS A 157 34.03 -70.00 -46.81
N SER A 158 34.22 -71.17 -47.43
CA SER A 158 33.56 -72.39 -46.98
C SER A 158 34.15 -72.87 -45.67
N GLY A 159 35.46 -73.10 -45.66
CA GLY A 159 36.21 -73.45 -44.46
C GLY A 159 36.35 -72.40 -43.35
N ARG A 160 35.82 -71.19 -43.57
CA ARG A 160 35.78 -70.16 -42.54
C ARG A 160 34.81 -70.58 -41.45
N LYS A 161 35.36 -71.04 -40.34
CA LYS A 161 34.55 -71.48 -39.21
C LYS A 161 34.33 -70.34 -38.24
N THR A 162 33.18 -70.37 -37.59
CA THR A 162 32.70 -69.29 -36.75
C THR A 162 32.30 -69.87 -35.41
N ALA A 163 32.63 -69.15 -34.33
CA ALA A 163 32.21 -69.50 -33.00
C ALA A 163 31.70 -68.25 -32.28
N SER A 164 30.60 -68.39 -31.55
CA SER A 164 30.08 -67.32 -30.71
C SER A 164 30.72 -67.41 -29.33
N PHE A 165 30.86 -66.25 -28.69
CA PHE A 165 31.58 -66.13 -27.42
C PHE A 165 30.83 -65.30 -26.42
N THR A 166 30.14 -66.02 -25.54
CA THR A 166 29.41 -65.46 -24.44
C THR A 166 30.03 -66.02 -23.16
N VAL A 167 29.38 -65.76 -22.04
CA VAL A 167 29.85 -66.27 -20.75
C VAL A 167 29.31 -67.68 -20.46
N SER A 168 28.34 -68.15 -21.26
CA SER A 168 27.74 -69.50 -21.10
C SER A 168 28.43 -70.47 -22.06
N SER A 169 29.75 -70.37 -22.10
CA SER A 169 30.49 -70.51 -23.32
C SER A 169 31.98 -70.30 -23.00
N GLU A 170 32.82 -71.31 -23.30
CA GLU A 170 34.27 -71.33 -22.94
C GLU A 170 35.29 -71.30 -24.11
N LYS A 171 35.45 -72.44 -24.79
CA LYS A 171 36.48 -72.61 -25.82
C LYS A 171 36.02 -73.63 -26.84
N THR A 172 36.15 -73.27 -28.12
CA THR A 172 35.52 -74.02 -29.18
C THR A 172 36.54 -74.84 -29.95
N ILE A 173 36.23 -76.12 -30.12
CA ILE A 173 36.95 -77.00 -31.00
C ILE A 173 36.29 -76.90 -32.37
N LEU A 174 36.91 -76.12 -33.27
CA LEU A 174 36.38 -75.91 -34.61
C LEU A 174 36.90 -76.99 -35.57
N THR A 175 35.99 -77.67 -36.25
CA THR A 175 36.36 -78.69 -37.23
C THR A 175 36.87 -78.01 -38.50
N MET A 176 38.20 -77.95 -38.66
CA MET A 176 38.81 -77.25 -39.78
C MET A 176 39.06 -78.18 -40.97
N GLY A 177 38.00 -78.85 -41.42
CA GLY A 177 38.07 -79.80 -42.53
C GLY A 177 39.01 -80.98 -42.25
N GLU A 178 40.16 -80.98 -42.92
CA GLU A 178 41.21 -81.99 -42.71
C GLU A 178 42.52 -81.38 -42.19
N TYR A 179 42.48 -80.11 -41.80
CA TYR A 179 43.65 -79.41 -41.23
C TYR A 179 43.90 -79.79 -39.78
N GLY A 180 42.98 -80.54 -39.19
CA GLY A 180 42.93 -80.77 -37.76
C GLY A 180 41.86 -79.85 -37.24
N ASP A 181 42.04 -79.41 -36.00
CA ASP A 181 41.11 -78.53 -35.32
C ASP A 181 41.89 -77.37 -34.71
N VAL A 182 41.16 -76.40 -34.17
CA VAL A 182 41.76 -75.26 -33.48
C VAL A 182 40.90 -74.94 -32.25
N SER A 183 41.56 -74.46 -31.19
CA SER A 183 40.88 -74.08 -29.97
C SER A 183 40.94 -72.56 -29.79
N LEU A 184 39.86 -72.00 -29.27
CA LEU A 184 39.73 -70.56 -29.06
C LEU A 184 39.29 -70.27 -27.64
N LEU A 185 40.26 -70.21 -26.73
CA LEU A 185 39.97 -69.83 -25.35
C LEU A 185 39.89 -68.30 -25.28
N CYS A 186 38.65 -67.80 -25.29
CA CYS A 186 38.39 -66.36 -25.16
C CYS A 186 37.86 -66.04 -23.78
N ARG A 187 37.96 -64.76 -23.43
CA ARG A 187 37.49 -64.25 -22.16
C ARG A 187 36.51 -63.13 -22.42
N VAL A 188 35.48 -63.07 -21.59
CA VAL A 188 34.27 -62.34 -21.90
C VAL A 188 34.38 -60.90 -21.42
N ALA A 189 34.53 -60.75 -20.10
CA ALA A 189 34.56 -59.44 -19.46
C ALA A 189 35.92 -58.75 -19.55
N SER A 190 36.97 -59.50 -19.88
CA SER A 190 38.29 -58.92 -20.07
C SER A 190 38.56 -58.58 -21.55
N GLY A 191 37.58 -57.94 -22.18
CA GLY A 191 37.75 -57.32 -23.50
C GLY A 191 37.48 -55.84 -23.33
N VAL A 192 36.27 -55.43 -23.69
CA VAL A 192 35.84 -54.05 -23.52
C VAL A 192 35.33 -53.91 -22.09
N ASP A 193 35.70 -52.81 -21.43
CA ASP A 193 35.21 -52.52 -20.09
C ASP A 193 33.73 -52.14 -20.19
N LEU A 194 32.85 -53.11 -19.98
CA LEU A 194 31.43 -52.94 -20.24
C LEU A 194 30.71 -52.11 -19.19
N ALA A 195 31.34 -51.91 -18.04
CA ALA A 195 30.81 -51.01 -17.00
C ALA A 195 30.83 -49.56 -17.46
N GLN A 196 31.87 -49.15 -18.18
CA GLN A 196 32.03 -47.77 -18.65
C GLN A 196 31.97 -47.69 -20.18
N THR A 197 30.98 -48.40 -20.74
CA THR A 197 30.78 -48.47 -22.18
C THR A 197 29.29 -48.33 -22.45
N VAL A 198 28.91 -47.17 -22.97
CA VAL A 198 27.50 -46.87 -23.23
C VAL A 198 27.28 -46.71 -24.73
N ILE A 199 26.31 -47.47 -25.25
CA ILE A 199 25.95 -47.43 -26.67
C ILE A 199 24.88 -46.37 -26.84
N LEU A 200 25.31 -45.22 -27.34
CA LEU A 200 24.40 -44.11 -27.62
C LEU A 200 23.70 -44.40 -28.94
N GLU A 201 22.38 -44.16 -28.96
CA GLU A 201 21.57 -44.40 -30.14
C GLU A 201 20.65 -43.21 -30.36
N LEU A 202 20.77 -42.59 -31.53
CA LEU A 202 19.83 -41.57 -31.99
C LEU A 202 18.79 -42.27 -32.85
N ASP A 203 18.04 -41.53 -33.66
CA ASP A 203 17.11 -42.16 -34.59
C ASP A 203 17.88 -42.95 -35.66
N LYS A 204 17.92 -44.27 -35.48
CA LYS A 204 18.55 -45.20 -36.43
C LYS A 204 17.97 -45.15 -37.85
N THR A 205 16.68 -44.80 -37.97
CA THR A 205 16.02 -44.69 -39.27
C THR A 205 16.49 -43.47 -40.08
N VAL A 206 17.09 -42.48 -39.42
CA VAL A 206 17.75 -41.36 -40.12
C VAL A 206 18.91 -41.94 -40.91
N GLU A 207 18.96 -41.58 -42.19
CA GLU A 207 19.83 -42.25 -43.15
C GLU A 207 21.29 -41.87 -42.96
N HIS A 208 21.58 -40.57 -43.02
CA HIS A 208 22.96 -40.10 -43.10
C HIS A 208 23.56 -39.76 -41.73
N LEU A 209 23.49 -40.74 -40.83
CA LEU A 209 24.15 -40.68 -39.54
C LEU A 209 24.65 -42.07 -39.19
N PRO A 210 25.70 -42.15 -38.35
CA PRO A 210 26.02 -43.46 -37.76
C PRO A 210 24.88 -43.93 -36.88
N THR A 211 24.68 -45.24 -36.83
CA THR A 211 23.55 -45.80 -36.11
C THR A 211 23.78 -45.73 -34.59
N ALA A 212 24.97 -46.13 -34.15
CA ALA A 212 25.30 -46.14 -32.73
C ALA A 212 26.72 -45.65 -32.46
N TRP A 213 27.03 -45.38 -31.19
CA TRP A 213 28.34 -44.92 -30.74
C TRP A 213 28.77 -45.69 -29.51
N GLN A 214 29.90 -45.31 -28.93
CA GLN A 214 30.45 -46.01 -27.78
C GLN A 214 31.08 -44.95 -26.88
N VAL A 215 30.29 -44.50 -25.91
CA VAL A 215 30.68 -43.37 -25.07
C VAL A 215 30.94 -43.83 -23.64
N HIS A 216 31.65 -43.00 -22.91
CA HIS A 216 32.03 -43.28 -21.54
C HIS A 216 30.82 -43.03 -20.65
N ARG A 217 30.65 -43.83 -19.61
CA ARG A 217 29.44 -43.79 -18.80
C ARG A 217 29.35 -42.54 -17.94
N ASP A 218 30.44 -42.19 -17.27
CA ASP A 218 30.50 -40.93 -16.51
C ASP A 218 30.32 -39.71 -17.40
N TRP A 219 30.74 -39.78 -18.65
CA TRP A 219 30.34 -38.77 -19.64
C TRP A 219 28.84 -38.84 -19.89
N PHE A 220 28.32 -40.05 -20.02
CA PHE A 220 26.93 -40.27 -20.38
C PHE A 220 25.91 -39.84 -19.32
N ASN A 221 26.25 -39.97 -18.05
CA ASN A 221 25.35 -39.56 -16.97
C ASN A 221 25.56 -38.11 -16.52
N ASP A 222 26.54 -37.42 -17.12
CA ASP A 222 26.77 -36.00 -16.86
C ASP A 222 26.31 -35.14 -18.05
N LEU A 223 25.21 -35.55 -18.67
CA LEU A 223 24.55 -34.73 -19.68
C LEU A 223 23.49 -33.91 -18.98
N ALA A 224 23.28 -32.70 -19.49
CA ALA A 224 22.30 -31.78 -18.93
C ALA A 224 21.06 -31.72 -19.82
N LEU A 225 20.55 -32.88 -20.21
CA LEU A 225 19.37 -32.98 -21.04
C LEU A 225 18.25 -33.62 -20.23
N PRO A 226 16.99 -33.48 -20.68
CA PRO A 226 15.88 -34.19 -20.03
C PRO A 226 15.99 -35.69 -20.22
N TRP A 227 15.92 -36.43 -19.12
CA TRP A 227 16.18 -37.87 -19.15
C TRP A 227 15.07 -38.67 -18.48
N LYS A 228 14.88 -39.89 -18.97
CA LYS A 228 13.96 -40.86 -18.38
C LYS A 228 14.35 -42.29 -18.76
N HIS A 229 13.62 -43.26 -18.23
CA HIS A 229 13.78 -44.67 -18.60
C HIS A 229 12.68 -45.11 -19.56
N GLU A 230 12.69 -46.38 -19.97
CA GLU A 230 11.66 -46.93 -20.85
C GLU A 230 10.33 -47.02 -20.10
N GLY A 231 9.25 -46.66 -20.80
CA GLY A 231 7.90 -46.71 -20.23
C GLY A 231 7.50 -45.53 -19.37
N ALA A 232 8.44 -44.64 -19.04
CA ALA A 232 8.14 -43.43 -18.27
C ALA A 232 7.35 -42.47 -19.16
N ARG A 233 6.14 -42.13 -18.73
CA ARG A 233 5.29 -41.18 -19.44
C ARG A 233 5.93 -39.80 -19.49
N ASN A 234 6.62 -39.44 -18.40
CA ASN A 234 7.17 -38.10 -18.20
C ASN A 234 8.68 -38.12 -18.13
N TRP A 235 9.27 -36.92 -18.15
CA TRP A 235 10.73 -36.73 -18.12
C TRP A 235 11.21 -36.20 -16.78
N ASN A 236 12.48 -36.44 -16.48
CA ASN A 236 13.19 -35.81 -15.37
C ASN A 236 14.14 -34.79 -15.95
N ASN A 237 14.34 -33.69 -15.21
CA ASN A 237 15.17 -32.55 -15.64
C ASN A 237 14.71 -32.00 -16.99
N ALA A 238 13.39 -31.91 -17.15
CA ALA A 238 12.79 -31.39 -18.37
C ALA A 238 13.02 -29.88 -18.55
N GLU A 239 13.33 -29.18 -17.45
CA GLU A 239 13.68 -27.75 -17.48
C GLU A 239 15.04 -27.38 -18.08
N ARG A 240 15.79 -28.37 -18.57
CA ARG A 240 17.07 -28.12 -19.20
C ARG A 240 16.98 -27.94 -20.72
N LEU A 241 15.77 -27.86 -21.27
CA LEU A 241 15.56 -27.40 -22.65
C LEU A 241 14.61 -26.25 -22.80
N VAL A 242 13.87 -25.94 -21.74
CA VAL A 242 12.81 -24.98 -21.80
C VAL A 242 13.32 -23.76 -21.07
N GLU A 243 13.30 -22.63 -21.75
CA GLU A 243 13.77 -21.40 -21.17
C GLU A 243 12.69 -20.37 -21.14
N PHE A 244 12.80 -19.52 -20.13
CA PHE A 244 11.88 -18.43 -19.92
C PHE A 244 12.74 -17.17 -19.99
N GLY A 245 12.07 -16.04 -20.14
CA GLY A 245 12.73 -14.74 -20.03
C GLY A 245 12.28 -14.02 -18.78
N ALA A 246 12.44 -12.70 -18.78
CA ALA A 246 11.72 -11.87 -17.83
C ALA A 246 10.27 -11.79 -18.34
N PRO A 247 9.31 -11.54 -17.43
CA PRO A 247 7.96 -11.24 -17.89
C PRO A 247 7.78 -9.75 -18.22
N HIS A 248 6.63 -9.39 -18.75
CA HIS A 248 6.23 -8.00 -18.88
C HIS A 248 4.87 -7.81 -18.22
N ALA A 249 4.89 -7.84 -16.88
CA ALA A 249 3.75 -7.45 -16.02
C ALA A 249 2.50 -8.35 -16.05
N VAL A 250 2.38 -9.25 -17.02
CA VAL A 250 1.23 -10.16 -17.10
C VAL A 250 1.63 -11.58 -17.47
N LYS A 251 2.47 -11.71 -18.50
CA LYS A 251 2.88 -12.99 -19.03
C LYS A 251 4.39 -13.06 -19.05
N MET A 252 4.92 -14.22 -18.64
CA MET A 252 6.27 -14.60 -18.97
C MET A 252 6.20 -15.54 -20.16
N ASP A 253 7.06 -15.30 -21.12
CA ASP A 253 7.05 -16.04 -22.37
C ASP A 253 8.02 -17.19 -22.29
N VAL A 254 7.67 -18.24 -23.02
CA VAL A 254 8.43 -19.48 -23.03
C VAL A 254 9.19 -19.56 -24.35
N TYR A 255 10.46 -19.93 -24.27
CA TYR A 255 11.32 -20.04 -25.43
C TYR A 255 12.03 -21.37 -25.36
N ASN A 256 11.70 -22.26 -26.30
CA ASN A 256 12.37 -23.54 -26.42
C ASN A 256 13.81 -23.33 -26.90
N LEU A 257 14.69 -24.26 -26.55
CA LEU A 257 16.03 -24.30 -27.10
C LEU A 257 16.11 -25.12 -28.39
N GLY A 258 14.95 -25.49 -28.94
CA GLY A 258 14.85 -26.22 -30.20
C GLY A 258 15.45 -27.61 -30.12
N ASP A 259 16.10 -28.00 -31.20
CA ASP A 259 16.78 -29.28 -31.26
C ASP A 259 18.24 -29.08 -30.83
N GLN A 260 18.79 -30.09 -30.16
CA GLN A 260 20.16 -30.06 -29.66
C GLN A 260 20.94 -31.24 -30.19
N THR A 261 20.70 -31.61 -31.44
CA THR A 261 21.32 -32.81 -32.01
C THR A 261 22.77 -32.53 -32.32
N GLY A 262 23.02 -31.45 -33.06
CA GLY A 262 24.37 -31.03 -33.41
C GLY A 262 25.29 -30.70 -32.25
N VAL A 263 24.69 -30.29 -31.13
CA VAL A 263 25.44 -30.05 -29.89
C VAL A 263 25.98 -31.38 -29.38
N LEU A 264 25.15 -32.42 -29.48
CA LEU A 264 25.57 -33.77 -29.15
C LEU A 264 26.59 -34.30 -30.14
N LEU A 265 26.39 -34.02 -31.43
CA LEU A 265 27.27 -34.56 -32.46
C LEU A 265 28.65 -33.92 -32.49
N LYS A 266 28.73 -32.64 -32.16
CA LYS A 266 30.03 -32.00 -31.87
C LYS A 266 30.70 -32.57 -30.63
N ALA A 267 29.88 -32.91 -29.63
CA ALA A 267 30.38 -33.44 -28.36
C ALA A 267 30.88 -34.89 -28.42
N LEU A 268 30.62 -35.59 -29.54
CA LEU A 268 31.20 -36.92 -29.77
C LEU A 268 32.47 -36.87 -30.64
N ALA A 269 33.28 -35.82 -30.48
CA ALA A 269 34.46 -35.62 -31.31
C ALA A 269 35.60 -36.56 -30.89
N GLY A 270 35.76 -37.64 -31.65
CA GLY A 270 36.73 -38.70 -31.37
C GLY A 270 36.15 -39.89 -30.62
N VAL A 271 34.90 -40.24 -30.93
CA VAL A 271 34.23 -41.37 -30.33
C VAL A 271 34.11 -42.45 -31.39
N PRO A 272 34.49 -43.70 -31.06
CA PRO A 272 34.28 -44.77 -32.02
C PRO A 272 32.80 -45.06 -32.25
N VAL A 273 32.41 -45.20 -33.51
CA VAL A 273 31.03 -45.51 -33.87
C VAL A 273 30.70 -46.97 -33.55
N ALA A 274 29.41 -47.30 -33.67
CA ALA A 274 28.92 -48.65 -33.47
C ALA A 274 27.75 -48.90 -34.41
N HIS A 275 27.52 -50.16 -34.75
CA HIS A 275 26.52 -50.50 -35.73
C HIS A 275 25.29 -51.11 -35.06
N ILE A 276 24.13 -50.81 -35.66
CA ILE A 276 22.87 -51.42 -35.26
C ILE A 276 22.34 -52.21 -36.45
N GLU A 277 22.13 -53.50 -36.25
CA GLU A 277 21.50 -54.37 -37.23
C GLU A 277 20.31 -55.05 -36.58
N GLY A 278 19.15 -54.40 -36.67
CA GLY A 278 17.91 -54.89 -36.10
C GLY A 278 17.96 -54.96 -34.58
N THR A 279 17.96 -56.18 -34.06
CA THR A 279 18.07 -56.43 -32.62
C THR A 279 19.53 -56.36 -32.14
N LYS A 280 20.46 -56.64 -33.05
CA LYS A 280 21.88 -56.66 -32.71
C LYS A 280 22.47 -55.27 -32.71
N TYR A 281 23.10 -54.89 -31.59
CA TYR A 281 23.89 -53.67 -31.50
C TYR A 281 25.36 -54.03 -31.53
N HIS A 282 25.90 -54.06 -32.74
CA HIS A 282 27.31 -54.36 -32.92
C HIS A 282 28.16 -53.17 -32.50
N LEU A 283 29.44 -53.42 -32.26
CA LEU A 283 30.43 -52.36 -32.14
C LEU A 283 31.27 -52.32 -33.40
N LYS A 284 31.90 -51.18 -33.63
CA LYS A 284 32.90 -51.07 -34.67
C LYS A 284 34.31 -50.91 -34.11
N SER A 285 34.45 -50.78 -32.78
CA SER A 285 35.75 -50.85 -32.14
C SER A 285 35.69 -51.72 -30.89
N GLY A 286 36.85 -52.27 -30.52
CA GLY A 286 36.95 -53.17 -29.38
C GLY A 286 38.11 -54.13 -29.49
N HIS A 287 38.28 -54.91 -28.44
CA HIS A 287 39.37 -55.87 -28.38
C HIS A 287 39.01 -57.01 -27.45
N VAL A 288 39.72 -58.13 -27.60
CA VAL A 288 39.52 -59.30 -26.74
C VAL A 288 40.78 -60.16 -26.71
N THR A 289 41.13 -60.64 -25.51
CA THR A 289 42.32 -61.46 -25.32
C THR A 289 41.98 -62.94 -25.48
N CYS A 290 41.87 -63.38 -26.72
CA CYS A 290 41.60 -64.78 -27.03
C CYS A 290 42.89 -65.57 -27.17
N GLU A 291 43.09 -66.51 -26.25
CA GLU A 291 44.19 -67.45 -26.36
C GLU A 291 43.77 -68.53 -27.36
N VAL A 292 44.58 -68.69 -28.40
CA VAL A 292 44.32 -69.60 -29.49
C VAL A 292 45.37 -70.71 -29.46
N GLY A 293 44.90 -71.94 -29.32
CA GLY A 293 45.76 -73.12 -29.32
C GLY A 293 45.90 -73.69 -30.73
N LEU A 294 47.14 -73.95 -31.13
CA LEU A 294 47.48 -74.55 -32.42
C LEU A 294 47.64 -76.07 -32.29
N GLU A 295 46.94 -76.66 -31.32
CA GLU A 295 47.29 -77.98 -30.82
C GLU A 295 46.86 -79.12 -31.77
N LYS A 296 45.64 -79.07 -32.26
CA LYS A 296 45.11 -80.16 -33.10
C LYS A 296 45.52 -80.03 -34.56
N LEU A 297 46.15 -78.91 -34.94
CA LEU A 297 46.47 -78.65 -36.34
C LEU A 297 47.55 -79.57 -36.92
N LYS A 298 47.43 -79.82 -38.22
CA LYS A 298 48.43 -80.56 -38.98
C LYS A 298 48.42 -80.07 -40.43
N MET A 299 49.56 -80.14 -41.10
CA MET A 299 49.68 -79.68 -42.48
C MET A 299 48.88 -80.59 -43.41
N LYS A 300 47.79 -80.04 -43.95
CA LYS A 300 46.91 -80.82 -44.80
C LYS A 300 47.57 -81.08 -46.14
N GLY A 301 47.41 -82.30 -46.64
CA GLY A 301 47.95 -82.70 -47.92
C GLY A 301 49.44 -82.94 -47.99
N LEU A 302 50.06 -83.35 -46.88
CA LEU A 302 51.44 -83.85 -46.91
C LEU A 302 51.54 -85.13 -47.72
N THR A 303 50.50 -85.96 -47.62
CA THR A 303 50.41 -87.21 -48.39
C THR A 303 50.06 -87.01 -49.88
N TYR A 304 49.71 -85.79 -50.28
CA TYR A 304 49.45 -85.48 -51.68
C TYR A 304 50.72 -85.50 -52.52
N THR A 305 50.54 -85.67 -53.82
CA THR A 305 51.66 -85.77 -54.76
C THR A 305 52.26 -84.40 -55.03
N MET A 306 53.29 -84.37 -55.87
CA MET A 306 53.81 -83.11 -56.38
C MET A 306 53.20 -82.84 -57.74
N CYS A 307 52.82 -81.59 -57.96
CA CYS A 307 52.25 -81.17 -59.22
C CYS A 307 53.35 -81.15 -60.28
N ASP A 308 52.95 -81.31 -61.53
CA ASP A 308 53.82 -81.13 -62.68
C ASP A 308 54.36 -79.70 -62.70
N LYS A 309 55.68 -79.59 -62.79
CA LYS A 309 56.35 -78.30 -62.79
C LYS A 309 56.07 -77.48 -64.07
N THR A 310 55.73 -78.16 -65.16
CA THR A 310 55.42 -77.49 -66.42
C THR A 310 54.04 -76.83 -66.40
N LYS A 311 53.05 -77.50 -65.80
CA LYS A 311 51.64 -77.12 -65.96
C LYS A 311 51.11 -76.04 -64.98
N PHE A 312 51.99 -75.14 -64.52
CA PHE A 312 51.56 -74.02 -63.68
C PHE A 312 51.28 -72.78 -64.50
N THR A 313 50.10 -72.21 -64.31
CA THR A 313 49.67 -71.01 -65.02
C THR A 313 49.24 -69.98 -63.98
N TRP A 314 49.66 -68.72 -64.16
CA TRP A 314 49.21 -67.63 -63.29
C TRP A 314 47.75 -67.33 -63.62
N LYS A 315 46.82 -67.57 -62.68
CA LYS A 315 45.48 -66.97 -62.76
C LYS A 315 45.59 -65.47 -62.46
N ARG A 316 46.52 -65.11 -61.59
CA ARG A 316 46.73 -63.73 -61.18
C ARG A 316 48.21 -63.46 -60.99
N ALA A 317 48.66 -62.31 -61.44
CA ALA A 317 50.08 -61.94 -61.34
C ALA A 317 50.43 -61.61 -59.89
N PRO A 318 51.69 -61.82 -59.50
CA PRO A 318 52.13 -61.38 -58.19
C PRO A 318 52.11 -59.87 -58.04
N THR A 319 51.93 -59.42 -56.80
CA THR A 319 51.95 -58.00 -56.45
C THR A 319 52.30 -57.82 -54.98
N ASP A 320 52.50 -56.57 -54.59
CA ASP A 320 52.75 -56.24 -53.19
C ASP A 320 51.44 -56.36 -52.42
N SER A 321 51.51 -56.94 -51.23
CA SER A 321 50.32 -57.17 -50.40
C SER A 321 49.87 -55.95 -49.59
N GLY A 322 50.68 -54.89 -49.56
CA GLY A 322 50.47 -53.77 -48.63
C GLY A 322 51.13 -53.99 -47.27
N HIS A 323 51.39 -55.24 -46.92
CA HIS A 323 52.05 -55.63 -45.67
C HIS A 323 53.47 -56.14 -45.92
N ASP A 324 54.12 -55.61 -46.96
CA ASP A 324 55.47 -56.01 -47.38
C ASP A 324 55.62 -57.52 -47.62
N THR A 325 54.55 -58.15 -48.10
CA THR A 325 54.56 -59.54 -48.49
C THR A 325 54.03 -59.63 -49.91
N VAL A 326 54.15 -60.81 -50.50
CA VAL A 326 53.81 -61.02 -51.90
C VAL A 326 52.68 -62.04 -51.98
N VAL A 327 51.59 -61.63 -52.59
CA VAL A 327 50.45 -62.49 -52.83
C VAL A 327 50.36 -62.79 -54.31
N MET A 328 49.66 -63.88 -54.63
CA MET A 328 49.51 -64.35 -56.01
C MET A 328 48.43 -65.41 -56.09
N GLU A 329 48.16 -65.89 -57.30
CA GLU A 329 47.19 -66.95 -57.52
C GLU A 329 47.56 -67.71 -58.78
N VAL A 330 47.91 -68.99 -58.61
CA VAL A 330 48.25 -69.84 -59.74
C VAL A 330 47.10 -70.79 -60.04
N THR A 331 47.21 -71.47 -61.18
CA THR A 331 46.28 -72.50 -61.58
C THR A 331 47.07 -73.65 -62.19
N PHE A 332 46.90 -74.83 -61.59
CA PHE A 332 47.51 -76.04 -62.09
C PHE A 332 46.48 -76.79 -62.94
N SER A 333 46.94 -77.38 -64.04
CA SER A 333 46.04 -77.99 -65.04
C SER A 333 46.08 -79.52 -65.11
N GLY A 334 47.12 -80.15 -64.57
CA GLY A 334 47.26 -81.62 -64.61
C GLY A 334 46.43 -82.38 -63.59
N THR A 335 47.05 -83.34 -62.91
CA THR A 335 46.37 -84.21 -61.96
C THR A 335 46.23 -83.56 -60.58
N LYS A 336 45.00 -83.42 -60.11
CA LYS A 336 44.71 -82.85 -58.80
C LYS A 336 44.17 -83.97 -57.88
N PRO A 337 44.42 -83.90 -56.57
CA PRO A 337 45.14 -82.83 -55.88
C PRO A 337 46.64 -83.08 -55.80
N CYS A 338 47.42 -82.01 -55.59
CA CYS A 338 48.86 -82.10 -55.45
C CYS A 338 49.42 -80.86 -54.73
N ARG A 339 50.71 -80.91 -54.42
CA ARG A 339 51.40 -79.84 -53.69
C ARG A 339 52.20 -78.95 -54.63
N ILE A 340 52.21 -77.67 -54.33
CA ILE A 340 52.79 -76.66 -55.22
C ILE A 340 54.23 -76.40 -54.78
N PRO A 341 55.21 -76.73 -55.65
CA PRO A 341 56.60 -76.42 -55.32
C PRO A 341 56.89 -74.93 -55.43
N VAL A 342 56.52 -74.20 -54.39
CA VAL A 342 56.79 -72.78 -54.33
C VAL A 342 58.15 -72.57 -53.71
N ARG A 343 58.99 -71.84 -54.41
CA ARG A 343 60.24 -71.36 -53.86
C ARG A 343 60.51 -70.00 -54.47
N ALA A 344 61.27 -69.18 -53.76
CA ALA A 344 61.70 -67.90 -54.27
C ALA A 344 63.20 -67.74 -54.06
N VAL A 345 63.87 -67.18 -55.07
CA VAL A 345 65.31 -67.03 -55.06
C VAL A 345 65.69 -65.57 -54.86
N ALA A 346 66.93 -65.34 -54.46
CA ALA A 346 67.44 -64.00 -54.15
C ALA A 346 68.00 -63.20 -55.33
N HIS A 347 68.08 -63.80 -56.53
CA HIS A 347 68.67 -63.16 -57.71
C HIS A 347 70.09 -62.59 -57.46
N GLY A 348 70.95 -63.39 -56.82
CA GLY A 348 72.39 -63.11 -56.71
C GLY A 348 73.17 -64.38 -56.94
N SER A 349 72.87 -65.05 -58.06
CA SER A 349 73.33 -66.41 -58.36
C SER A 349 73.00 -67.42 -57.25
N PRO A 350 71.78 -67.36 -56.71
CA PRO A 350 71.54 -68.02 -55.43
C PRO A 350 71.27 -69.52 -55.51
N ASP A 351 70.20 -69.92 -56.23
CA ASP A 351 69.56 -71.22 -56.06
C ASP A 351 69.32 -71.52 -54.56
N VAL A 352 68.73 -70.52 -53.90
CA VAL A 352 68.53 -70.47 -52.45
C VAL A 352 67.09 -70.07 -52.19
N ASN A 353 66.38 -70.83 -51.37
CA ASN A 353 65.01 -70.47 -51.03
C ASN A 353 64.97 -69.37 -49.96
N VAL A 354 64.40 -68.23 -50.33
CA VAL A 354 64.18 -67.10 -49.41
C VAL A 354 62.69 -66.84 -49.19
N ALA A 355 61.84 -67.74 -49.70
CA ALA A 355 60.40 -67.59 -49.60
C ALA A 355 59.95 -67.91 -48.18
N MET A 356 59.90 -66.87 -47.35
CA MET A 356 59.28 -66.99 -46.03
C MET A 356 57.78 -67.11 -46.23
N LEU A 357 57.34 -68.35 -46.40
CA LEU A 357 55.97 -68.64 -46.78
C LEU A 357 55.02 -68.39 -45.63
N ILE A 358 54.05 -67.52 -45.88
CA ILE A 358 53.00 -67.23 -44.93
C ILE A 358 52.06 -68.43 -44.86
N THR A 359 51.66 -68.93 -46.01
CA THR A 359 50.93 -70.19 -46.13
C THR A 359 51.91 -71.32 -46.41
N PRO A 360 52.22 -72.18 -45.41
CA PRO A 360 53.14 -73.28 -45.67
C PRO A 360 52.45 -74.44 -46.37
N ASN A 361 53.20 -75.14 -47.21
CA ASN A 361 52.69 -76.20 -48.09
C ASN A 361 51.41 -75.78 -48.85
N PRO A 362 51.55 -74.91 -49.86
CA PRO A 362 50.41 -74.53 -50.67
C PRO A 362 49.97 -75.68 -51.56
N THR A 363 48.69 -76.01 -51.51
CA THR A 363 48.16 -77.16 -52.23
C THR A 363 47.02 -76.77 -53.18
N ILE A 364 46.92 -77.51 -54.28
CA ILE A 364 45.81 -77.36 -55.20
C ILE A 364 44.79 -78.43 -54.87
N GLU A 365 43.57 -78.00 -54.58
CA GLU A 365 42.46 -78.92 -54.31
C GLU A 365 41.72 -79.28 -55.58
N ASN A 366 40.76 -80.18 -55.48
CA ASN A 366 39.95 -80.61 -56.63
C ASN A 366 38.90 -79.56 -57.04
N ASN A 367 38.61 -78.59 -56.17
CA ASN A 367 37.66 -77.50 -56.46
C ASN A 367 38.27 -76.09 -56.36
N GLY A 368 39.55 -75.98 -56.02
CA GLY A 368 40.21 -74.68 -55.90
C GLY A 368 41.68 -74.83 -55.55
N GLY A 369 42.26 -73.76 -54.99
CA GLY A 369 43.66 -73.74 -54.56
C GLY A 369 44.52 -72.88 -55.46
N GLY A 370 45.54 -72.25 -54.88
CA GLY A 370 46.47 -71.42 -55.65
C GLY A 370 46.85 -70.09 -55.03
N PHE A 371 46.00 -69.57 -54.16
CA PHE A 371 46.29 -68.34 -53.42
C PHE A 371 47.47 -68.52 -52.48
N ILE A 372 48.62 -67.99 -52.88
CA ILE A 372 49.85 -68.13 -52.12
C ILE A 372 50.32 -66.77 -51.64
N GLU A 373 50.61 -66.68 -50.35
CA GLU A 373 51.21 -65.50 -49.76
C GLU A 373 52.58 -65.86 -49.21
N MET A 374 53.55 -64.98 -49.45
CA MET A 374 54.90 -65.14 -48.91
C MET A 374 55.54 -63.79 -48.65
N GLN A 375 56.50 -63.78 -47.74
CA GLN A 375 57.30 -62.61 -47.45
C GLN A 375 58.67 -62.77 -48.10
N LEU A 376 59.19 -61.69 -48.68
CA LEU A 376 60.47 -61.74 -49.37
C LEU A 376 61.45 -60.73 -48.85
N PRO A 377 62.76 -61.06 -48.91
CA PRO A 377 63.74 -60.02 -48.62
C PRO A 377 63.78 -58.97 -49.75
N PRO A 378 64.27 -57.75 -49.45
CA PRO A 378 64.32 -56.70 -50.45
C PRO A 378 65.27 -57.01 -51.61
N GLY A 379 64.98 -56.40 -52.77
CA GLY A 379 65.78 -56.55 -53.99
C GLY A 379 65.07 -57.39 -55.03
N ASP A 380 65.80 -57.76 -56.08
CA ASP A 380 65.28 -58.63 -57.12
C ASP A 380 65.10 -60.04 -56.58
N ASN A 381 63.98 -60.64 -56.92
CA ASN A 381 63.64 -62.00 -56.53
C ASN A 381 62.86 -62.65 -57.66
N ILE A 382 63.05 -63.96 -57.82
CA ILE A 382 62.26 -64.73 -58.77
C ILE A 382 61.51 -65.78 -57.99
N ILE A 383 60.19 -65.72 -58.08
CA ILE A 383 59.33 -66.65 -57.38
C ILE A 383 58.98 -67.79 -58.32
N TYR A 384 59.58 -68.94 -58.07
CA TYR A 384 59.37 -70.14 -58.88
C TYR A 384 58.15 -70.89 -58.36
N VAL A 385 57.10 -70.96 -59.17
CA VAL A 385 56.01 -71.88 -58.95
C VAL A 385 56.25 -73.04 -59.91
N GLY A 386 56.98 -74.05 -59.42
CA GLY A 386 57.47 -75.13 -60.26
C GLY A 386 58.53 -74.59 -61.20
N GLU A 387 58.30 -74.74 -62.50
CA GLU A 387 59.14 -74.13 -63.52
C GLU A 387 58.61 -72.77 -63.94
N LEU A 388 57.36 -72.45 -63.59
CA LEU A 388 56.82 -71.11 -63.81
C LEU A 388 57.53 -70.13 -62.89
N SER A 389 58.03 -69.06 -63.50
CA SER A 389 58.82 -68.04 -62.79
C SER A 389 58.33 -66.65 -63.14
N TYR A 390 58.59 -65.71 -62.24
CA TYR A 390 58.24 -64.32 -62.45
C TYR A 390 59.19 -63.44 -61.67
N GLN A 391 59.61 -62.33 -62.30
CA GLN A 391 60.52 -61.37 -61.67
C GLN A 391 59.78 -60.59 -60.61
N TRP A 392 60.48 -60.22 -59.56
CA TRP A 392 59.90 -59.42 -58.51
C TRP A 392 60.97 -58.61 -57.82
N PHE A 393 60.79 -57.30 -57.84
CA PHE A 393 61.63 -56.39 -57.08
C PHE A 393 60.86 -55.92 -55.85
N GLN A 394 61.24 -56.43 -54.69
CA GLN A 394 60.55 -56.15 -53.44
C GLN A 394 60.79 -54.70 -53.02
N LYS A 395 59.69 -53.97 -52.79
CA LYS A 395 59.76 -52.53 -52.52
C LYS A 395 60.18 -52.16 -51.09
N GLY A 396 60.17 -53.15 -50.18
CA GLY A 396 60.63 -52.94 -48.80
C GLY A 396 62.12 -52.69 -48.66
N SER A 397 62.53 -52.42 -47.43
CA SER A 397 63.94 -52.17 -47.10
C SER A 397 64.42 -53.18 -46.05
N SER A 398 65.74 -53.21 -45.83
CA SER A 398 66.36 -54.21 -44.94
C SER A 398 65.96 -53.99 -43.49
N ILE A 399 66.08 -52.74 -43.04
CA ILE A 399 65.55 -52.31 -41.73
C ILE A 399 64.16 -51.64 -41.84
N GLY A 400 63.69 -51.41 -43.07
CA GLY A 400 62.38 -50.81 -43.30
C GLY A 400 61.17 -51.62 -42.85
N ARG A 401 61.26 -52.95 -42.97
CA ARG A 401 60.20 -53.83 -42.47
C ARG A 401 60.28 -54.03 -40.96
N VAL A 402 61.48 -53.94 -40.39
CA VAL A 402 61.66 -53.94 -38.94
C VAL A 402 61.09 -52.63 -38.37
N PHE A 403 61.44 -51.52 -39.01
CA PHE A 403 60.88 -50.20 -38.69
C PHE A 403 59.37 -50.15 -38.94
N GLN A 404 58.88 -50.92 -39.91
CA GLN A 404 57.44 -51.09 -40.12
C GLN A 404 56.79 -51.85 -38.97
N LYS A 405 57.44 -52.92 -38.48
CA LYS A 405 56.93 -53.67 -37.33
C LYS A 405 56.95 -52.86 -36.02
N THR A 406 57.89 -51.93 -35.89
CA THR A 406 57.90 -51.00 -34.76
C THR A 406 56.84 -49.91 -34.95
N LYS A 407 56.63 -49.46 -36.19
CA LYS A 407 55.51 -48.57 -36.52
C LYS A 407 54.16 -49.25 -36.30
N LYS A 408 54.11 -50.57 -36.40
CA LYS A 408 52.96 -51.34 -35.96
C LYS A 408 52.90 -51.31 -34.44
N GLY A 409 53.96 -51.78 -33.78
CA GLY A 409 54.03 -51.90 -32.32
C GLY A 409 53.77 -50.64 -31.50
N ILE A 410 54.07 -49.47 -32.06
CA ILE A 410 53.78 -48.19 -31.41
C ILE A 410 52.27 -47.94 -31.46
N GLU A 411 51.70 -47.95 -32.66
CA GLU A 411 50.25 -47.70 -32.83
C GLU A 411 49.37 -48.85 -32.35
N ARG A 412 49.97 -50.03 -32.13
CA ARG A 412 49.31 -51.09 -31.37
C ARG A 412 49.03 -50.60 -29.97
N LEU A 413 50.04 -49.98 -29.34
CA LEU A 413 49.90 -49.36 -28.00
C LEU A 413 49.01 -48.11 -28.00
N THR A 414 47.75 -48.33 -28.35
CA THR A 414 46.67 -47.40 -28.07
C THR A 414 46.06 -47.96 -26.77
N VAL A 415 44.87 -47.51 -26.40
CA VAL A 415 44.22 -48.00 -25.16
C VAL A 415 43.88 -49.51 -25.27
N ILE A 416 43.71 -49.99 -26.51
CA ILE A 416 43.71 -51.44 -26.80
C ILE A 416 45.05 -52.06 -26.38
N GLY A 417 46.14 -51.48 -26.86
CA GLY A 417 47.48 -51.96 -26.55
C GLY A 417 48.01 -51.67 -25.15
N GLU A 418 47.39 -50.75 -24.44
CA GLU A 418 47.70 -50.50 -23.02
C GLU A 418 47.42 -51.77 -22.18
N HIS A 419 46.33 -52.46 -22.53
CA HIS A 419 45.95 -53.76 -21.99
C HIS A 419 46.66 -54.93 -22.70
N ALA A 420 46.96 -54.76 -24.00
CA ALA A 420 47.49 -55.84 -24.83
C ALA A 420 49.02 -55.96 -24.80
N TRP A 421 49.55 -56.31 -23.65
CA TRP A 421 50.93 -56.78 -23.53
C TRP A 421 51.01 -58.31 -23.56
N ASP A 422 49.84 -58.97 -23.59
CA ASP A 422 49.75 -60.43 -23.69
C ASP A 422 49.67 -60.91 -25.14
N PHE A 423 50.14 -60.10 -26.08
CA PHE A 423 50.16 -60.48 -27.49
C PHE A 423 51.22 -61.54 -27.79
N GLY A 424 52.26 -61.61 -26.95
CA GLY A 424 53.20 -62.74 -26.93
C GLY A 424 52.61 -63.89 -26.14
N SER A 425 53.44 -64.59 -25.37
CA SER A 425 52.97 -65.72 -24.56
C SER A 425 53.91 -66.07 -23.41
N ALA A 426 53.63 -65.48 -22.24
CA ALA A 426 54.38 -65.76 -21.00
C ALA A 426 55.89 -65.55 -21.14
N GLY A 427 56.26 -64.31 -21.45
CA GLY A 427 57.66 -63.90 -21.59
C GLY A 427 58.48 -63.90 -20.30
N GLY A 428 57.80 -63.96 -19.15
CA GLY A 428 58.48 -64.06 -17.85
C GLY A 428 59.09 -62.72 -17.50
N PHE A 429 60.41 -62.61 -17.66
CA PHE A 429 61.13 -61.34 -17.47
C PHE A 429 61.11 -60.42 -18.71
N LEU A 430 60.24 -60.73 -19.69
CA LEU A 430 59.98 -59.87 -20.84
C LEU A 430 58.56 -59.30 -20.82
N SER A 431 57.57 -60.20 -20.88
CA SER A 431 56.16 -59.81 -21.12
C SER A 431 55.34 -59.70 -19.84
N SER A 432 55.55 -60.58 -18.88
CA SER A 432 54.84 -60.53 -17.61
C SER A 432 55.24 -59.30 -16.79
N ILE A 433 56.53 -58.94 -16.86
CA ILE A 433 57.00 -57.66 -16.32
C ILE A 433 56.58 -56.49 -17.24
N GLY A 434 56.41 -56.77 -18.53
CA GLY A 434 55.81 -55.82 -19.47
C GLY A 434 54.39 -55.39 -19.13
N LYS A 435 53.62 -56.29 -18.51
CA LYS A 435 52.34 -55.93 -17.90
C LYS A 435 52.55 -55.03 -16.69
N ALA A 436 53.50 -55.42 -15.82
CA ALA A 436 53.74 -54.72 -14.55
C ALA A 436 54.22 -53.27 -14.72
N LEU A 437 55.14 -53.05 -15.65
CA LEU A 437 55.69 -51.70 -15.89
C LEU A 437 54.71 -50.71 -16.52
N HIS A 438 53.64 -51.21 -17.14
CA HIS A 438 52.68 -50.38 -17.88
C HIS A 438 51.24 -50.35 -17.31
N THR A 439 50.86 -51.34 -16.51
CA THR A 439 49.50 -51.37 -15.93
C THR A 439 49.40 -50.39 -14.78
N VAL A 440 50.39 -50.40 -13.88
CA VAL A 440 50.46 -49.41 -12.79
C VAL A 440 50.77 -47.99 -13.28
N LEU A 441 51.33 -47.86 -14.49
CA LEU A 441 51.63 -46.57 -15.11
C LEU A 441 50.39 -46.01 -15.81
N GLY A 442 49.88 -46.76 -16.79
CA GLY A 442 48.69 -46.37 -17.54
C GLY A 442 47.40 -46.34 -16.72
N GLY A 443 47.31 -47.24 -15.72
CA GLY A 443 46.16 -47.31 -14.82
C GLY A 443 46.03 -46.10 -13.93
N ALA A 444 47.15 -45.69 -13.32
CA ALA A 444 47.23 -44.45 -12.54
C ALA A 444 47.05 -43.21 -13.44
N PHE A 445 47.53 -43.30 -14.67
CA PHE A 445 47.27 -42.25 -15.68
C PHE A 445 45.91 -42.38 -16.39
N ASN A 446 45.09 -43.34 -15.95
CA ASN A 446 43.66 -43.39 -16.30
C ASN A 446 42.75 -42.94 -15.14
N SER A 447 43.21 -43.07 -13.89
CA SER A 447 42.47 -42.53 -12.73
C SER A 447 42.48 -41.00 -12.78
N ILE A 448 43.67 -40.41 -12.68
CA ILE A 448 43.86 -39.00 -13.04
C ILE A 448 44.18 -38.96 -14.54
N PHE A 449 44.18 -37.75 -15.10
CA PHE A 449 44.43 -37.50 -16.54
C PHE A 449 43.44 -38.13 -17.54
N GLY A 450 42.42 -38.85 -17.04
CA GLY A 450 41.36 -39.41 -17.87
C GLY A 450 40.14 -38.55 -17.64
N GLY A 451 39.85 -37.68 -18.61
CA GLY A 451 38.90 -36.60 -18.43
C GLY A 451 39.53 -35.22 -18.35
N VAL A 452 40.67 -35.02 -19.03
CA VAL A 452 41.41 -33.76 -18.97
C VAL A 452 41.47 -33.00 -20.32
N GLY A 453 41.54 -33.72 -21.44
CA GLY A 453 41.50 -33.10 -22.77
C GLY A 453 42.87 -32.96 -23.40
N PHE A 454 42.92 -32.92 -24.74
CA PHE A 454 44.19 -32.79 -25.46
C PHE A 454 44.90 -31.46 -25.19
N LEU A 455 44.15 -30.39 -24.93
CA LEU A 455 44.75 -29.09 -24.61
C LEU A 455 45.58 -29.13 -23.30
N PRO A 456 44.98 -29.61 -22.18
CA PRO A 456 45.84 -29.79 -21.00
C PRO A 456 46.84 -30.95 -21.08
N LYS A 457 46.59 -31.95 -21.92
CA LYS A 457 47.60 -32.98 -22.17
C LYS A 457 48.84 -32.42 -22.90
N LEU A 458 48.64 -31.39 -23.72
CA LEU A 458 49.74 -30.72 -24.44
C LEU A 458 50.25 -29.44 -23.76
N LEU A 459 49.55 -28.93 -22.75
CA LEU A 459 49.93 -27.67 -22.08
C LEU A 459 50.25 -27.81 -20.59
N LEU A 460 49.45 -28.56 -19.84
CA LEU A 460 49.70 -28.79 -18.40
C LEU A 460 50.96 -29.64 -18.16
N GLY A 461 51.24 -30.57 -19.07
CA GLY A 461 52.48 -31.35 -19.03
C GLY A 461 53.72 -30.50 -19.25
N VAL A 462 53.64 -29.60 -20.24
CA VAL A 462 54.73 -28.67 -20.56
C VAL A 462 54.84 -27.61 -19.45
N ALA A 463 53.71 -27.25 -18.82
CA ALA A 463 53.71 -26.34 -17.68
C ALA A 463 54.37 -26.94 -16.45
N LEU A 464 54.10 -28.21 -16.16
CA LEU A 464 54.77 -28.93 -15.07
C LEU A 464 56.25 -29.18 -15.37
N ALA A 465 56.59 -29.34 -16.64
CA ALA A 465 57.99 -29.40 -17.08
C ALA A 465 58.69 -28.05 -16.88
N TRP A 466 57.98 -26.96 -17.18
CA TRP A 466 58.47 -25.60 -16.94
C TRP A 466 58.59 -25.30 -15.43
N LEU A 467 57.74 -25.90 -14.61
CA LEU A 467 57.95 -25.92 -13.15
C LEU A 467 59.11 -26.81 -12.74
N GLY A 468 59.44 -27.81 -13.56
CA GLY A 468 60.69 -28.55 -13.46
C GLY A 468 61.92 -27.69 -13.72
N LEU A 469 61.80 -26.77 -14.68
CA LEU A 469 62.83 -25.72 -14.90
C LEU A 469 62.92 -24.78 -13.69
N ASN A 470 61.77 -24.31 -13.22
CA ASN A 470 61.71 -23.41 -12.06
C ASN A 470 61.56 -24.22 -10.77
N MET A 471 62.63 -24.93 -10.41
CA MET A 471 62.67 -25.80 -9.23
C MET A 471 63.86 -25.42 -8.37
N ARG A 472 63.64 -25.23 -7.08
CA ARG A 472 64.69 -24.78 -6.16
C ARG A 472 65.67 -25.90 -5.85
N ASN A 473 65.15 -27.03 -5.35
CA ASN A 473 65.97 -28.17 -4.95
C ASN A 473 66.39 -28.99 -6.17
N PRO A 474 67.71 -29.20 -6.38
CA PRO A 474 68.18 -30.09 -7.47
C PRO A 474 67.77 -31.56 -7.33
N THR A 475 67.54 -32.02 -6.10
CA THR A 475 67.00 -33.37 -5.87
C THR A 475 65.54 -33.47 -6.32
N MET A 476 64.79 -32.38 -6.15
CA MET A 476 63.40 -32.30 -6.63
C MET A 476 63.27 -31.90 -8.12
N SER A 477 64.40 -31.80 -8.84
CA SER A 477 64.40 -31.50 -10.28
C SER A 477 64.07 -32.70 -11.17
N MET A 478 63.77 -33.87 -10.56
CA MET A 478 63.23 -35.02 -11.31
C MET A 478 61.72 -34.93 -11.60
N SER A 479 61.10 -33.77 -11.35
CA SER A 479 59.80 -33.43 -11.92
C SER A 479 59.88 -32.98 -13.39
N PHE A 480 61.09 -32.94 -13.96
CA PHE A 480 61.30 -32.85 -15.41
C PHE A 480 60.93 -34.14 -16.15
N LEU A 481 60.79 -35.26 -15.42
CA LEU A 481 60.24 -36.51 -15.95
C LEU A 481 58.84 -36.36 -16.56
N LEU A 482 58.06 -35.42 -16.03
CA LEU A 482 56.72 -35.12 -16.54
C LEU A 482 56.71 -34.58 -17.98
N ALA A 483 57.84 -34.03 -18.43
CA ALA A 483 58.03 -33.69 -19.85
C ALA A 483 58.05 -34.97 -20.69
N GLY A 484 58.92 -35.90 -20.31
CA GLY A 484 59.04 -37.20 -21.00
C GLY A 484 57.81 -38.08 -20.94
N VAL A 485 56.98 -37.90 -19.93
CA VAL A 485 55.72 -38.65 -19.78
C VAL A 485 54.57 -37.94 -20.50
N LEU A 486 54.24 -36.74 -20.03
CA LEU A 486 52.99 -36.07 -20.43
C LEU A 486 52.99 -35.44 -21.83
N VAL A 487 54.16 -35.32 -22.46
CA VAL A 487 54.24 -34.87 -23.86
C VAL A 487 54.27 -36.06 -24.84
N LEU A 488 54.54 -37.26 -24.35
CA LEU A 488 54.69 -38.45 -25.20
C LEU A 488 53.59 -39.51 -25.01
N ALA A 489 53.30 -39.89 -23.76
CA ALA A 489 52.40 -41.02 -23.47
C ALA A 489 50.97 -40.80 -23.98
N MET A 490 50.27 -39.83 -23.38
CA MET A 490 48.88 -39.53 -23.76
C MET A 490 48.80 -38.42 -24.82
N THR A 491 49.62 -38.53 -25.86
CA THR A 491 49.55 -37.60 -27.00
C THR A 491 49.37 -38.29 -28.36
N LEU A 492 49.04 -39.59 -28.34
CA LEU A 492 48.77 -40.35 -29.57
C LEU A 492 47.36 -40.90 -29.56
N SER B 1 -1.41 6.55 -17.99
CA SER B 1 -0.05 6.83 -18.56
C SER B 1 0.68 5.54 -18.92
N ARG B 2 1.50 5.59 -19.97
CA ARG B 2 2.28 4.44 -20.42
C ARG B 2 3.54 4.27 -19.56
N CYS B 3 4.05 5.38 -19.01
CA CYS B 3 5.20 5.34 -18.10
C CYS B 3 4.93 4.60 -16.77
N THR B 4 3.66 4.50 -16.39
CA THR B 4 3.27 3.70 -15.24
C THR B 4 2.88 2.26 -15.63
N HIS B 5 3.35 1.78 -16.77
CA HIS B 5 3.13 0.38 -17.17
C HIS B 5 4.42 -0.43 -17.20
N LEU B 6 5.54 0.18 -16.82
CA LEU B 6 6.83 -0.47 -16.98
C LEU B 6 7.83 0.02 -15.95
N GLU B 7 9.02 -0.57 -15.99
CA GLU B 7 10.06 -0.27 -15.00
C GLU B 7 10.84 0.96 -15.37
N ASN B 8 11.49 0.98 -16.52
CA ASN B 8 12.42 2.07 -16.83
C ASN B 8 11.69 3.38 -17.15
N ARG B 9 11.70 4.30 -16.18
CA ARG B 9 11.01 5.58 -16.29
C ARG B 9 11.92 6.70 -15.83
N ASP B 10 12.29 7.59 -16.74
CA ASP B 10 13.25 8.65 -16.45
C ASP B 10 12.61 10.02 -16.58
N PHE B 11 12.55 10.75 -15.46
CA PHE B 11 11.99 12.10 -15.45
C PHE B 11 13.00 13.08 -16.01
N VAL B 12 12.52 13.98 -16.86
CA VAL B 12 13.32 15.11 -17.34
C VAL B 12 12.51 16.37 -17.14
N THR B 13 12.93 17.18 -16.17
CA THR B 13 12.25 18.43 -15.86
C THR B 13 12.43 19.48 -16.96
N GLY B 14 11.48 20.41 -17.00
CA GLY B 14 11.48 21.49 -17.98
C GLY B 14 11.57 22.82 -17.25
N THR B 15 12.71 23.49 -17.36
CA THR B 15 12.91 24.80 -16.75
C THR B 15 12.17 25.88 -17.55
N GLN B 16 12.06 27.06 -16.95
CA GLN B 16 11.45 28.22 -17.59
C GLN B 16 12.56 29.17 -18.04
N GLY B 17 12.70 29.32 -19.36
CA GLY B 17 13.91 29.82 -19.99
C GLY B 17 14.47 28.81 -20.99
N THR B 18 14.04 27.55 -20.86
CA THR B 18 14.37 26.51 -21.82
C THR B 18 13.13 25.65 -22.08
N THR B 19 12.52 25.85 -23.25
CA THR B 19 11.29 25.16 -23.64
C THR B 19 11.44 24.16 -24.80
N ARG B 20 12.61 24.12 -25.45
CA ARG B 20 12.90 23.09 -26.45
C ARG B 20 14.04 22.22 -25.94
N VAL B 21 13.69 20.98 -25.60
CA VAL B 21 14.55 20.08 -24.86
C VAL B 21 14.85 18.87 -25.74
N THR B 22 16.12 18.49 -25.79
CA THR B 22 16.55 17.29 -26.51
C THR B 22 16.53 16.12 -25.52
N LEU B 23 16.01 15.00 -25.98
CA LEU B 23 15.92 13.77 -25.18
C LEU B 23 16.77 12.68 -25.80
N VAL B 24 16.78 11.54 -25.11
CA VAL B 24 17.12 10.28 -25.71
C VAL B 24 15.96 9.34 -25.48
N LEU B 25 15.31 8.94 -26.56
CA LEU B 25 14.21 7.99 -26.49
C LEU B 25 14.73 6.62 -26.81
N GLU B 26 15.17 5.92 -25.76
CA GLU B 26 15.50 4.51 -25.89
C GLU B 26 14.24 3.69 -26.11
N LEU B 27 14.42 2.44 -26.52
CA LEU B 27 13.29 1.55 -26.73
C LEU B 27 13.19 0.58 -25.55
N GLY B 28 12.13 0.79 -24.75
CA GLY B 28 11.93 0.07 -23.49
C GLY B 28 11.95 0.96 -22.25
N GLY B 29 12.15 2.25 -22.45
CA GLY B 29 11.96 3.26 -21.41
C GLY B 29 10.78 4.15 -21.73
N CYS B 30 10.47 5.04 -20.80
CA CYS B 30 9.39 6.00 -20.96
C CYS B 30 9.77 7.26 -20.21
N VAL B 31 10.06 8.32 -20.95
CA VAL B 31 10.48 9.59 -20.35
C VAL B 31 9.27 10.48 -20.11
N THR B 32 9.01 10.77 -18.85
CA THR B 32 8.02 11.76 -18.45
C THR B 32 8.71 13.12 -18.37
N ILE B 33 8.15 14.10 -19.06
CA ILE B 33 8.70 15.45 -19.09
C ILE B 33 7.75 16.36 -18.34
N THR B 34 8.28 17.08 -17.35
CA THR B 34 7.53 18.03 -16.55
C THR B 34 8.04 19.45 -16.77
N ALA B 35 7.37 20.18 -17.65
CA ALA B 35 7.69 21.58 -17.91
C ALA B 35 6.86 22.47 -17.00
N GLU B 36 7.50 23.45 -16.38
CA GLU B 36 6.83 24.43 -15.54
C GLU B 36 5.89 25.26 -16.40
N GLY B 37 4.69 25.54 -15.89
CA GLY B 37 3.68 26.29 -16.63
C GLY B 37 3.16 25.66 -17.93
N LYS B 38 3.43 24.37 -18.11
CA LYS B 38 3.02 23.61 -19.30
C LYS B 38 2.53 22.26 -18.84
N PRO B 39 1.66 21.61 -19.64
CA PRO B 39 1.20 20.27 -19.27
C PRO B 39 2.31 19.25 -19.42
N SER B 40 2.47 18.41 -18.41
CA SER B 40 3.55 17.45 -18.36
C SER B 40 3.23 16.30 -19.31
N MET B 41 4.23 15.87 -20.06
CA MET B 41 4.03 14.91 -21.14
C MET B 41 4.80 13.64 -20.87
N ASP B 42 4.25 12.54 -21.35
CA ASP B 42 4.90 11.24 -21.33
C ASP B 42 5.31 10.90 -22.73
N VAL B 43 6.60 10.66 -22.91
CA VAL B 43 7.18 10.42 -24.20
C VAL B 43 7.96 9.12 -24.11
N TRP B 44 7.78 8.27 -25.11
CA TRP B 44 8.49 7.01 -25.20
C TRP B 44 8.55 6.59 -26.64
N LEU B 45 9.57 5.81 -26.95
CA LEU B 45 9.67 5.15 -28.24
C LEU B 45 8.84 3.89 -28.15
N ASP B 46 8.11 3.59 -29.21
CA ASP B 46 7.14 2.50 -29.21
C ASP B 46 7.75 1.28 -29.86
N ALA B 47 8.21 1.46 -31.09
CA ALA B 47 8.73 0.37 -31.89
C ALA B 47 9.80 0.86 -32.86
N ILE B 48 10.66 -0.05 -33.25
CA ILE B 48 11.60 0.18 -34.32
C ILE B 48 11.46 -1.02 -35.21
N TYR B 49 11.11 -0.79 -36.47
CA TYR B 49 10.89 -1.88 -37.41
C TYR B 49 11.29 -1.50 -38.83
N GLN B 50 11.06 -2.43 -39.75
CA GLN B 50 11.08 -2.14 -41.17
C GLN B 50 10.17 -3.13 -41.88
N GLU B 51 9.33 -2.62 -42.78
CA GLU B 51 8.37 -3.44 -43.52
C GLU B 51 9.09 -4.23 -44.61
N ASN B 52 9.49 -5.45 -44.26
CA ASN B 52 10.15 -6.41 -45.17
C ASN B 52 11.38 -5.82 -45.88
N PRO B 53 12.49 -5.63 -45.13
CA PRO B 53 13.73 -5.15 -45.74
C PRO B 53 14.43 -6.21 -46.54
N ALA B 54 15.58 -5.83 -47.09
CA ALA B 54 16.48 -6.74 -47.76
C ALA B 54 17.03 -7.77 -46.79
N GLN B 55 17.51 -8.86 -47.35
CA GLN B 55 18.09 -9.94 -46.58
C GLN B 55 19.43 -10.34 -47.18
N THR B 56 20.24 -10.94 -46.34
CA THR B 56 21.63 -11.24 -46.63
C THR B 56 21.79 -12.74 -46.73
N ARG B 57 23.02 -13.21 -46.57
CA ARG B 57 23.34 -14.61 -46.32
C ARG B 57 22.31 -15.31 -45.44
N GLU B 58 21.77 -16.42 -45.92
CA GLU B 58 20.98 -17.33 -45.10
C GLU B 58 21.91 -18.46 -44.72
N TYR B 59 21.57 -19.21 -43.68
CA TYR B 59 22.34 -20.39 -43.30
C TYR B 59 21.40 -21.54 -43.04
N CYS B 60 21.68 -22.70 -43.63
CA CYS B 60 20.87 -23.90 -43.39
C CYS B 60 21.46 -24.65 -42.21
N LEU B 61 20.65 -24.81 -41.16
CA LEU B 61 21.11 -25.45 -39.93
C LEU B 61 20.96 -26.97 -39.94
N HIS B 62 20.18 -27.51 -40.88
CA HIS B 62 20.02 -28.96 -41.02
C HIS B 62 20.16 -29.34 -42.50
N ALA B 63 21.29 -29.93 -42.84
CA ALA B 63 21.60 -30.29 -44.22
C ALA B 63 20.74 -31.46 -44.68
N LYS B 64 20.12 -31.30 -45.85
CA LYS B 64 19.34 -32.36 -46.48
C LYS B 64 20.19 -33.07 -47.52
N LEU B 65 20.81 -34.16 -47.11
CA LEU B 65 21.66 -34.94 -47.98
C LEU B 65 20.82 -35.83 -48.87
N SER B 66 21.24 -35.94 -50.13
CA SER B 66 20.53 -36.75 -51.12
C SER B 66 21.47 -37.10 -52.26
N ASP B 67 21.13 -38.16 -52.98
CA ASP B 67 21.92 -38.68 -54.11
C ASP B 67 23.38 -38.93 -53.71
N THR B 68 23.55 -39.85 -52.76
CA THR B 68 24.85 -40.14 -52.18
C THR B 68 25.52 -41.27 -52.96
N LYS B 69 26.51 -40.91 -53.78
CA LYS B 69 27.19 -41.84 -54.65
C LYS B 69 28.69 -41.79 -54.38
N VAL B 70 29.33 -42.95 -54.45
CA VAL B 70 30.75 -43.09 -54.17
C VAL B 70 31.42 -43.76 -55.36
N ALA B 71 32.40 -43.08 -55.93
CA ALA B 71 33.27 -43.67 -56.94
C ALA B 71 34.58 -44.11 -56.30
N ALA B 72 34.99 -45.34 -56.60
CA ALA B 72 36.23 -45.88 -56.09
C ALA B 72 36.94 -46.63 -57.21
N ARG B 73 38.27 -46.61 -57.18
CA ARG B 73 39.07 -47.30 -58.17
C ARG B 73 40.27 -47.98 -57.52
N CYS B 74 40.76 -49.02 -58.20
CA CYS B 74 42.01 -49.67 -57.82
C CYS B 74 43.16 -48.66 -57.98
N PRO B 75 44.22 -48.81 -57.15
CA PRO B 75 45.22 -47.74 -56.90
C PRO B 75 45.88 -47.07 -58.10
N THR B 76 46.01 -47.78 -59.21
CA THR B 76 46.58 -47.22 -60.43
C THR B 76 45.58 -47.36 -61.58
N MET B 77 44.29 -47.25 -61.27
CA MET B 77 43.24 -47.43 -62.25
C MET B 77 42.34 -46.20 -62.31
N GLY B 78 42.98 -45.02 -62.40
CA GLY B 78 42.30 -43.79 -62.79
C GLY B 78 41.31 -43.18 -61.81
N PRO B 79 41.78 -42.29 -60.90
CA PRO B 79 40.91 -41.57 -59.96
C PRO B 79 39.65 -40.99 -60.58
N ALA B 80 38.49 -41.51 -60.16
CA ALA B 80 37.29 -41.44 -60.97
C ALA B 80 36.59 -40.09 -61.00
N THR B 81 36.33 -39.60 -62.21
CA THR B 81 35.53 -38.41 -62.41
C THR B 81 34.08 -38.72 -62.05
N LEU B 82 33.40 -37.71 -61.51
CA LEU B 82 31.98 -37.76 -61.20
C LEU B 82 31.29 -36.51 -61.70
N ALA B 83 30.18 -36.70 -62.42
CA ALA B 83 29.37 -35.58 -62.91
C ALA B 83 28.73 -34.75 -61.78
N GLU B 84 28.59 -35.36 -60.60
CA GLU B 84 27.99 -34.71 -59.43
C GLU B 84 28.87 -33.63 -58.79
N GLU B 85 30.16 -33.56 -59.15
CA GLU B 85 31.05 -32.53 -58.62
C GLU B 85 30.79 -31.13 -59.17
N HIS B 86 30.13 -31.07 -60.33
CA HIS B 86 30.15 -29.88 -61.16
C HIS B 86 28.88 -29.03 -61.08
N GLN B 87 27.97 -29.40 -60.17
CA GLN B 87 26.83 -28.56 -59.81
C GLN B 87 27.12 -27.90 -58.46
N GLY B 88 26.43 -26.81 -58.18
CA GLY B 88 26.51 -26.15 -56.87
C GLY B 88 25.50 -26.79 -55.93
N GLY B 89 25.75 -26.69 -54.62
CA GLY B 89 24.96 -27.44 -53.63
C GLY B 89 25.33 -28.92 -53.59
N THR B 90 26.55 -29.22 -54.05
CA THR B 90 27.09 -30.57 -54.02
C THR B 90 28.42 -30.52 -53.31
N VAL B 91 28.66 -31.54 -52.48
CA VAL B 91 29.88 -31.63 -51.71
C VAL B 91 30.59 -32.91 -52.09
N CYS B 92 31.86 -32.79 -52.46
CA CYS B 92 32.68 -33.93 -52.81
C CYS B 92 34.05 -33.81 -52.15
N LYS B 93 34.68 -34.97 -51.91
CA LYS B 93 35.97 -35.04 -51.24
C LYS B 93 36.77 -36.22 -51.76
N ARG B 94 37.97 -35.94 -52.26
CA ARG B 94 38.85 -36.99 -52.74
C ARG B 94 39.56 -37.61 -51.55
N ASP B 95 39.94 -38.88 -51.70
CA ASP B 95 40.57 -39.64 -50.62
C ASP B 95 41.29 -40.86 -51.20
N GLN B 96 42.23 -41.40 -50.43
CA GLN B 96 42.96 -42.60 -50.82
C GLN B 96 42.69 -43.74 -49.84
N SER B 97 41.76 -44.62 -50.22
CA SER B 97 41.48 -45.86 -49.49
C SER B 97 42.51 -46.93 -49.85
N ASP B 98 42.32 -48.14 -49.35
CA ASP B 98 43.21 -49.25 -49.63
C ASP B 98 42.43 -50.42 -50.21
N ARG B 99 42.45 -50.49 -51.55
CA ARG B 99 41.78 -51.55 -52.27
C ARG B 99 42.47 -52.89 -52.06
N GLY B 100 41.66 -53.94 -51.89
CA GLY B 100 42.13 -55.32 -51.80
C GLY B 100 41.75 -56.09 -53.03
N TRP B 101 41.76 -57.41 -52.90
CA TRP B 101 41.14 -58.29 -53.89
C TRP B 101 39.76 -58.74 -53.41
N GLY B 102 39.41 -58.37 -52.17
CA GLY B 102 38.03 -58.50 -51.68
C GLY B 102 37.01 -57.64 -52.42
N ASN B 103 37.49 -56.70 -53.22
CA ASN B 103 36.64 -55.87 -54.07
C ASN B 103 37.15 -55.89 -55.51
N HIS B 104 37.73 -57.02 -55.92
CA HIS B 104 38.02 -57.33 -57.31
C HIS B 104 38.94 -56.34 -58.05
N CYS B 105 40.15 -56.17 -57.51
CA CYS B 105 41.23 -55.44 -58.18
C CYS B 105 42.29 -56.38 -58.74
N GLY B 106 43.31 -55.79 -59.36
CA GLY B 106 44.54 -56.48 -59.74
C GLY B 106 45.72 -56.17 -58.84
N LEU B 107 45.80 -54.93 -58.34
CA LEU B 107 46.89 -54.50 -57.45
C LEU B 107 46.34 -53.97 -56.13
N PHE B 108 47.23 -53.81 -55.15
CA PHE B 108 46.89 -53.19 -53.86
C PHE B 108 47.62 -51.85 -53.76
N GLY B 109 47.39 -51.15 -52.66
CA GLY B 109 48.08 -49.91 -52.33
C GLY B 109 47.05 -48.85 -51.99
N LYS B 110 47.31 -47.61 -52.44
CA LYS B 110 46.42 -46.49 -52.17
C LYS B 110 45.35 -46.38 -53.25
N GLY B 111 44.25 -47.09 -53.04
CA GLY B 111 43.08 -47.04 -53.91
C GLY B 111 42.39 -45.69 -53.85
N SER B 112 42.26 -45.03 -55.00
CA SER B 112 41.63 -43.71 -55.05
C SER B 112 40.11 -43.85 -54.95
N ILE B 113 39.52 -42.94 -54.18
CA ILE B 113 38.08 -42.98 -53.88
C ILE B 113 37.54 -41.58 -53.67
N VAL B 114 36.32 -41.34 -54.13
CA VAL B 114 35.66 -40.04 -53.99
C VAL B 114 34.16 -40.26 -53.90
N ALA B 115 33.53 -39.52 -52.99
CA ALA B 115 32.09 -39.57 -52.77
C ALA B 115 31.48 -38.20 -52.99
N CYS B 116 30.20 -38.19 -53.34
CA CYS B 116 29.48 -36.96 -53.63
C CYS B 116 28.05 -37.04 -53.15
N VAL B 117 27.51 -35.88 -52.79
CA VAL B 117 26.12 -35.74 -52.37
C VAL B 117 25.52 -34.48 -52.99
N LYS B 118 24.23 -34.29 -52.80
CA LYS B 118 23.54 -33.05 -53.14
C LYS B 118 23.02 -32.45 -51.84
N ALA B 119 23.79 -31.49 -51.31
CA ALA B 119 23.50 -30.86 -50.03
C ALA B 119 22.39 -29.83 -50.18
N ALA B 120 21.15 -30.31 -50.09
CA ALA B 120 19.98 -29.45 -50.09
C ALA B 120 19.74 -28.94 -48.65
N CYS B 121 18.65 -28.23 -48.45
CA CYS B 121 18.27 -27.76 -47.12
C CYS B 121 16.93 -28.33 -46.69
N GLU B 122 16.70 -28.34 -45.37
CA GLU B 122 15.42 -28.76 -44.82
C GLU B 122 14.45 -27.60 -44.83
N ALA B 123 13.16 -27.94 -44.79
CA ALA B 123 12.09 -26.95 -44.89
C ALA B 123 12.03 -26.06 -43.65
N LYS B 124 12.03 -24.75 -43.88
CA LYS B 124 12.00 -23.73 -42.82
C LYS B 124 13.14 -23.87 -41.78
N LYS B 125 14.30 -24.31 -42.23
CA LYS B 125 15.47 -24.47 -41.38
C LYS B 125 16.57 -23.54 -41.88
N LYS B 126 16.19 -22.30 -42.17
CA LYS B 126 17.09 -21.29 -42.70
C LYS B 126 17.32 -20.25 -41.62
N ALA B 127 18.60 -19.88 -41.46
CA ALA B 127 19.01 -18.81 -40.56
C ALA B 127 19.19 -17.54 -41.40
N THR B 128 18.07 -16.89 -41.69
CA THR B 128 18.06 -15.75 -42.60
C THR B 128 18.51 -14.49 -41.88
N GLY B 129 19.61 -13.92 -42.36
CA GLY B 129 20.10 -12.64 -41.88
C GLY B 129 19.49 -11.52 -42.68
N HIS B 130 19.26 -10.38 -42.03
CA HIS B 130 18.72 -9.20 -42.68
C HIS B 130 19.62 -8.02 -42.45
N VAL B 131 19.37 -6.95 -43.20
CA VAL B 131 20.05 -5.69 -42.98
C VAL B 131 19.01 -4.61 -43.04
N TYR B 132 19.42 -3.41 -42.67
CA TYR B 132 18.56 -2.25 -42.71
C TYR B 132 18.91 -1.28 -43.81
N ASP B 133 17.86 -0.84 -44.49
CA ASP B 133 17.86 0.32 -45.34
C ASP B 133 17.01 1.35 -44.61
N ALA B 134 17.59 2.52 -44.37
CA ALA B 134 16.92 3.59 -43.64
C ALA B 134 15.80 4.28 -44.45
N ASN B 135 15.63 3.91 -45.72
CA ASN B 135 14.49 4.37 -46.52
C ASN B 135 13.12 3.90 -46.00
N LYS B 136 13.04 2.68 -45.47
CA LYS B 136 11.78 2.13 -44.95
C LYS B 136 11.77 1.90 -43.42
N ILE B 137 12.81 2.35 -42.70
CA ILE B 137 12.84 2.23 -41.24
C ILE B 137 11.90 3.26 -40.63
N VAL B 138 11.19 2.85 -39.56
CA VAL B 138 10.23 3.72 -38.90
C VAL B 138 10.50 3.69 -37.41
N TYR B 139 10.65 4.88 -36.82
CA TYR B 139 10.67 5.02 -35.38
C TYR B 139 9.34 5.62 -34.94
N THR B 140 8.59 4.83 -34.15
CA THR B 140 7.28 5.22 -33.70
C THR B 140 7.41 5.77 -32.29
N VAL B 141 6.92 7.00 -32.12
CA VAL B 141 6.84 7.63 -30.83
C VAL B 141 5.40 8.01 -30.60
N LYS B 142 4.82 7.42 -29.55
CA LYS B 142 3.51 7.78 -29.06
C LYS B 142 3.70 8.67 -27.82
N VAL B 143 2.95 9.76 -27.76
CA VAL B 143 2.97 10.69 -26.63
C VAL B 143 1.58 10.72 -26.02
N GLU B 144 1.50 10.60 -24.71
CA GLU B 144 0.24 10.64 -23.97
C GLU B 144 0.37 11.70 -22.88
N PRO B 145 -0.50 12.73 -22.91
CA PRO B 145 -0.52 13.68 -21.79
C PRO B 145 -1.21 13.10 -20.55
N HIS B 146 -1.27 13.89 -19.48
CA HIS B 146 -2.00 13.51 -18.28
C HIS B 146 -3.36 14.17 -18.29
N THR B 147 -4.33 13.45 -18.86
CA THR B 147 -5.69 13.95 -18.99
C THR B 147 -6.52 13.75 -17.72
N GLY B 148 -5.92 13.17 -16.67
CA GLY B 148 -6.65 12.79 -15.48
C GLY B 148 -7.17 11.37 -15.55
N ASP B 149 -7.30 10.80 -16.75
CA ASP B 149 -7.68 9.40 -16.88
C ASP B 149 -6.46 8.50 -16.87
N TYR B 150 -6.64 7.36 -16.22
CA TYR B 150 -5.70 6.28 -16.31
C TYR B 150 -6.28 5.24 -17.26
N VAL B 151 -5.42 4.70 -18.11
CA VAL B 151 -5.79 3.73 -19.12
C VAL B 151 -4.87 2.53 -18.95
N ALA B 152 -5.45 1.34 -19.06
CA ALA B 152 -4.71 0.08 -18.86
C ALA B 152 -3.75 -0.23 -20.01
N ALA B 153 -3.08 -1.38 -19.94
CA ALA B 153 -2.15 -1.81 -20.97
C ALA B 153 -2.92 -2.52 -22.08
N ASN B 154 -3.90 -3.34 -21.71
CA ASN B 154 -4.80 -3.99 -22.69
C ASN B 154 -5.81 -3.03 -23.34
N GLU B 155 -6.04 -1.87 -22.73
CA GLU B 155 -6.89 -0.81 -23.31
C GLU B 155 -6.08 0.04 -24.29
N THR B 156 -6.72 1.05 -24.85
CA THR B 156 -6.02 2.12 -25.57
C THR B 156 -6.49 3.46 -25.05
N HIS B 157 -5.63 4.46 -25.17
CA HIS B 157 -5.96 5.83 -24.75
C HIS B 157 -6.42 6.62 -25.96
N SER B 158 -7.52 7.36 -25.79
CA SER B 158 -8.18 8.07 -26.89
C SER B 158 -7.34 9.25 -27.39
N GLY B 159 -6.81 10.03 -26.46
CA GLY B 159 -5.88 11.12 -26.77
C GLY B 159 -4.42 10.75 -27.01
N ARG B 160 -4.12 9.47 -27.21
CA ARG B 160 -2.74 9.01 -27.44
C ARG B 160 -2.38 9.16 -28.92
N LYS B 161 -1.69 10.23 -29.25
CA LYS B 161 -1.25 10.47 -30.63
C LYS B 161 0.03 9.71 -30.91
N THR B 162 0.23 9.36 -32.18
CA THR B 162 1.31 8.48 -32.61
C THR B 162 2.08 9.16 -33.75
N ALA B 163 3.40 9.26 -33.58
CA ALA B 163 4.27 9.89 -34.57
C ALA B 163 5.27 8.85 -35.10
N SER B 164 5.24 8.66 -36.42
CA SER B 164 6.20 7.81 -37.13
C SER B 164 7.35 8.68 -37.66
N PHE B 165 8.58 8.23 -37.41
CA PHE B 165 9.77 8.97 -37.80
C PHE B 165 10.64 8.12 -38.70
N THR B 166 10.45 8.29 -40.00
CA THR B 166 11.40 7.81 -41.00
C THR B 166 12.52 8.85 -41.11
N VAL B 167 13.55 8.54 -41.88
CA VAL B 167 14.61 9.51 -42.14
C VAL B 167 14.12 10.61 -43.10
N SER B 168 13.11 10.28 -43.92
CA SER B 168 12.53 11.24 -44.86
C SER B 168 11.60 12.26 -44.18
N SER B 169 10.83 11.83 -43.18
CA SER B 169 9.95 12.71 -42.41
C SER B 169 10.45 12.86 -40.97
N GLU B 170 11.42 13.75 -40.80
CA GLU B 170 12.10 13.96 -39.51
C GLU B 170 11.58 15.17 -38.71
N LYS B 171 10.48 15.80 -39.14
CA LYS B 171 9.85 16.87 -38.36
C LYS B 171 8.33 16.68 -38.35
N THR B 172 7.80 16.42 -37.16
CA THR B 172 6.42 16.02 -36.96
C THR B 172 5.76 16.83 -35.86
N ILE B 173 4.54 17.27 -36.12
CA ILE B 173 3.74 18.02 -35.17
C ILE B 173 2.55 17.15 -34.79
N LEU B 174 2.23 17.11 -33.50
CA LEU B 174 1.09 16.34 -32.99
C LEU B 174 0.21 17.21 -32.12
N THR B 175 -1.04 17.39 -32.56
CA THR B 175 -2.03 18.08 -31.76
C THR B 175 -2.48 17.16 -30.63
N MET B 176 -2.19 17.55 -29.39
CA MET B 176 -2.47 16.74 -28.19
C MET B 176 -3.82 17.10 -27.58
N GLY B 177 -4.87 16.99 -28.39
CA GLY B 177 -6.22 17.39 -27.97
C GLY B 177 -6.29 18.87 -27.65
N GLU B 178 -6.96 19.21 -26.55
CA GLU B 178 -7.06 20.60 -26.09
C GLU B 178 -5.77 21.15 -25.50
N TYR B 179 -4.81 20.28 -25.18
CA TYR B 179 -3.53 20.68 -24.58
C TYR B 179 -2.65 21.49 -25.53
N GLY B 180 -2.79 21.21 -26.82
CA GLY B 180 -2.13 22.01 -27.86
C GLY B 180 -1.33 21.12 -28.78
N ASP B 181 -0.25 21.68 -29.32
CA ASP B 181 0.62 20.98 -30.26
C ASP B 181 1.96 20.69 -29.61
N VAL B 182 2.55 19.55 -29.97
CA VAL B 182 3.92 19.23 -29.57
C VAL B 182 4.75 19.04 -30.84
N SER B 183 5.90 19.71 -30.90
CA SER B 183 6.77 19.67 -32.06
C SER B 183 7.87 18.66 -31.79
N LEU B 184 7.97 17.66 -32.66
CA LEU B 184 8.90 16.57 -32.47
C LEU B 184 9.79 16.45 -33.69
N LEU B 185 11.10 16.43 -33.43
CA LEU B 185 12.11 16.35 -34.47
C LEU B 185 13.08 15.26 -34.05
N CYS B 186 13.05 14.13 -34.76
CA CYS B 186 13.87 12.97 -34.44
C CYS B 186 14.76 12.65 -35.61
N ARG B 187 16.07 12.65 -35.37
CA ARG B 187 17.05 12.32 -36.39
C ARG B 187 17.32 10.83 -36.33
N VAL B 188 16.89 10.13 -37.38
CA VAL B 188 16.96 8.68 -37.44
C VAL B 188 18.41 8.23 -37.64
N ALA B 189 19.18 8.99 -38.41
CA ALA B 189 20.60 8.72 -38.64
C ALA B 189 21.43 8.71 -37.35
N SER B 190 21.12 9.64 -36.44
CA SER B 190 21.79 9.71 -35.14
C SER B 190 21.04 8.87 -34.11
N GLY B 191 20.93 7.56 -34.38
CA GLY B 191 20.18 6.65 -33.52
C GLY B 191 20.85 5.29 -33.45
N VAL B 192 20.10 4.26 -33.84
CA VAL B 192 20.58 2.88 -33.84
C VAL B 192 21.63 2.75 -34.93
N ASP B 193 22.78 2.16 -34.59
CA ASP B 193 23.81 1.89 -35.58
C ASP B 193 23.33 0.75 -36.48
N LEU B 194 22.74 1.12 -37.61
CA LEU B 194 22.12 0.15 -38.52
C LEU B 194 23.13 -0.63 -39.35
N ALA B 195 24.37 -0.14 -39.41
CA ALA B 195 25.41 -0.75 -40.23
C ALA B 195 25.88 -2.08 -39.66
N GLN B 196 26.15 -2.12 -38.36
CA GLN B 196 26.65 -3.34 -37.70
C GLN B 196 25.54 -4.14 -36.98
N THR B 197 24.36 -4.21 -37.59
CA THR B 197 23.22 -4.94 -37.02
C THR B 197 22.66 -5.94 -38.02
N VAL B 198 22.73 -7.22 -37.69
CA VAL B 198 22.11 -8.27 -38.46
C VAL B 198 20.88 -8.78 -37.71
N ILE B 199 19.73 -8.75 -38.39
CA ILE B 199 18.51 -9.36 -37.88
C ILE B 199 18.43 -10.79 -38.39
N LEU B 200 18.59 -11.73 -37.47
CA LEU B 200 18.57 -13.16 -37.77
C LEU B 200 17.14 -13.65 -37.74
N GLU B 201 16.82 -14.64 -38.57
CA GLU B 201 15.45 -15.13 -38.68
C GLU B 201 15.44 -16.63 -38.94
N LEU B 202 14.83 -17.37 -38.02
CA LEU B 202 14.59 -18.80 -38.15
C LEU B 202 13.13 -18.94 -38.54
N ASP B 203 12.59 -20.15 -38.47
CA ASP B 203 11.17 -20.38 -38.69
C ASP B 203 10.34 -19.57 -37.69
N LYS B 204 9.66 -18.54 -38.19
CA LYS B 204 8.76 -17.73 -37.38
C LYS B 204 7.47 -18.47 -36.98
N THR B 205 7.10 -19.51 -37.73
CA THR B 205 5.88 -20.29 -37.45
C THR B 205 6.03 -21.27 -36.27
N VAL B 206 7.27 -21.52 -35.82
CA VAL B 206 7.52 -22.30 -34.60
C VAL B 206 7.06 -21.45 -33.41
N GLU B 207 6.23 -22.06 -32.57
CA GLU B 207 5.50 -21.34 -31.54
C GLU B 207 6.41 -20.74 -30.47
N HIS B 208 7.20 -21.60 -29.83
CA HIS B 208 8.00 -21.20 -28.68
C HIS B 208 9.44 -20.91 -29.04
N LEU B 209 9.61 -19.83 -29.80
CA LEU B 209 10.91 -19.27 -30.10
C LEU B 209 10.77 -17.76 -30.20
N PRO B 210 11.90 -17.04 -30.00
CA PRO B 210 11.92 -15.63 -30.45
C PRO B 210 11.85 -15.59 -31.97
N THR B 211 11.10 -14.64 -32.52
CA THR B 211 10.87 -14.62 -33.97
C THR B 211 12.16 -14.24 -34.69
N ALA B 212 12.69 -13.06 -34.35
CA ALA B 212 13.97 -12.60 -34.85
C ALA B 212 14.89 -12.24 -33.69
N TRP B 213 16.16 -12.02 -34.01
CA TRP B 213 17.18 -11.63 -33.05
C TRP B 213 17.89 -10.41 -33.60
N GLN B 214 18.83 -9.88 -32.82
CA GLN B 214 19.57 -8.69 -33.21
C GLN B 214 21.03 -8.91 -32.89
N VAL B 215 21.74 -9.40 -33.90
CA VAL B 215 23.12 -9.88 -33.73
C VAL B 215 24.11 -8.97 -34.47
N HIS B 216 25.39 -9.27 -34.35
CA HIS B 216 26.44 -8.37 -34.82
C HIS B 216 26.69 -8.68 -36.29
N ARG B 217 27.22 -7.71 -37.02
CA ARG B 217 27.47 -7.87 -38.45
C ARG B 217 28.62 -8.84 -38.72
N ASP B 218 29.84 -8.45 -38.33
CA ASP B 218 31.04 -9.26 -38.61
C ASP B 218 31.08 -10.59 -37.84
N TRP B 219 30.26 -10.74 -36.81
CA TRP B 219 30.00 -12.05 -36.22
C TRP B 219 29.26 -12.91 -37.22
N PHE B 220 28.19 -12.36 -37.78
CA PHE B 220 27.32 -13.07 -38.69
C PHE B 220 27.95 -13.41 -40.03
N ASN B 221 28.82 -12.55 -40.54
CA ASN B 221 29.46 -12.80 -41.83
C ASN B 221 30.57 -13.86 -41.78
N ASP B 222 30.94 -14.31 -40.57
CA ASP B 222 31.97 -15.34 -40.40
C ASP B 222 31.46 -16.56 -39.61
N LEU B 223 30.22 -16.98 -39.89
CA LEU B 223 29.73 -18.27 -39.41
C LEU B 223 30.28 -19.34 -40.34
N ALA B 224 30.26 -20.58 -39.87
CA ALA B 224 30.86 -21.68 -40.62
C ALA B 224 29.80 -22.72 -40.99
N LEU B 225 28.84 -22.27 -41.78
CA LEU B 225 27.73 -23.09 -42.27
C LEU B 225 27.58 -22.92 -43.78
N PRO B 226 26.76 -23.77 -44.44
CA PRO B 226 26.34 -23.49 -45.81
C PRO B 226 25.58 -22.17 -45.89
N TRP B 227 25.69 -21.46 -47.00
CA TRP B 227 25.23 -20.07 -47.08
C TRP B 227 24.80 -19.68 -48.48
N LYS B 228 23.54 -19.31 -48.61
CA LYS B 228 22.97 -18.89 -49.88
C LYS B 228 22.29 -17.56 -49.69
N HIS B 229 21.75 -17.03 -50.80
CA HIS B 229 21.07 -15.74 -50.82
C HIS B 229 19.55 -15.87 -50.74
N GLU B 230 18.89 -14.75 -51.04
CA GLU B 230 17.53 -14.76 -51.50
C GLU B 230 17.46 -15.36 -52.90
N GLY B 231 16.66 -16.41 -53.05
CA GLY B 231 16.38 -17.00 -54.35
C GLY B 231 17.52 -17.75 -55.02
N ALA B 232 18.53 -18.13 -54.23
CA ALA B 232 19.66 -18.89 -54.74
C ALA B 232 19.29 -20.36 -54.76
N ARG B 233 19.85 -21.11 -55.72
CA ARG B 233 19.62 -22.55 -55.84
C ARG B 233 20.85 -23.36 -55.45
N ASN B 234 22.03 -22.87 -55.83
CA ASN B 234 23.31 -23.49 -55.48
C ASN B 234 23.78 -23.01 -54.10
N TRP B 235 24.55 -23.87 -53.44
CA TRP B 235 25.19 -23.54 -52.16
C TRP B 235 26.69 -23.36 -52.30
N ASN B 236 27.26 -22.69 -51.31
CA ASN B 236 28.70 -22.47 -51.21
C ASN B 236 29.17 -22.99 -49.86
N ASN B 237 30.39 -23.54 -49.83
CA ASN B 237 30.99 -24.11 -48.61
C ASN B 237 30.08 -25.07 -47.81
N ALA B 238 29.29 -25.87 -48.52
CA ALA B 238 28.36 -26.81 -47.86
C ALA B 238 29.03 -28.05 -47.24
N GLU B 239 30.34 -28.18 -47.43
CA GLU B 239 31.16 -29.23 -46.79
C GLU B 239 31.39 -29.06 -45.27
N ARG B 240 30.82 -28.02 -44.67
CA ARG B 240 30.95 -27.81 -43.23
C ARG B 240 29.95 -28.67 -42.45
N LEU B 241 28.71 -28.74 -42.93
CA LEU B 241 27.72 -29.69 -42.39
C LEU B 241 27.88 -31.14 -42.84
N VAL B 242 28.73 -31.38 -43.83
CA VAL B 242 28.91 -32.70 -44.40
C VAL B 242 30.32 -33.18 -44.09
N GLU B 243 30.42 -34.18 -43.21
CA GLU B 243 31.71 -34.71 -42.81
C GLU B 243 31.86 -36.15 -43.26
N PHE B 244 32.89 -36.39 -44.05
CA PHE B 244 33.15 -37.71 -44.61
C PHE B 244 33.94 -38.53 -43.61
N GLY B 245 33.48 -39.77 -43.38
CA GLY B 245 34.25 -40.74 -42.60
C GLY B 245 35.38 -41.34 -43.42
N ALA B 246 36.19 -42.17 -42.78
CA ALA B 246 37.20 -42.94 -43.49
C ALA B 246 36.51 -44.10 -44.21
N PRO B 247 36.90 -44.37 -45.47
CA PRO B 247 36.28 -45.45 -46.24
C PRO B 247 36.79 -46.83 -45.86
N HIS B 248 36.17 -47.84 -46.44
CA HIS B 248 36.75 -49.18 -46.48
C HIS B 248 36.72 -49.66 -47.94
N ALA B 249 37.45 -48.93 -48.78
CA ALA B 249 37.79 -49.32 -50.15
C ALA B 249 36.65 -49.39 -51.19
N VAL B 250 35.39 -49.23 -50.76
CA VAL B 250 34.26 -49.24 -51.71
C VAL B 250 33.29 -48.11 -51.49
N LYS B 251 32.91 -47.86 -50.24
CA LYS B 251 31.90 -46.86 -49.89
C LYS B 251 32.43 -45.98 -48.75
N MET B 252 33.01 -44.84 -49.12
CA MET B 252 33.28 -43.76 -48.17
C MET B 252 31.94 -43.20 -47.72
N ASP B 253 31.58 -43.48 -46.48
CA ASP B 253 30.30 -43.07 -45.94
C ASP B 253 30.27 -41.57 -45.68
N VAL B 254 29.11 -40.98 -45.92
CA VAL B 254 28.88 -39.55 -45.75
C VAL B 254 27.91 -39.38 -44.61
N TYR B 255 28.20 -38.43 -43.73
CA TYR B 255 27.40 -38.23 -42.53
C TYR B 255 26.99 -36.77 -42.41
N ASN B 256 25.68 -36.55 -42.30
CA ASN B 256 25.13 -35.25 -41.96
C ASN B 256 25.54 -34.90 -40.53
N LEU B 257 25.62 -33.62 -40.22
CA LEU B 257 25.81 -33.18 -38.85
C LEU B 257 24.49 -32.77 -38.19
N GLY B 258 23.38 -33.21 -38.77
CA GLY B 258 22.05 -32.94 -38.24
C GLY B 258 21.69 -31.48 -38.13
N ASP B 259 20.66 -31.23 -37.33
CA ASP B 259 20.22 -29.88 -37.07
C ASP B 259 21.23 -29.18 -36.17
N GLN B 260 21.45 -27.90 -36.45
CA GLN B 260 22.39 -27.07 -35.68
C GLN B 260 21.65 -25.86 -35.09
N THR B 261 20.38 -26.03 -34.77
CA THR B 261 19.54 -24.93 -34.31
C THR B 261 19.95 -24.52 -32.90
N GLY B 262 19.93 -25.49 -31.98
CA GLY B 262 20.36 -25.26 -30.60
C GLY B 262 21.81 -24.82 -30.47
N VAL B 263 22.63 -25.24 -31.44
CA VAL B 263 24.02 -24.81 -31.52
C VAL B 263 24.06 -23.30 -31.68
N LEU B 264 23.27 -22.80 -32.65
CA LEU B 264 23.13 -21.37 -32.88
C LEU B 264 22.47 -20.66 -31.70
N LEU B 265 21.48 -21.30 -31.07
CA LEU B 265 20.80 -20.71 -29.91
C LEU B 265 21.67 -20.59 -28.67
N LYS B 266 22.70 -21.44 -28.55
CA LYS B 266 23.73 -21.25 -27.53
C LYS B 266 24.66 -20.08 -27.87
N ALA B 267 24.80 -19.75 -29.16
CA ALA B 267 25.57 -18.58 -29.59
C ALA B 267 24.83 -17.24 -29.44
N LEU B 268 23.58 -17.27 -29.00
CA LEU B 268 22.77 -16.06 -28.85
C LEU B 268 22.56 -15.69 -27.38
N ALA B 269 23.57 -15.93 -26.55
CA ALA B 269 23.50 -15.58 -25.14
C ALA B 269 23.90 -14.10 -24.99
N GLY B 270 22.96 -13.26 -24.59
CA GLY B 270 23.17 -11.82 -24.44
C GLY B 270 22.64 -10.98 -25.59
N VAL B 271 21.90 -11.60 -26.50
CA VAL B 271 21.34 -10.92 -27.65
C VAL B 271 20.04 -10.24 -27.22
N PRO B 272 19.75 -9.04 -27.77
CA PRO B 272 18.39 -8.52 -27.65
C PRO B 272 17.45 -9.17 -28.66
N VAL B 273 16.26 -9.58 -28.22
CA VAL B 273 15.29 -10.22 -29.12
C VAL B 273 14.70 -9.22 -30.11
N ALA B 274 14.03 -9.76 -31.12
CA ALA B 274 13.36 -8.96 -32.15
C ALA B 274 12.04 -9.61 -32.56
N HIS B 275 10.93 -8.90 -32.42
CA HIS B 275 9.61 -9.43 -32.81
C HIS B 275 9.41 -9.28 -34.32
N ILE B 276 8.66 -10.22 -34.90
CA ILE B 276 8.18 -10.09 -36.28
C ILE B 276 6.66 -10.15 -36.24
N GLU B 277 6.02 -9.02 -36.54
CA GLU B 277 4.58 -8.96 -36.71
C GLU B 277 4.29 -9.02 -38.22
N GLY B 278 4.51 -10.21 -38.78
CA GLY B 278 4.29 -10.47 -40.20
C GLY B 278 5.22 -9.68 -41.11
N THR B 279 4.73 -8.55 -41.60
CA THR B 279 5.45 -7.71 -42.56
C THR B 279 6.64 -7.01 -41.91
N LYS B 280 6.37 -6.41 -40.74
CA LYS B 280 7.35 -5.60 -40.04
C LYS B 280 8.35 -6.51 -39.33
N TYR B 281 9.61 -6.10 -39.34
CA TYR B 281 10.63 -6.74 -38.50
C TYR B 281 11.00 -5.82 -37.36
N HIS B 282 10.28 -5.96 -36.25
CA HIS B 282 10.46 -5.10 -35.09
C HIS B 282 11.78 -5.37 -34.38
N LEU B 283 12.40 -4.31 -33.89
CA LEU B 283 13.38 -4.40 -32.82
C LEU B 283 12.71 -4.16 -31.50
N LYS B 284 13.27 -4.76 -30.44
CA LYS B 284 12.80 -4.53 -29.09
C LYS B 284 13.73 -3.64 -28.27
N SER B 285 14.89 -3.28 -28.83
CA SER B 285 15.78 -2.35 -28.14
C SER B 285 16.50 -1.42 -29.10
N GLY B 286 16.72 -0.19 -28.68
CA GLY B 286 17.32 0.81 -29.56
C GLY B 286 17.43 2.13 -28.87
N HIS B 287 17.71 3.17 -29.64
CA HIS B 287 17.88 4.51 -29.11
C HIS B 287 17.77 5.52 -30.24
N VAL B 288 17.28 6.69 -29.90
CA VAL B 288 17.20 7.81 -30.83
C VAL B 288 17.23 9.10 -30.03
N THR B 289 17.61 10.19 -30.68
CA THR B 289 17.58 11.51 -30.10
C THR B 289 16.43 12.30 -30.74
N CYS B 290 15.53 12.80 -29.91
CA CYS B 290 14.44 13.65 -30.35
C CYS B 290 14.48 14.97 -29.63
N GLU B 291 13.75 15.93 -30.19
CA GLU B 291 13.63 17.26 -29.61
C GLU B 291 12.16 17.50 -29.33
N VAL B 292 11.86 17.93 -28.12
CA VAL B 292 10.50 18.07 -27.64
C VAL B 292 10.21 19.54 -27.38
N GLY B 293 9.37 20.11 -28.24
CA GLY B 293 8.95 21.52 -28.11
C GLY B 293 7.59 21.60 -27.46
N LEU B 294 7.55 22.28 -26.32
CA LEU B 294 6.36 22.40 -25.49
C LEU B 294 5.81 23.83 -25.50
N GLU B 295 6.38 24.70 -26.34
CA GLU B 295 5.90 26.09 -26.48
C GLU B 295 4.52 26.22 -27.13
N LYS B 296 4.09 25.17 -27.85
CA LYS B 296 2.75 25.15 -28.46
C LYS B 296 1.72 24.41 -27.59
N LEU B 297 2.08 24.06 -26.35
CA LEU B 297 1.16 23.43 -25.42
C LEU B 297 0.65 24.41 -24.37
N LYS B 298 -0.44 24.01 -23.72
CA LYS B 298 -1.02 24.75 -22.61
C LYS B 298 -1.87 23.79 -21.77
N MET B 299 -2.17 24.20 -20.56
CA MET B 299 -2.91 23.36 -19.62
C MET B 299 -4.38 23.23 -20.03
N LYS B 300 -5.08 22.34 -19.36
CA LYS B 300 -6.52 22.19 -19.54
C LYS B 300 -7.18 22.36 -18.19
N GLY B 301 -8.14 23.30 -18.14
CA GLY B 301 -8.88 23.62 -16.92
C GLY B 301 -8.39 24.85 -16.18
N LEU B 302 -8.07 25.91 -16.92
CA LEU B 302 -7.65 27.18 -16.34
C LEU B 302 -8.81 28.17 -16.20
N THR B 303 -9.85 27.98 -17.00
CA THR B 303 -11.11 28.73 -16.84
C THR B 303 -12.12 28.01 -15.93
N TYR B 304 -11.67 26.98 -15.19
CA TYR B 304 -12.51 26.31 -14.19
C TYR B 304 -12.13 26.78 -12.78
N THR B 305 -12.69 26.16 -11.76
CA THR B 305 -12.43 26.53 -10.38
C THR B 305 -11.76 25.40 -9.61
N MET B 306 -11.42 25.69 -8.36
CA MET B 306 -11.04 24.65 -7.41
C MET B 306 -12.32 23.89 -7.08
N CYS B 307 -12.20 22.58 -6.87
CA CYS B 307 -13.35 21.70 -6.65
C CYS B 307 -13.96 21.89 -5.27
N ASP B 308 -14.98 21.08 -4.99
CA ASP B 308 -15.43 20.81 -3.63
C ASP B 308 -14.28 20.23 -2.79
N LYS B 309 -14.36 20.39 -1.48
CA LYS B 309 -13.45 19.73 -0.57
C LYS B 309 -13.94 18.34 -0.14
N THR B 310 -15.25 18.11 -0.24
CA THR B 310 -15.88 16.93 0.36
C THR B 310 -16.02 15.72 -0.57
N LYS B 311 -16.55 15.94 -1.76
CA LYS B 311 -16.97 14.83 -2.64
C LYS B 311 -15.86 13.99 -3.28
N PHE B 312 -14.60 14.19 -2.87
CA PHE B 312 -13.52 13.28 -3.23
C PHE B 312 -13.51 12.06 -2.32
N THR B 313 -13.57 10.89 -2.94
CA THR B 313 -13.40 9.61 -2.25
C THR B 313 -12.33 8.81 -2.98
N TRP B 314 -11.56 8.02 -2.23
CA TRP B 314 -10.52 7.17 -2.81
C TRP B 314 -11.18 6.01 -3.56
N LYS B 315 -11.14 6.07 -4.90
CA LYS B 315 -11.37 4.89 -5.73
C LYS B 315 -10.17 3.95 -5.62
N ARG B 316 -9.02 4.54 -5.31
CA ARG B 316 -7.75 3.90 -5.47
C ARG B 316 -6.81 4.34 -4.34
N ALA B 317 -6.03 3.39 -3.85
CA ALA B 317 -5.14 3.62 -2.71
C ALA B 317 -3.85 4.30 -3.17
N PRO B 318 -3.51 5.46 -2.58
CA PRO B 318 -2.20 6.07 -2.82
C PRO B 318 -1.04 5.14 -2.44
N THR B 319 -0.25 4.73 -3.43
CA THR B 319 0.89 3.83 -3.24
C THR B 319 2.10 4.39 -3.96
N ASP B 320 3.27 3.85 -3.64
CA ASP B 320 4.53 4.29 -4.26
C ASP B 320 4.68 3.61 -5.62
N SER B 321 5.23 4.35 -6.58
CA SER B 321 5.37 3.89 -7.96
C SER B 321 6.51 2.91 -8.20
N GLY B 322 7.40 2.76 -7.23
CA GLY B 322 8.71 2.16 -7.45
C GLY B 322 9.70 3.14 -8.05
N HIS B 323 9.26 4.39 -8.31
CA HIS B 323 10.14 5.47 -8.81
C HIS B 323 9.87 6.76 -8.07
N ASP B 324 9.55 6.65 -6.78
CA ASP B 324 9.37 7.78 -5.86
C ASP B 324 8.25 8.75 -6.24
N THR B 325 7.13 8.21 -6.72
CA THR B 325 5.92 9.00 -6.93
C THR B 325 4.71 8.26 -6.41
N VAL B 326 3.69 9.02 -6.05
CA VAL B 326 2.49 8.48 -5.44
C VAL B 326 1.32 8.67 -6.39
N VAL B 327 0.69 7.56 -6.76
CA VAL B 327 -0.41 7.58 -7.71
C VAL B 327 -1.72 7.33 -6.99
N MET B 328 -2.82 7.74 -7.59
CA MET B 328 -4.14 7.61 -6.98
C MET B 328 -5.25 7.76 -8.03
N GLU B 329 -6.50 7.70 -7.58
CA GLU B 329 -7.64 7.98 -8.43
C GLU B 329 -8.82 8.26 -7.52
N VAL B 330 -9.49 9.37 -7.79
CA VAL B 330 -10.58 9.84 -6.95
C VAL B 330 -11.91 9.63 -7.67
N THR B 331 -12.98 9.58 -6.90
CA THR B 331 -14.34 9.51 -7.44
C THR B 331 -15.07 10.77 -7.00
N PHE B 332 -14.99 11.79 -7.84
CA PHE B 332 -15.63 13.06 -7.58
C PHE B 332 -16.95 13.11 -8.33
N SER B 333 -18.05 13.06 -7.57
CA SER B 333 -19.40 12.98 -8.11
C SER B 333 -20.17 14.30 -7.97
N GLY B 334 -19.46 15.43 -8.10
CA GLY B 334 -20.04 16.75 -7.84
C GLY B 334 -19.90 17.73 -8.99
N THR B 335 -19.45 18.94 -8.68
CA THR B 335 -19.43 20.05 -9.62
C THR B 335 -18.27 19.87 -10.61
N LYS B 336 -18.57 19.30 -11.78
CA LYS B 336 -17.56 18.87 -12.76
C LYS B 336 -17.57 19.72 -14.04
N PRO B 337 -16.41 20.02 -14.66
CA PRO B 337 -15.06 19.70 -14.17
C PRO B 337 -14.42 20.85 -13.40
N CYS B 338 -13.32 20.55 -12.70
CA CYS B 338 -12.72 21.50 -11.78
C CYS B 338 -11.30 21.12 -11.39
N ARG B 339 -10.51 22.13 -11.03
CA ARG B 339 -9.14 21.94 -10.56
C ARG B 339 -9.15 21.25 -9.19
N ILE B 340 -8.57 20.05 -9.11
CA ILE B 340 -8.59 19.29 -7.86
C ILE B 340 -7.63 19.93 -6.85
N PRO B 341 -8.10 20.18 -5.61
CA PRO B 341 -7.22 20.75 -4.59
C PRO B 341 -6.18 19.74 -4.09
N VAL B 342 -5.15 19.52 -4.89
CA VAL B 342 -4.08 18.59 -4.54
C VAL B 342 -3.00 19.36 -3.83
N ARG B 343 -2.73 18.96 -2.59
CA ARG B 343 -1.68 19.55 -1.80
C ARG B 343 -1.16 18.51 -0.82
N ALA B 344 0.12 18.60 -0.50
CA ALA B 344 0.76 17.63 0.37
C ALA B 344 1.84 18.28 1.23
N VAL B 345 1.50 18.45 2.51
CA VAL B 345 2.44 19.01 3.49
C VAL B 345 3.48 17.98 3.90
N ALA B 346 4.50 18.44 4.61
CA ALA B 346 5.59 17.60 5.09
C ALA B 346 5.59 17.52 6.62
N HIS B 347 6.59 16.81 7.15
CA HIS B 347 6.84 16.72 8.59
C HIS B 347 7.87 17.79 8.98
N GLY B 348 7.65 18.48 10.09
CA GLY B 348 8.55 19.57 10.53
C GLY B 348 8.02 20.96 10.24
N SER B 349 7.26 21.10 9.15
CA SER B 349 6.52 22.33 8.87
C SER B 349 5.19 21.97 8.18
N PRO B 350 4.06 22.13 8.89
CA PRO B 350 2.75 21.92 8.25
C PRO B 350 2.24 23.13 7.44
N ASP B 351 3.02 24.22 7.38
CA ASP B 351 2.68 25.38 6.56
C ASP B 351 2.79 25.07 5.07
N VAL B 352 3.97 24.64 4.66
CA VAL B 352 4.40 24.67 3.25
C VAL B 352 3.98 23.42 2.46
N ASN B 353 3.30 23.64 1.34
CA ASN B 353 3.02 22.55 0.41
C ASN B 353 4.30 22.21 -0.37
N VAL B 354 4.62 20.93 -0.43
CA VAL B 354 5.84 20.41 -1.09
C VAL B 354 5.52 19.39 -2.19
N ALA B 355 4.27 19.39 -2.67
CA ALA B 355 3.81 18.43 -3.66
C ALA B 355 4.36 18.79 -5.04
N MET B 356 5.50 18.19 -5.38
CA MET B 356 6.07 18.31 -6.71
C MET B 356 5.25 17.43 -7.65
N LEU B 357 4.30 18.06 -8.34
CA LEU B 357 3.33 17.33 -9.17
C LEU B 357 3.91 16.79 -10.46
N ILE B 358 3.29 15.72 -10.95
CA ILE B 358 3.63 15.09 -12.22
C ILE B 358 2.45 15.20 -13.20
N THR B 359 1.23 15.07 -12.70
CA THR B 359 0.04 15.50 -13.42
C THR B 359 -0.30 16.92 -12.94
N PRO B 360 -0.03 17.94 -13.77
CA PRO B 360 -0.42 19.30 -13.37
C PRO B 360 -1.87 19.57 -13.72
N ASN B 361 -2.53 20.35 -12.86
CA ASN B 361 -3.90 20.78 -13.11
C ASN B 361 -4.88 19.59 -13.33
N PRO B 362 -5.14 18.79 -12.28
CA PRO B 362 -6.05 17.66 -12.41
C PRO B 362 -7.53 18.08 -12.44
N THR B 363 -8.27 17.65 -13.45
CA THR B 363 -9.71 17.95 -13.54
C THR B 363 -10.56 16.72 -13.75
N ILE B 364 -11.64 16.62 -12.98
CA ILE B 364 -12.59 15.51 -13.09
C ILE B 364 -13.65 15.88 -14.13
N GLU B 365 -13.38 15.45 -15.36
CA GLU B 365 -14.24 15.75 -16.51
C GLU B 365 -15.60 15.05 -16.46
N ASN B 366 -16.47 15.36 -17.43
CA ASN B 366 -17.80 14.76 -17.50
C ASN B 366 -17.78 13.27 -17.85
N ASN B 367 -16.68 12.82 -18.45
CA ASN B 367 -16.41 11.39 -18.67
C ASN B 367 -14.98 10.96 -18.32
N GLY B 368 -14.20 11.87 -17.72
CA GLY B 368 -12.77 11.68 -17.55
C GLY B 368 -12.27 12.27 -16.24
N GLY B 369 -10.95 12.21 -16.03
CA GLY B 369 -10.33 12.70 -14.81
C GLY B 369 -10.25 11.67 -13.68
N GLY B 370 -9.22 11.82 -12.84
CA GLY B 370 -9.06 10.99 -11.64
C GLY B 370 -7.62 10.68 -11.25
N PHE B 371 -6.84 10.25 -12.22
CA PHE B 371 -5.44 9.87 -12.02
C PHE B 371 -4.54 11.06 -11.67
N ILE B 372 -3.98 11.04 -10.46
CA ILE B 372 -3.07 12.07 -10.01
C ILE B 372 -1.78 11.41 -9.55
N GLU B 373 -0.65 11.96 -9.99
CA GLU B 373 0.66 11.46 -9.59
C GLU B 373 1.51 12.61 -9.10
N MET B 374 2.22 12.40 -7.99
CA MET B 374 3.09 13.43 -7.42
C MET B 374 4.36 12.84 -6.81
N GLN B 375 5.43 13.61 -6.88
CA GLN B 375 6.70 13.27 -6.27
C GLN B 375 6.80 14.05 -4.97
N LEU B 376 7.31 13.40 -3.92
CA LEU B 376 7.38 14.00 -2.59
C LEU B 376 8.76 13.89 -1.97
N PRO B 377 9.14 14.88 -1.13
CA PRO B 377 10.35 14.72 -0.33
C PRO B 377 10.18 13.66 0.76
N PRO B 378 11.30 13.12 1.29
CA PRO B 378 11.22 12.13 2.36
C PRO B 378 10.53 12.62 3.63
N GLY B 379 9.96 11.70 4.39
CA GLY B 379 9.31 12.00 5.66
C GLY B 379 7.80 11.82 5.61
N ASP B 380 7.14 12.20 6.71
CA ASP B 380 5.69 12.09 6.81
C ASP B 380 5.02 13.16 5.96
N ASN B 381 4.00 12.74 5.20
CA ASN B 381 3.37 13.59 4.22
C ASN B 381 1.87 13.34 4.20
N ILE B 382 1.10 14.39 4.48
CA ILE B 382 -0.36 14.31 4.46
C ILE B 382 -0.85 14.87 3.12
N ILE B 383 -1.17 13.96 2.20
CA ILE B 383 -1.64 14.33 0.87
C ILE B 383 -3.14 14.64 0.93
N TYR B 384 -3.49 15.92 0.94
CA TYR B 384 -4.90 16.32 0.92
C TYR B 384 -5.45 16.27 -0.49
N VAL B 385 -6.66 15.74 -0.62
CA VAL B 385 -7.47 15.91 -1.81
C VAL B 385 -8.80 16.43 -1.28
N GLY B 386 -8.85 17.75 -1.09
CA GLY B 386 -9.97 18.41 -0.41
C GLY B 386 -9.90 18.13 1.08
N GLU B 387 -11.05 17.85 1.69
CA GLU B 387 -11.13 17.37 3.09
C GLU B 387 -10.52 15.99 3.22
N LEU B 388 -10.62 15.19 2.16
CA LEU B 388 -10.03 13.86 2.14
C LEU B 388 -8.52 13.98 2.12
N SER B 389 -7.87 13.28 3.04
CA SER B 389 -6.42 13.31 3.17
C SER B 389 -5.88 11.89 3.13
N TYR B 390 -4.56 11.77 3.31
CA TYR B 390 -3.91 10.48 3.34
C TYR B 390 -2.54 10.58 4.01
N GLN B 391 -2.36 9.84 5.11
CA GLN B 391 -1.07 9.70 5.77
C GLN B 391 -0.13 8.93 4.87
N TRP B 392 1.00 9.54 4.54
CA TRP B 392 2.02 8.88 3.72
C TRP B 392 3.40 9.17 4.24
N PHE B 393 4.25 8.14 4.21
CA PHE B 393 5.66 8.30 4.44
C PHE B 393 6.36 8.02 3.12
N GLN B 394 7.13 9.00 2.65
CA GLN B 394 7.98 8.79 1.48
C GLN B 394 9.17 7.95 1.93
N LYS B 395 9.29 6.76 1.36
CA LYS B 395 10.24 5.75 1.82
C LYS B 395 11.67 5.96 1.33
N GLY B 396 11.84 6.66 0.21
CA GLY B 396 13.16 7.04 -0.27
C GLY B 396 13.86 8.03 0.65
N SER B 397 15.18 8.06 0.59
CA SER B 397 15.99 9.03 1.33
C SER B 397 16.16 10.33 0.54
N SER B 398 16.73 11.36 1.16
CA SER B 398 16.94 12.64 0.50
C SER B 398 18.13 12.55 -0.46
N ILE B 399 19.27 12.13 0.08
CA ILE B 399 20.46 11.80 -0.73
C ILE B 399 20.33 10.48 -1.50
N GLY B 400 19.41 9.61 -1.06
CA GLY B 400 19.16 8.33 -1.72
C GLY B 400 18.53 8.45 -3.10
N ARG B 401 17.62 9.41 -3.26
CA ARG B 401 16.99 9.67 -4.57
C ARG B 401 17.92 10.37 -5.54
N VAL B 402 18.76 11.27 -5.02
CA VAL B 402 19.79 11.94 -5.82
C VAL B 402 20.82 10.90 -6.24
N PHE B 403 21.20 10.01 -5.32
CA PHE B 403 22.05 8.87 -5.63
C PHE B 403 21.38 7.89 -6.58
N GLN B 404 20.05 7.78 -6.51
CA GLN B 404 19.28 7.00 -7.49
C GLN B 404 19.37 7.62 -8.89
N LYS B 405 19.34 8.94 -8.98
CA LYS B 405 19.59 9.65 -10.25
C LYS B 405 21.02 9.43 -10.75
N THR B 406 21.99 9.32 -9.82
CA THR B 406 23.35 8.94 -10.19
C THR B 406 23.43 7.47 -10.62
N LYS B 407 22.65 6.60 -9.99
CA LYS B 407 22.55 5.18 -10.39
C LYS B 407 21.99 5.04 -11.81
N LYS B 408 20.98 5.84 -12.14
CA LYS B 408 20.52 5.94 -13.53
C LYS B 408 21.60 6.56 -14.40
N GLY B 409 22.29 7.58 -13.89
CA GLY B 409 23.46 8.14 -14.55
C GLY B 409 24.68 7.24 -14.70
N ILE B 410 24.66 6.05 -14.08
CA ILE B 410 25.67 5.01 -14.30
C ILE B 410 25.13 3.93 -15.23
N GLU B 411 23.97 3.35 -14.90
CA GLU B 411 23.43 2.21 -15.67
C GLU B 411 22.87 2.58 -17.04
N ARG B 412 22.51 3.86 -17.25
CA ARG B 412 22.19 4.35 -18.59
C ARG B 412 23.42 4.42 -19.50
N LEU B 413 24.61 4.53 -18.92
CA LEU B 413 25.88 4.63 -19.68
C LEU B 413 26.44 3.26 -20.10
N THR B 414 25.59 2.42 -20.69
CA THR B 414 26.03 1.23 -21.42
C THR B 414 26.18 1.63 -22.89
N VAL B 415 26.13 0.67 -23.81
CA VAL B 415 26.35 0.95 -25.24
C VAL B 415 25.25 1.85 -25.82
N ILE B 416 24.05 1.81 -25.24
CA ILE B 416 22.99 2.81 -25.53
C ILE B 416 23.49 4.20 -25.15
N GLY B 417 24.02 4.31 -23.92
CA GLY B 417 24.55 5.57 -23.39
C GLY B 417 25.85 6.06 -24.00
N GLU B 418 26.57 5.19 -24.71
CA GLU B 418 27.80 5.59 -25.41
C GLU B 418 27.52 6.59 -26.54
N HIS B 419 26.35 6.48 -27.17
CA HIS B 419 25.85 7.49 -28.11
C HIS B 419 24.99 8.55 -27.41
N ALA B 420 24.40 8.18 -26.27
CA ALA B 420 23.43 9.02 -25.58
C ALA B 420 24.03 9.87 -24.47
N TRP B 421 24.23 11.15 -24.77
CA TRP B 421 24.53 12.17 -23.76
C TRP B 421 23.52 13.32 -23.82
N ASP B 422 22.43 13.12 -24.57
CA ASP B 422 21.39 14.14 -24.75
C ASP B 422 20.26 13.99 -23.72
N PHE B 423 20.59 13.46 -22.55
CA PHE B 423 19.69 13.43 -21.41
C PHE B 423 19.47 14.84 -20.88
N GLY B 424 20.48 15.70 -21.00
CA GLY B 424 20.35 17.15 -20.80
C GLY B 424 19.91 17.85 -22.08
N SER B 425 20.09 19.16 -22.14
CA SER B 425 19.62 19.95 -23.29
C SER B 425 20.45 21.22 -23.52
N ALA B 426 21.40 21.13 -24.46
CA ALA B 426 22.26 22.25 -24.86
C ALA B 426 23.05 22.83 -23.67
N GLY B 427 23.77 21.95 -23.00
CA GLY B 427 24.56 22.31 -21.82
C GLY B 427 25.79 23.19 -22.05
N GLY B 428 26.26 23.27 -23.31
CA GLY B 428 27.42 24.09 -23.65
C GLY B 428 28.69 23.44 -23.12
N PHE B 429 29.20 23.95 -22.00
CA PHE B 429 30.38 23.36 -21.32
C PHE B 429 30.01 22.25 -20.31
N LEU B 430 28.80 21.70 -20.42
CA LEU B 430 28.34 20.55 -19.63
C LEU B 430 28.01 19.33 -20.49
N SER B 431 27.18 19.53 -21.52
CA SER B 431 26.71 18.42 -22.38
C SER B 431 27.67 18.16 -23.53
N SER B 432 28.04 19.23 -24.25
CA SER B 432 28.97 19.10 -25.37
C SER B 432 30.38 18.72 -24.94
N ILE B 433 30.76 19.03 -23.69
CA ILE B 433 32.03 18.54 -23.12
C ILE B 433 31.95 17.04 -22.82
N GLY B 434 30.75 16.55 -22.49
CA GLY B 434 30.48 15.11 -22.37
C GLY B 434 30.68 14.37 -23.68
N LYS B 435 30.17 14.95 -24.76
CA LYS B 435 30.44 14.47 -26.12
C LYS B 435 31.93 14.61 -26.45
N ALA B 436 32.53 15.72 -26.07
CA ALA B 436 33.97 15.96 -26.31
C ALA B 436 34.88 14.95 -25.61
N LEU B 437 34.46 14.45 -24.44
CA LEU B 437 35.23 13.44 -23.70
C LEU B 437 34.91 12.01 -24.15
N HIS B 438 33.64 11.75 -24.51
CA HIS B 438 33.17 10.38 -24.70
C HIS B 438 32.96 9.91 -26.14
N THR B 439 32.77 10.82 -27.10
CA THR B 439 32.53 10.43 -28.49
C THR B 439 33.77 9.78 -29.11
N VAL B 440 34.93 10.39 -28.90
CA VAL B 440 36.21 9.78 -29.29
C VAL B 440 36.54 8.53 -28.44
N LEU B 441 36.08 8.54 -27.18
CA LEU B 441 36.32 7.43 -26.24
C LEU B 441 35.58 6.16 -26.67
N GLY B 442 34.26 6.22 -26.71
CA GLY B 442 33.43 5.11 -27.19
C GLY B 442 33.61 4.85 -28.68
N GLY B 443 33.91 5.90 -29.44
CA GLY B 443 34.16 5.80 -30.87
C GLY B 443 35.41 5.01 -31.21
N ALA B 444 36.46 5.14 -30.39
CA ALA B 444 37.70 4.38 -30.56
C ALA B 444 37.67 3.01 -29.88
N PHE B 445 37.09 2.94 -28.66
CA PHE B 445 37.10 1.70 -27.87
C PHE B 445 36.23 0.57 -28.42
N ASN B 446 35.15 0.93 -29.11
CA ASN B 446 34.33 -0.05 -29.81
C ASN B 446 35.00 -0.46 -31.14
N SER B 447 35.75 0.46 -31.75
CA SER B 447 36.51 0.16 -32.98
C SER B 447 37.64 -0.85 -32.71
N ILE B 448 38.36 -0.67 -31.61
CA ILE B 448 39.37 -1.65 -31.18
C ILE B 448 38.69 -2.87 -30.58
N PHE B 449 39.45 -3.94 -30.41
CA PHE B 449 38.94 -5.25 -29.94
C PHE B 449 37.97 -5.96 -30.91
N GLY B 450 37.34 -5.24 -31.85
CA GLY B 450 36.30 -5.78 -32.72
C GLY B 450 35.03 -6.23 -32.02
N GLY B 451 34.92 -5.93 -30.72
CA GLY B 451 34.01 -6.63 -29.82
C GLY B 451 34.58 -7.99 -29.46
N VAL B 452 34.89 -8.20 -28.18
CA VAL B 452 35.58 -9.43 -27.75
C VAL B 452 34.93 -10.18 -26.57
N GLY B 453 34.15 -9.50 -25.73
CA GLY B 453 33.36 -10.15 -24.68
C GLY B 453 33.92 -10.03 -23.28
N PHE B 454 33.04 -10.20 -22.29
CA PHE B 454 33.37 -9.97 -20.88
C PHE B 454 34.56 -10.77 -20.38
N LEU B 455 34.68 -12.03 -20.82
CA LEU B 455 35.80 -12.87 -20.38
C LEU B 455 37.14 -12.41 -20.97
N PRO B 456 37.23 -12.22 -22.30
CA PRO B 456 38.50 -11.65 -22.80
C PRO B 456 38.74 -10.17 -22.49
N LYS B 457 37.69 -9.40 -22.19
CA LYS B 457 37.85 -8.01 -21.74
C LYS B 457 38.42 -7.96 -20.32
N LEU B 458 37.83 -8.77 -19.43
CA LEU B 458 38.34 -8.92 -18.05
C LEU B 458 39.51 -9.91 -17.95
N LEU B 459 40.02 -10.39 -19.08
CA LEU B 459 41.30 -11.09 -19.15
C LEU B 459 42.41 -10.18 -19.65
N LEU B 460 42.19 -9.57 -20.81
CA LEU B 460 43.18 -8.72 -21.47
C LEU B 460 43.42 -7.42 -20.71
N GLY B 461 42.39 -6.90 -20.05
CA GLY B 461 42.53 -5.75 -19.16
C GLY B 461 43.44 -6.05 -17.98
N VAL B 462 43.23 -7.22 -17.36
CA VAL B 462 44.07 -7.67 -16.25
C VAL B 462 45.46 -8.07 -16.76
N ALA B 463 45.55 -8.55 -18.00
CA ALA B 463 46.82 -8.89 -18.64
C ALA B 463 47.71 -7.67 -18.82
N LEU B 464 47.18 -6.62 -19.45
CA LEU B 464 47.91 -5.36 -19.63
C LEU B 464 48.17 -4.64 -18.29
N ALA B 465 47.27 -4.84 -17.32
CA ALA B 465 47.48 -4.32 -15.96
C ALA B 465 48.63 -5.03 -15.24
N TRP B 466 48.78 -6.33 -15.50
CA TRP B 466 49.95 -7.09 -15.01
C TRP B 466 51.23 -6.68 -15.74
N LEU B 467 51.12 -6.37 -17.03
CA LEU B 467 52.24 -5.81 -17.81
C LEU B 467 52.63 -4.39 -17.37
N GLY B 468 51.69 -3.69 -16.72
CA GLY B 468 51.99 -2.42 -16.05
C GLY B 468 53.03 -2.52 -14.94
N LEU B 469 53.01 -3.62 -14.18
CA LEU B 469 54.02 -3.87 -13.14
C LEU B 469 55.40 -4.17 -13.73
N ASN B 470 55.43 -4.82 -14.90
CA ASN B 470 56.67 -5.09 -15.62
C ASN B 470 56.83 -4.04 -16.73
N MET B 471 57.23 -2.83 -16.31
CA MET B 471 57.33 -1.67 -17.20
C MET B 471 58.74 -1.10 -17.13
N ARG B 472 59.33 -0.84 -18.30
CA ARG B 472 60.70 -0.34 -18.39
C ARG B 472 60.78 1.15 -18.07
N ASN B 473 59.93 1.94 -18.72
CA ASN B 473 59.91 3.39 -18.59
C ASN B 473 58.76 3.85 -17.69
N PRO B 474 59.05 4.48 -16.53
CA PRO B 474 57.99 5.11 -15.71
C PRO B 474 57.23 6.24 -16.40
N THR B 475 57.86 6.93 -17.35
CA THR B 475 57.18 7.92 -18.19
C THR B 475 56.18 7.26 -19.16
N MET B 476 56.52 6.06 -19.64
CA MET B 476 55.60 5.23 -20.44
C MET B 476 54.82 4.20 -19.60
N SER B 477 54.72 4.43 -18.29
CA SER B 477 53.91 3.57 -17.41
C SER B 477 52.41 3.95 -17.37
N MET B 478 51.99 4.89 -18.23
CA MET B 478 50.56 5.19 -18.44
C MET B 478 49.85 4.16 -19.33
N SER B 479 50.57 3.18 -19.86
CA SER B 479 49.95 1.99 -20.46
C SER B 479 49.20 1.16 -19.41
N PHE B 480 49.69 1.17 -18.16
CA PHE B 480 48.95 0.64 -17.02
C PHE B 480 47.68 1.45 -16.76
N LEU B 481 47.77 2.77 -16.88
CA LEU B 481 46.61 3.66 -16.76
C LEU B 481 45.58 3.41 -17.87
N LEU B 482 46.06 3.09 -19.08
CA LEU B 482 45.17 2.63 -20.17
C LEU B 482 44.53 1.28 -19.83
N ALA B 483 45.34 0.38 -19.26
CA ALA B 483 44.87 -0.96 -18.85
C ALA B 483 43.79 -0.91 -17.76
N GLY B 484 43.89 0.08 -16.85
CA GLY B 484 42.88 0.31 -15.82
C GLY B 484 41.51 0.68 -16.36
N VAL B 485 41.48 1.34 -17.51
CA VAL B 485 40.22 1.63 -18.22
C VAL B 485 39.66 0.34 -18.84
N LEU B 486 40.56 -0.55 -19.27
CA LEU B 486 40.16 -1.82 -19.91
C LEU B 486 39.66 -2.93 -18.96
N VAL B 487 39.52 -2.63 -17.67
CA VAL B 487 38.89 -3.54 -16.72
C VAL B 487 37.50 -3.05 -16.30
N LEU B 488 37.45 -1.83 -15.75
CA LEU B 488 36.25 -1.34 -15.04
C LEU B 488 35.12 -0.79 -15.92
N ALA B 489 35.44 -0.26 -17.10
CA ALA B 489 34.44 0.38 -17.96
C ALA B 489 33.46 -0.61 -18.59
N MET B 490 33.98 -1.74 -19.06
CA MET B 490 33.22 -2.71 -19.85
C MET B 490 32.70 -3.87 -18.98
N THR B 491 31.99 -3.51 -17.92
CA THR B 491 31.35 -4.50 -17.03
C THR B 491 29.82 -4.29 -16.96
N LEU B 492 29.24 -3.82 -18.08
CA LEU B 492 27.81 -3.54 -18.18
C LEU B 492 27.17 -4.49 -19.18
N SER C 1 -8.36 7.73 35.77
CA SER C 1 -7.03 7.91 35.11
C SER C 1 -6.48 6.55 34.69
N ARG C 2 -6.12 6.44 33.40
CA ARG C 2 -5.49 5.22 32.86
C ARG C 2 -4.01 5.18 33.22
N CYS C 3 -3.38 6.35 33.41
CA CYS C 3 -1.97 6.43 33.80
C CYS C 3 -1.66 5.80 35.17
N THR C 4 -2.66 5.67 36.03
CA THR C 4 -2.49 4.96 37.29
C THR C 4 -2.58 3.43 37.13
N HIS C 5 -3.16 2.95 36.03
CA HIS C 5 -3.33 1.50 35.79
C HIS C 5 -2.10 0.75 35.27
N LEU C 6 -0.93 1.37 35.30
CA LEU C 6 0.29 0.75 34.83
C LEU C 6 1.49 1.43 35.47
N GLU C 7 2.68 0.90 35.20
CA GLU C 7 3.89 1.52 35.70
C GLU C 7 4.43 2.55 34.73
N ASN C 8 4.56 2.22 33.46
CA ASN C 8 5.25 3.13 32.53
C ASN C 8 4.45 4.42 32.27
N ARG C 9 4.54 5.35 33.23
CA ARG C 9 3.83 6.63 33.20
C ARG C 9 4.85 7.74 33.15
N ASP C 10 4.68 8.68 32.22
CA ASP C 10 5.68 9.71 31.97
C ASP C 10 5.10 11.08 31.83
N PHE C 11 5.39 11.95 32.79
CA PHE C 11 4.90 13.33 32.79
C PHE C 11 5.67 14.21 31.82
N VAL C 12 5.19 14.28 30.58
CA VAL C 12 5.66 15.30 29.65
C VAL C 12 4.97 16.57 30.07
N THR C 13 5.73 17.49 30.66
CA THR C 13 5.19 18.79 31.03
C THR C 13 4.93 19.65 29.80
N GLY C 14 3.98 20.56 29.93
CA GLY C 14 3.68 21.56 28.93
C GLY C 14 4.26 22.87 29.41
N THR C 15 5.47 23.19 28.95
CA THR C 15 6.12 24.45 29.31
C THR C 15 5.43 25.60 28.59
N GLN C 16 5.64 26.82 29.11
CA GLN C 16 5.05 28.02 28.52
C GLN C 16 5.70 28.27 27.16
N GLY C 17 4.88 28.42 26.13
CA GLY C 17 5.35 28.43 24.74
C GLY C 17 5.16 27.09 24.03
N THR C 18 5.34 25.99 24.75
CA THR C 18 5.06 24.64 24.22
C THR C 18 3.55 24.40 24.22
N THR C 19 2.95 24.55 23.04
CA THR C 19 1.52 24.29 22.83
C THR C 19 1.22 23.17 21.82
N ARG C 20 2.20 22.78 20.99
CA ARG C 20 2.06 21.66 20.05
C ARG C 20 2.97 20.52 20.50
N VAL C 21 2.46 19.74 21.44
CA VAL C 21 3.25 18.76 22.16
C VAL C 21 3.44 17.51 21.31
N THR C 22 4.62 17.36 20.74
CA THR C 22 4.98 16.15 20.00
C THR C 22 5.25 15.04 21.01
N LEU C 23 4.61 13.89 20.82
CA LEU C 23 4.75 12.74 21.70
C LEU C 23 5.07 11.51 20.92
N VAL C 24 5.46 10.46 21.64
CA VAL C 24 5.46 9.11 21.10
C VAL C 24 4.72 8.22 22.10
N LEU C 25 3.49 7.89 21.75
CA LEU C 25 2.66 7.02 22.56
C LEU C 25 2.97 5.57 22.24
N GLU C 26 3.57 4.86 23.18
CA GLU C 26 3.74 3.42 23.04
C GLU C 26 2.43 2.71 23.31
N LEU C 27 2.34 1.46 22.88
CA LEU C 27 1.17 0.64 23.18
C LEU C 27 1.40 -0.07 24.51
N GLY C 28 0.72 0.42 25.54
CA GLY C 28 0.98 0.02 26.93
C GLY C 28 1.76 1.06 27.72
N GLY C 29 1.63 2.32 27.31
CA GLY C 29 2.15 3.48 28.05
C GLY C 29 1.00 4.46 28.26
N CYS C 30 1.31 5.58 28.90
CA CYS C 30 0.31 6.60 29.20
C CYS C 30 1.06 7.86 29.55
N VAL C 31 0.93 8.89 28.71
CA VAL C 31 1.60 10.15 28.96
C VAL C 31 0.61 11.21 29.43
N THR C 32 0.69 11.51 30.73
CA THR C 32 -0.02 12.64 31.31
C THR C 32 0.65 13.93 30.86
N ILE C 33 -0.13 14.83 30.27
CA ILE C 33 0.39 16.08 29.72
C ILE C 33 -0.08 17.22 30.60
N THR C 34 0.78 17.62 31.53
CA THR C 34 0.51 18.71 32.46
C THR C 34 1.09 20.01 31.93
N ALA C 35 0.22 20.86 31.37
CA ALA C 35 0.64 22.18 30.90
C ALA C 35 0.20 23.24 31.91
N GLU C 36 1.13 24.15 32.23
CA GLU C 36 0.90 25.23 33.20
C GLU C 36 -0.12 26.22 32.65
N GLY C 37 -1.38 26.02 33.05
CA GLY C 37 -2.52 26.77 32.51
C GLY C 37 -3.48 25.98 31.65
N LYS C 38 -3.31 24.66 31.58
CA LYS C 38 -4.22 23.77 30.86
C LYS C 38 -4.65 22.62 31.75
N PRO C 39 -5.80 21.99 31.43
CA PRO C 39 -6.14 20.73 32.08
C PRO C 39 -5.13 19.65 31.71
N SER C 40 -4.79 18.81 32.67
CA SER C 40 -3.80 17.76 32.45
C SER C 40 -4.41 16.69 31.58
N MET C 41 -3.62 16.16 30.65
CA MET C 41 -4.14 15.28 29.62
C MET C 41 -3.48 13.92 29.68
N ASP C 42 -4.20 12.97 30.27
CA ASP C 42 -3.82 11.57 30.17
C ASP C 42 -4.13 11.13 28.75
N VAL C 43 -3.08 10.97 27.97
CA VAL C 43 -3.20 10.58 26.58
C VAL C 43 -2.41 9.29 26.44
N TRP C 44 -3.05 8.28 25.87
CA TRP C 44 -2.42 6.97 25.73
C TRP C 44 -2.91 6.28 24.48
N LEU C 45 -2.00 5.51 23.87
CA LEU C 45 -2.37 4.61 22.80
C LEU C 45 -3.09 3.42 23.42
N ASP C 46 -4.27 3.12 22.88
CA ASP C 46 -5.18 2.14 23.44
C ASP C 46 -4.97 0.80 22.78
N ALA C 47 -5.06 0.80 21.46
CA ALA C 47 -5.01 -0.42 20.68
C ALA C 47 -4.43 -0.17 19.29
N ILE C 48 -3.72 -1.16 18.80
CA ILE C 48 -3.23 -1.20 17.44
C ILE C 48 -3.76 -2.48 16.87
N TYR C 49 -4.63 -2.38 15.87
CA TYR C 49 -5.23 -3.55 15.25
C TYR C 49 -5.42 -3.37 13.76
N GLN C 50 -5.96 -4.41 13.12
CA GLN C 50 -6.47 -4.30 11.77
C GLN C 50 -7.60 -5.31 11.59
N GLU C 51 -8.63 -4.88 10.87
CA GLU C 51 -9.85 -5.68 10.69
C GLU C 51 -9.59 -6.75 9.63
N ASN C 52 -9.05 -7.88 10.08
CA ASN C 52 -8.67 -9.01 9.23
C ASN C 52 -7.72 -8.62 8.09
N PRO C 53 -6.43 -8.40 8.41
CA PRO C 53 -5.43 -8.17 7.38
C PRO C 53 -5.18 -9.40 6.54
N ALA C 54 -4.47 -9.20 5.44
CA ALA C 54 -4.07 -10.28 4.57
C ALA C 54 -3.13 -11.24 5.29
N GLN C 55 -3.03 -12.43 4.73
CA GLN C 55 -2.16 -13.45 5.29
C GLN C 55 -1.02 -13.74 4.36
N THR C 56 0.01 -14.35 4.93
CA THR C 56 1.22 -14.73 4.23
C THR C 56 1.27 -16.25 4.26
N ARG C 57 2.47 -16.82 4.19
CA ARG C 57 2.66 -18.25 4.34
C ARG C 57 2.05 -18.78 5.64
N GLU C 58 1.24 -19.83 5.53
CA GLU C 58 0.79 -20.60 6.68
C GLU C 58 1.72 -21.77 6.82
N TYR C 59 1.88 -22.27 8.04
CA TYR C 59 2.80 -23.37 8.29
C TYR C 59 2.15 -24.49 9.08
N CYS C 60 2.11 -25.67 8.47
CA CYS C 60 1.62 -26.85 9.12
C CYS C 60 2.54 -27.21 10.27
N LEU C 61 1.95 -27.50 11.42
CA LEU C 61 2.72 -27.95 12.57
C LEU C 61 2.69 -29.47 12.58
N HIS C 62 1.52 -30.07 12.74
CA HIS C 62 1.40 -31.52 12.83
C HIS C 62 1.04 -32.08 11.45
N ALA C 63 1.99 -32.78 10.84
CA ALA C 63 1.79 -33.36 9.52
C ALA C 63 0.88 -34.58 9.63
N LYS C 64 0.41 -35.04 8.48
CA LYS C 64 -0.44 -36.23 8.39
C LYS C 64 -0.07 -36.95 7.11
N LEU C 65 0.22 -38.24 7.23
CA LEU C 65 0.57 -39.04 6.07
C LEU C 65 -0.44 -40.16 5.83
N SER C 66 -0.66 -40.44 4.55
CA SER C 66 -1.56 -41.49 4.10
C SER C 66 -1.18 -41.86 2.67
N ASP C 67 -1.78 -42.94 2.15
CA ASP C 67 -1.56 -43.40 0.77
C ASP C 67 -0.07 -43.58 0.44
N THR C 68 0.63 -44.28 1.33
CA THR C 68 2.06 -44.51 1.19
C THR C 68 2.28 -45.68 0.23
N LYS C 69 3.01 -45.42 -0.84
CA LYS C 69 3.28 -46.42 -1.88
C LYS C 69 4.77 -46.50 -2.13
N VAL C 70 5.31 -47.71 -2.04
CA VAL C 70 6.74 -47.96 -2.09
C VAL C 70 7.00 -48.87 -3.29
N ALA C 71 8.02 -48.55 -4.08
CA ALA C 71 8.42 -49.38 -5.22
C ALA C 71 9.94 -49.38 -5.40
N ALA C 72 10.49 -50.54 -5.76
CA ALA C 72 11.91 -50.71 -5.98
C ALA C 72 12.13 -51.48 -7.27
N ARG C 73 13.37 -51.42 -7.77
CA ARG C 73 13.78 -52.15 -8.97
C ARG C 73 15.17 -52.75 -8.76
N CYS C 74 15.50 -53.75 -9.58
CA CYS C 74 16.82 -54.36 -9.54
C CYS C 74 17.85 -53.38 -10.11
N PRO C 75 19.15 -53.58 -9.83
CA PRO C 75 20.17 -52.58 -10.23
C PRO C 75 20.19 -52.17 -11.71
N THR C 76 20.10 -53.15 -12.62
CA THR C 76 20.07 -52.88 -14.06
C THR C 76 18.75 -53.36 -14.70
N MET C 77 17.64 -53.06 -14.03
CA MET C 77 16.31 -53.37 -14.56
C MET C 77 15.39 -52.15 -14.51
N GLY C 78 15.90 -51.00 -14.95
CA GLY C 78 15.07 -49.80 -15.12
C GLY C 78 14.56 -49.21 -13.82
N PRO C 79 15.39 -48.40 -13.12
CA PRO C 79 15.08 -47.74 -11.84
C PRO C 79 13.67 -47.17 -11.67
N ALA C 80 13.21 -47.16 -10.42
CA ALA C 80 11.79 -47.13 -10.07
C ALA C 80 11.07 -45.81 -10.35
N THR C 81 9.80 -45.91 -10.70
CA THR C 81 8.90 -44.77 -10.86
C THR C 81 7.61 -45.02 -10.10
N LEU C 82 6.84 -43.96 -9.90
CA LEU C 82 5.49 -44.03 -9.34
C LEU C 82 4.63 -42.92 -9.95
N ALA C 83 3.32 -43.16 -9.98
CA ALA C 83 2.34 -42.15 -10.39
C ALA C 83 2.28 -40.98 -9.38
N GLU C 84 2.57 -41.27 -8.11
CA GLU C 84 2.64 -40.25 -7.07
C GLU C 84 4.00 -39.56 -6.94
N GLU C 85 4.93 -39.83 -7.85
CA GLU C 85 6.17 -39.03 -7.94
C GLU C 85 5.90 -37.59 -8.37
N HIS C 86 4.83 -37.39 -9.15
CA HIS C 86 4.50 -36.07 -9.70
C HIS C 86 3.01 -35.74 -9.53
N GLN C 87 2.47 -36.10 -8.37
CA GLN C 87 1.16 -35.60 -7.95
C GLN C 87 1.37 -34.50 -6.93
N GLY C 88 0.35 -33.68 -6.73
CA GLY C 88 0.44 -32.52 -5.84
C GLY C 88 0.48 -32.91 -4.37
N GLY C 89 1.35 -32.25 -3.60
CA GLY C 89 1.51 -32.51 -2.17
C GLY C 89 2.10 -33.87 -1.84
N THR C 90 2.97 -34.36 -2.71
CA THR C 90 3.58 -35.67 -2.53
C THR C 90 5.10 -35.54 -2.39
N VAL C 91 5.64 -36.07 -1.30
CA VAL C 91 7.08 -36.02 -1.05
C VAL C 91 7.71 -37.38 -1.33
N CYS C 92 8.72 -37.40 -2.18
CA CYS C 92 9.35 -38.63 -2.61
C CYS C 92 10.86 -38.52 -2.48
N LYS C 93 11.51 -39.67 -2.49
CA LYS C 93 12.96 -39.73 -2.46
C LYS C 93 13.42 -40.97 -3.19
N ARG C 94 14.30 -40.76 -4.17
CA ARG C 94 14.99 -41.84 -4.83
C ARG C 94 16.22 -42.20 -4.00
N ASP C 95 16.50 -43.50 -3.91
CA ASP C 95 17.57 -44.01 -3.06
C ASP C 95 18.01 -45.37 -3.59
N GLN C 96 19.24 -45.76 -3.25
CA GLN C 96 19.76 -47.06 -3.63
C GLN C 96 19.62 -48.05 -2.48
N SER C 97 18.75 -49.05 -2.67
CA SER C 97 18.63 -50.18 -1.75
C SER C 97 19.70 -51.23 -2.10
N ASP C 98 19.65 -52.40 -1.46
CA ASP C 98 20.58 -53.50 -1.73
C ASP C 98 19.80 -54.74 -2.12
N ARG C 99 19.44 -54.83 -3.40
CA ARG C 99 18.52 -55.87 -3.88
C ARG C 99 19.12 -57.27 -3.82
N GLY C 100 18.59 -58.09 -2.91
CA GLY C 100 18.99 -59.49 -2.78
C GLY C 100 18.11 -60.37 -3.64
N TRP C 101 18.30 -61.68 -3.54
CA TRP C 101 17.48 -62.61 -4.30
C TRP C 101 16.30 -63.12 -3.47
N GLY C 102 16.04 -62.50 -2.31
CA GLY C 102 14.83 -62.76 -1.52
C GLY C 102 13.57 -62.33 -2.25
N ASN C 103 13.60 -61.12 -2.80
CA ASN C 103 12.56 -60.65 -3.73
C ASN C 103 12.90 -60.94 -5.20
N HIS C 104 13.95 -61.74 -5.41
CA HIS C 104 14.23 -62.43 -6.67
C HIS C 104 14.61 -61.46 -7.80
N CYS C 105 15.71 -60.75 -7.61
CA CYS C 105 16.35 -59.99 -8.68
C CYS C 105 17.28 -60.88 -9.49
N GLY C 106 17.85 -60.31 -10.55
CA GLY C 106 18.92 -60.94 -11.32
C GLY C 106 20.29 -60.75 -10.70
N LEU C 107 20.50 -59.62 -10.04
CA LEU C 107 21.80 -59.26 -9.47
C LEU C 107 21.72 -58.84 -8.01
N PHE C 108 22.88 -58.51 -7.44
CA PHE C 108 22.99 -57.85 -6.14
C PHE C 108 23.52 -56.44 -6.33
N GLY C 109 23.70 -55.74 -5.23
CA GLY C 109 24.26 -54.40 -5.23
C GLY C 109 23.13 -53.38 -5.22
N LYS C 110 23.44 -52.20 -5.72
CA LYS C 110 22.58 -51.04 -5.57
C LYS C 110 21.44 -51.01 -6.59
N GLY C 111 20.29 -51.51 -6.17
CA GLY C 111 19.03 -51.33 -6.88
C GLY C 111 18.30 -50.13 -6.34
N SER C 112 17.64 -49.38 -7.21
CA SER C 112 16.94 -48.16 -6.82
C SER C 112 15.65 -48.46 -6.05
N ILE C 113 15.17 -47.43 -5.36
CA ILE C 113 13.91 -47.49 -4.65
C ILE C 113 13.35 -46.09 -4.54
N VAL C 114 12.03 -45.99 -4.51
CA VAL C 114 11.36 -44.72 -4.28
C VAL C 114 10.08 -45.00 -3.51
N ALA C 115 9.71 -44.06 -2.65
CA ALA C 115 8.46 -44.16 -1.90
C ALA C 115 7.90 -42.77 -1.69
N CYS C 116 6.58 -42.66 -1.79
CA CYS C 116 5.90 -41.38 -1.70
C CYS C 116 4.77 -41.44 -0.69
N VAL C 117 4.33 -40.26 -0.28
CA VAL C 117 3.21 -40.10 0.63
C VAL C 117 2.33 -38.97 0.10
N LYS C 118 1.27 -38.67 0.83
CA LYS C 118 0.53 -37.42 0.66
C LYS C 118 0.84 -36.58 1.88
N ALA C 119 1.71 -35.59 1.72
CA ALA C 119 2.10 -34.71 2.82
C ALA C 119 0.96 -33.76 3.17
N ALA C 120 0.00 -34.31 3.90
CA ALA C 120 -1.16 -33.55 4.36
C ALA C 120 -0.80 -32.91 5.70
N CYS C 121 -1.82 -32.38 6.37
CA CYS C 121 -1.63 -31.74 7.66
C CYS C 121 -2.73 -32.16 8.62
N GLU C 122 -2.66 -31.63 9.84
CA GLU C 122 -3.75 -31.76 10.81
C GLU C 122 -4.46 -30.42 10.91
N ALA C 123 -5.77 -30.48 11.16
CA ALA C 123 -6.60 -29.28 11.26
C ALA C 123 -6.22 -28.45 12.50
N LYS C 124 -6.36 -27.14 12.37
CA LYS C 124 -5.98 -26.18 13.40
C LYS C 124 -4.51 -26.27 13.87
N LYS C 125 -3.60 -26.67 12.97
CA LYS C 125 -2.17 -26.74 13.27
C LYS C 125 -1.39 -25.87 12.31
N LYS C 126 -1.99 -24.73 11.98
CA LYS C 126 -1.42 -23.83 10.99
C LYS C 126 -0.87 -22.60 11.71
N ALA C 127 0.38 -22.27 11.41
CA ALA C 127 1.02 -21.03 11.84
C ALA C 127 0.81 -19.97 10.75
N THR C 128 -0.33 -19.29 10.84
CA THR C 128 -0.75 -18.32 9.85
C THR C 128 -0.14 -16.97 10.15
N GLY C 129 0.80 -16.54 9.31
CA GLY C 129 1.38 -15.21 9.40
C GLY C 129 0.45 -14.20 8.79
N HIS C 130 0.54 -12.97 9.29
CA HIS C 130 -0.19 -11.85 8.73
C HIS C 130 0.71 -10.64 8.72
N VAL C 131 0.72 -9.94 7.59
CA VAL C 131 1.35 -8.64 7.49
C VAL C 131 0.26 -7.61 7.54
N TYR C 132 0.53 -6.52 8.25
CA TYR C 132 -0.38 -5.41 8.29
C TYR C 132 -0.21 -4.57 7.05
N ASP C 133 -1.27 -3.86 6.72
CA ASP C 133 -1.30 -2.96 5.61
C ASP C 133 -1.03 -1.57 6.16
N ALA C 134 -0.42 -0.72 5.33
CA ALA C 134 -0.22 0.67 5.68
C ALA C 134 -1.51 1.49 5.56
N ASN C 135 -2.51 0.94 4.87
CA ASN C 135 -3.75 1.65 4.53
C ASN C 135 -4.99 1.23 5.33
N LYS C 136 -4.88 0.17 6.12
CA LYS C 136 -6.01 -0.34 6.90
C LYS C 136 -5.77 -0.47 8.40
N ILE C 137 -4.52 -0.28 8.84
CA ILE C 137 -4.16 -0.38 10.26
C ILE C 137 -4.72 0.81 11.04
N VAL C 138 -5.29 0.52 12.19
CA VAL C 138 -5.97 1.51 13.01
C VAL C 138 -5.18 1.69 14.30
N TYR C 139 -4.86 2.94 14.61
CA TYR C 139 -4.27 3.29 15.89
C TYR C 139 -5.32 3.99 16.73
N THR C 140 -5.66 3.40 17.87
CA THR C 140 -6.68 3.90 18.76
C THR C 140 -6.01 4.60 19.92
N VAL C 141 -6.41 5.85 20.15
CA VAL C 141 -5.91 6.66 21.25
C VAL C 141 -7.11 7.12 22.05
N LYS C 142 -7.13 6.73 23.32
CA LYS C 142 -8.12 7.22 24.26
C LYS C 142 -7.46 8.28 25.13
N VAL C 143 -8.20 9.37 25.38
CA VAL C 143 -7.73 10.48 26.18
C VAL C 143 -8.73 10.75 27.31
N GLU C 144 -8.19 10.99 28.50
CA GLU C 144 -8.99 11.31 29.67
C GLU C 144 -8.38 12.56 30.32
N PRO C 145 -9.20 13.55 30.68
CA PRO C 145 -8.71 14.68 31.47
C PRO C 145 -8.69 14.35 32.97
N HIS C 146 -8.41 15.34 33.81
CA HIS C 146 -8.47 15.14 35.26
C HIS C 146 -9.67 15.89 35.83
N THR C 147 -10.79 15.17 35.91
CA THR C 147 -12.05 15.73 36.38
C THR C 147 -12.20 15.67 37.91
N GLY C 148 -11.20 15.13 38.60
CA GLY C 148 -11.32 14.81 40.01
C GLY C 148 -12.01 13.48 40.25
N ASP C 149 -12.35 12.75 39.20
CA ASP C 149 -12.96 11.45 39.36
C ASP C 149 -11.98 10.36 39.01
N TYR C 150 -12.10 9.26 39.73
CA TYR C 150 -11.33 8.08 39.44
C TYR C 150 -12.26 6.93 39.17
N VAL C 151 -12.06 6.32 38.02
CA VAL C 151 -12.90 5.25 37.51
C VAL C 151 -11.97 4.08 37.26
N ALA C 152 -12.43 2.88 37.61
CA ALA C 152 -11.60 1.68 37.58
C ALA C 152 -11.44 1.13 36.16
N ALA C 153 -10.83 -0.04 36.05
CA ALA C 153 -10.61 -0.72 34.77
C ALA C 153 -11.80 -1.60 34.40
N ASN C 154 -12.40 -2.26 35.39
CA ASN C 154 -13.63 -3.02 35.16
C ASN C 154 -14.88 -2.14 34.94
N GLU C 155 -14.79 -0.87 35.33
CA GLU C 155 -15.77 0.17 34.92
C GLU C 155 -15.29 0.84 33.61
N THR C 156 -16.06 1.82 33.14
CA THR C 156 -15.66 2.69 32.02
C THR C 156 -15.85 4.16 32.41
N HIS C 157 -14.91 5.00 31.99
CA HIS C 157 -14.92 6.43 32.33
C HIS C 157 -15.84 7.20 31.39
N SER C 158 -16.56 8.18 31.94
CA SER C 158 -17.57 8.95 31.19
C SER C 158 -16.97 9.85 30.11
N GLY C 159 -16.06 10.74 30.51
CA GLY C 159 -15.35 11.63 29.58
C GLY C 159 -14.14 11.07 28.85
N ARG C 160 -14.00 9.75 28.81
CA ARG C 160 -12.87 9.10 28.12
C ARG C 160 -13.06 9.15 26.60
N LYS C 161 -12.49 10.17 25.97
CA LYS C 161 -12.64 10.38 24.54
C LYS C 161 -11.64 9.56 23.74
N THR C 162 -12.17 8.84 22.75
CA THR C 162 -11.43 7.87 21.96
C THR C 162 -11.24 8.39 20.55
N ALA C 163 -10.02 8.28 20.06
CA ALA C 163 -9.66 8.73 18.72
C ALA C 163 -8.99 7.59 17.98
N SER C 164 -9.55 7.23 16.84
CA SER C 164 -8.97 6.24 15.95
C SER C 164 -8.18 6.95 14.84
N PHE C 165 -7.09 6.31 14.43
CA PHE C 165 -6.18 6.89 13.46
C PHE C 165 -5.81 5.86 12.43
N THR C 166 -6.23 6.16 11.21
CA THR C 166 -6.03 5.31 10.07
C THR C 166 -5.18 6.10 9.07
N VAL C 167 -5.04 5.55 7.87
CA VAL C 167 -4.27 6.22 6.84
C VAL C 167 -5.00 7.45 6.26
N SER C 168 -6.31 7.57 6.50
CA SER C 168 -7.11 8.68 5.98
C SER C 168 -7.58 9.65 7.06
N SER C 169 -6.87 9.69 8.18
CA SER C 169 -7.15 10.60 9.28
C SER C 169 -5.91 11.45 9.54
N GLU C 170 -6.15 12.71 9.93
CA GLU C 170 -5.09 13.69 10.19
C GLU C 170 -5.09 14.24 11.62
N LYS C 171 -6.28 14.59 12.11
CA LYS C 171 -6.45 15.46 13.25
C LYS C 171 -7.81 15.17 13.85
N THR C 172 -7.84 14.95 15.16
CA THR C 172 -9.06 14.56 15.84
C THR C 172 -9.35 15.57 16.94
N ILE C 173 -10.30 16.44 16.65
CA ILE C 173 -10.75 17.44 17.58
C ILE C 173 -11.66 16.70 18.58
N LEU C 174 -11.11 16.37 19.75
CA LEU C 174 -11.86 15.67 20.80
C LEU C 174 -12.38 16.66 21.81
N THR C 175 -13.70 16.80 21.88
CA THR C 175 -14.34 17.67 22.86
C THR C 175 -14.21 17.06 24.25
N MET C 176 -13.52 17.76 25.14
CA MET C 176 -13.24 17.28 26.50
C MET C 176 -14.29 17.81 27.49
N GLY C 177 -15.56 17.57 27.17
CA GLY C 177 -16.69 18.06 27.97
C GLY C 177 -16.72 19.58 28.07
N GLU C 178 -16.54 20.09 29.29
CA GLU C 178 -16.46 21.53 29.54
C GLU C 178 -15.01 22.07 29.48
N TYR C 179 -14.01 21.17 29.43
CA TYR C 179 -12.60 21.58 29.36
C TYR C 179 -12.20 22.15 27.99
N GLY C 180 -13.00 21.86 26.97
CA GLY C 180 -12.80 22.42 25.64
C GLY C 180 -12.46 21.33 24.65
N ASP C 181 -11.60 21.66 23.69
CA ASP C 181 -11.19 20.73 22.64
C ASP C 181 -9.69 20.45 22.73
N VAL C 182 -9.32 19.18 22.58
CA VAL C 182 -7.92 18.80 22.42
C VAL C 182 -7.75 18.35 20.97
N SER C 183 -6.58 18.64 20.41
CA SER C 183 -6.30 18.35 19.01
C SER C 183 -5.10 17.43 18.92
N LEU C 184 -5.36 16.17 18.61
CA LEU C 184 -4.34 15.15 18.40
C LEU C 184 -4.07 15.00 16.92
N LEU C 185 -2.82 15.18 16.55
CA LEU C 185 -2.38 14.99 15.19
C LEU C 185 -1.38 13.85 15.22
N CYS C 186 -1.85 12.65 14.91
CA CYS C 186 -1.02 11.44 14.92
C CYS C 186 -0.60 11.08 13.52
N ARG C 187 0.56 10.45 13.42
CA ARG C 187 1.13 10.08 12.13
C ARG C 187 1.43 8.59 12.13
N VAL C 188 0.78 7.88 11.22
CA VAL C 188 0.68 6.43 11.26
C VAL C 188 1.97 5.76 10.79
N ALA C 189 2.47 6.16 9.63
CA ALA C 189 3.63 5.52 9.01
C ALA C 189 4.94 5.68 9.80
N SER C 190 5.02 6.71 10.66
CA SER C 190 6.16 6.90 11.57
C SER C 190 5.90 6.24 12.92
N GLY C 191 5.57 4.96 12.90
CA GLY C 191 5.22 4.24 14.13
C GLY C 191 5.77 2.84 14.10
N VAL C 192 4.88 1.86 14.10
CA VAL C 192 5.25 0.45 14.02
C VAL C 192 5.76 0.22 12.61
N ASP C 193 6.97 -0.31 12.50
CA ASP C 193 7.55 -0.62 11.20
C ASP C 193 6.82 -1.85 10.64
N LEU C 194 5.87 -1.61 9.73
CA LEU C 194 4.99 -2.68 9.20
C LEU C 194 5.60 -3.51 8.08
N ALA C 195 6.76 -3.10 7.57
CA ALA C 195 7.41 -3.81 6.48
C ALA C 195 7.95 -5.19 6.90
N GLN C 196 8.29 -5.35 8.17
CA GLN C 196 8.86 -6.59 8.69
C GLN C 196 8.11 -7.12 9.93
N THR C 197 6.80 -6.91 9.99
CA THR C 197 5.96 -7.37 11.10
C THR C 197 5.05 -8.51 10.66
N VAL C 198 5.36 -9.70 11.16
CA VAL C 198 4.56 -10.88 10.92
C VAL C 198 3.73 -11.20 12.15
N ILE C 199 2.41 -11.10 11.99
CA ILE C 199 1.48 -11.52 13.02
C ILE C 199 1.23 -12.99 12.83
N LEU C 200 2.04 -13.79 13.51
CA LEU C 200 1.93 -15.25 13.47
C LEU C 200 0.75 -15.68 14.32
N GLU C 201 -0.01 -16.67 13.82
CA GLU C 201 -1.23 -17.12 14.46
C GLU C 201 -1.36 -18.63 14.38
N LEU C 202 -1.35 -19.28 15.54
CA LEU C 202 -1.78 -20.67 15.71
C LEU C 202 -3.24 -20.76 16.10
N ASP C 203 -3.68 -21.97 16.42
CA ASP C 203 -5.02 -22.23 16.92
C ASP C 203 -5.38 -21.35 18.13
N LYS C 204 -6.21 -20.36 17.88
CA LYS C 204 -6.77 -19.49 18.93
C LYS C 204 -7.87 -20.17 19.77
N THR C 205 -8.51 -21.22 19.22
CA THR C 205 -9.56 -21.95 19.93
C THR C 205 -9.02 -22.77 21.11
N VAL C 206 -7.70 -23.04 21.10
CA VAL C 206 -7.01 -23.56 22.29
C VAL C 206 -7.09 -22.50 23.37
N GLU C 207 -7.73 -22.85 24.48
CA GLU C 207 -8.10 -21.92 25.55
C GLU C 207 -6.89 -21.31 26.25
N HIS C 208 -5.89 -22.13 26.57
CA HIS C 208 -4.73 -21.67 27.32
C HIS C 208 -3.53 -21.42 26.42
N LEU C 209 -3.63 -20.33 25.68
CA LEU C 209 -2.56 -19.82 24.83
C LEU C 209 -2.80 -18.32 24.66
N PRO C 210 -1.81 -17.57 24.15
CA PRO C 210 -2.16 -16.25 23.61
C PRO C 210 -2.91 -16.36 22.26
N THR C 211 -3.33 -15.25 21.67
CA THR C 211 -4.22 -15.30 20.50
C THR C 211 -3.51 -14.89 19.22
N ALA C 212 -2.96 -13.67 19.20
CA ALA C 212 -1.97 -13.30 18.20
C ALA C 212 -0.57 -13.22 18.80
N TRP C 213 0.41 -13.09 17.91
CA TRP C 213 1.82 -12.94 18.25
C TRP C 213 2.43 -11.90 17.32
N GLN C 214 3.71 -11.61 17.52
CA GLN C 214 4.40 -10.61 16.72
C GLN C 214 5.81 -11.07 16.53
N VAL C 215 6.16 -11.34 15.26
CA VAL C 215 7.48 -11.82 14.90
C VAL C 215 7.95 -11.11 13.64
N HIS C 216 9.14 -11.47 13.18
CA HIS C 216 9.82 -10.75 12.11
C HIS C 216 9.85 -11.52 10.78
N ARG C 217 9.92 -10.78 9.68
CA ARG C 217 9.74 -11.34 8.33
C ARG C 217 10.91 -12.20 7.85
N ASP C 218 12.12 -11.77 8.16
CA ASP C 218 13.34 -12.48 7.74
C ASP C 218 13.39 -13.90 8.30
N TRP C 219 13.22 -14.04 9.60
CA TRP C 219 13.11 -15.35 10.27
C TRP C 219 11.90 -16.17 9.76
N PHE C 220 10.82 -15.45 9.46
CA PHE C 220 9.61 -16.04 8.93
C PHE C 220 9.86 -16.72 7.57
N ASN C 221 10.66 -16.12 6.71
CA ASN C 221 11.06 -16.78 5.46
C ASN C 221 12.20 -17.79 5.68
N ASP C 222 12.87 -17.72 6.84
CA ASP C 222 13.84 -18.75 7.26
C ASP C 222 13.21 -19.95 8.00
N LEU C 223 11.89 -19.92 8.20
CA LEU C 223 11.17 -21.08 8.70
C LEU C 223 11.25 -22.20 7.68
N ALA C 224 11.82 -23.34 8.08
CA ALA C 224 11.86 -24.52 7.22
C ALA C 224 10.78 -25.50 7.64
N LEU C 225 9.55 -25.00 7.72
CA LEU C 225 8.37 -25.82 7.83
C LEU C 225 7.71 -25.77 6.47
N PRO C 226 6.93 -26.81 6.11
CA PRO C 226 6.18 -26.75 4.84
C PRO C 226 5.10 -25.69 4.86
N TRP C 227 5.01 -24.93 3.77
CA TRP C 227 4.12 -23.77 3.71
C TRP C 227 3.21 -23.79 2.49
N LYS C 228 2.21 -22.92 2.50
CA LYS C 228 1.30 -22.72 1.38
C LYS C 228 0.67 -21.33 1.50
N HIS C 229 -0.23 -20.98 0.59
CA HIS C 229 -0.99 -19.72 0.66
C HIS C 229 -2.48 -19.98 0.84
N GLU C 230 -3.26 -18.90 0.92
CA GLU C 230 -4.72 -18.97 0.99
C GLU C 230 -5.31 -19.57 -0.27
N GLY C 231 -5.88 -20.78 -0.15
CA GLY C 231 -6.52 -21.47 -1.28
C GLY C 231 -5.61 -22.42 -2.04
N ALA C 232 -4.30 -22.27 -1.89
CA ALA C 232 -3.32 -23.20 -2.46
C ALA C 232 -3.46 -24.53 -1.74
N ARG C 233 -3.73 -25.59 -2.50
CA ARG C 233 -4.11 -26.87 -1.90
C ARG C 233 -2.97 -27.58 -1.19
N ASN C 234 -1.81 -27.61 -1.83
CA ASN C 234 -0.68 -28.46 -1.40
C ASN C 234 0.47 -27.66 -0.79
N TRP C 235 1.23 -28.33 0.06
CA TRP C 235 2.27 -27.68 0.85
C TRP C 235 3.57 -27.57 0.06
N ASN C 236 4.08 -26.35 -0.01
CA ASN C 236 5.35 -26.04 -0.67
C ASN C 236 6.50 -26.37 0.27
N ASN C 237 7.52 -27.03 -0.27
CA ASN C 237 8.64 -27.57 0.53
C ASN C 237 8.13 -28.51 1.62
N ALA C 238 7.34 -29.48 1.20
CA ALA C 238 6.72 -30.44 2.12
C ALA C 238 7.66 -31.55 2.58
N GLU C 239 8.91 -31.54 2.11
CA GLU C 239 9.95 -32.51 2.51
C GLU C 239 10.67 -32.17 3.83
N ARG C 240 10.02 -31.41 4.70
CA ARG C 240 10.62 -30.91 5.93
C ARG C 240 9.96 -31.53 7.17
N LEU C 241 8.64 -31.65 7.13
CA LEU C 241 7.90 -32.55 8.04
C LEU C 241 7.80 -33.98 7.54
N VAL C 242 8.46 -34.29 6.42
CA VAL C 242 8.48 -35.63 5.89
C VAL C 242 9.94 -35.98 5.59
N GLU C 243 10.41 -37.08 6.15
CA GLU C 243 11.77 -37.57 5.92
C GLU C 243 11.73 -39.07 5.61
N PHE C 244 12.90 -39.61 5.32
CA PHE C 244 13.02 -40.96 4.82
C PHE C 244 14.08 -41.71 5.63
N GLY C 245 14.33 -42.96 5.26
CA GLY C 245 15.36 -43.78 5.90
C GLY C 245 16.08 -44.66 4.89
N ALA C 246 16.55 -45.81 5.38
CA ALA C 246 17.18 -46.80 4.53
C ALA C 246 16.32 -48.06 4.53
N PRO C 247 16.04 -48.61 3.33
CA PRO C 247 15.31 -49.88 3.24
C PRO C 247 16.24 -51.08 3.35
N HIS C 248 15.63 -52.26 3.23
CA HIS C 248 16.37 -53.51 3.03
C HIS C 248 15.74 -54.23 1.83
N ALA C 249 16.07 -53.71 0.64
CA ALA C 249 15.70 -54.29 -0.66
C ALA C 249 14.22 -54.26 -1.06
N VAL C 250 13.30 -53.85 -0.17
CA VAL C 250 11.87 -53.88 -0.49
C VAL C 250 11.13 -52.62 -0.09
N LYS C 251 11.24 -52.24 1.17
CA LYS C 251 10.40 -51.21 1.76
C LYS C 251 11.25 -50.24 2.56
N MET C 252 11.27 -49.01 2.09
CA MET C 252 11.72 -47.85 2.85
C MET C 252 10.46 -47.24 3.46
N ASP C 253 10.48 -47.05 4.77
CA ASP C 253 9.32 -46.53 5.50
C ASP C 253 9.43 -45.03 5.63
N VAL C 254 8.54 -44.31 4.95
CA VAL C 254 8.50 -42.85 4.99
C VAL C 254 7.83 -42.49 6.30
N TYR C 255 8.64 -42.02 7.25
CA TYR C 255 8.20 -41.82 8.62
C TYR C 255 7.42 -40.54 8.75
N ASN C 256 6.27 -40.61 9.41
CA ASN C 256 5.58 -39.41 9.87
C ASN C 256 6.45 -38.81 10.97
N LEU C 257 6.49 -37.48 11.07
CA LEU C 257 7.48 -36.81 11.93
C LEU C 257 6.93 -35.93 13.03
N GLY C 258 5.67 -35.51 12.88
CA GLY C 258 4.86 -35.05 14.00
C GLY C 258 4.69 -33.56 14.09
N ASP C 259 4.71 -33.07 15.32
CA ASP C 259 4.25 -31.73 15.66
C ASP C 259 5.40 -30.83 16.10
N GLN C 260 5.16 -29.52 16.02
CA GLN C 260 6.18 -28.49 16.17
C GLN C 260 5.69 -27.30 17.01
N THR C 261 4.86 -27.58 18.00
CA THR C 261 4.30 -26.52 18.84
C THR C 261 5.30 -26.07 19.92
N GLY C 262 6.35 -26.87 20.13
CA GLY C 262 7.35 -26.61 21.16
C GLY C 262 8.64 -25.97 20.67
N VAL C 263 9.15 -26.43 19.54
CA VAL C 263 10.39 -25.89 18.96
C VAL C 263 10.15 -24.44 18.55
N LEU C 264 9.03 -24.25 17.87
CA LEU C 264 8.38 -22.96 17.78
C LEU C 264 7.63 -22.79 19.09
N LEU C 265 7.71 -21.54 19.62
CA LEU C 265 7.27 -20.89 20.95
C LEU C 265 7.87 -21.20 22.40
N LYS C 266 8.48 -22.37 22.66
CA LYS C 266 8.82 -22.83 24.03
C LYS C 266 10.33 -22.91 24.39
N ALA C 267 11.17 -23.24 23.40
CA ALA C 267 12.63 -23.12 23.50
C ALA C 267 13.14 -22.07 22.47
N LEU C 268 13.07 -20.81 22.87
CA LEU C 268 13.24 -19.66 21.98
C LEU C 268 13.39 -18.42 22.86
N ALA C 269 14.39 -17.59 22.59
CA ALA C 269 14.93 -16.65 23.59
C ALA C 269 14.70 -15.15 23.31
N GLY C 270 13.50 -14.67 23.66
CA GLY C 270 13.18 -13.23 23.75
C GLY C 270 12.30 -12.61 22.66
N VAL C 271 11.16 -13.26 22.35
CA VAL C 271 10.24 -12.83 21.27
C VAL C 271 8.85 -12.37 21.80
N PRO C 272 8.29 -11.27 21.23
CA PRO C 272 7.09 -10.63 21.80
C PRO C 272 5.78 -11.25 21.34
N VAL C 273 4.67 -10.75 21.88
CA VAL C 273 3.36 -11.32 21.62
C VAL C 273 2.39 -10.27 21.11
N ALA C 274 1.17 -10.71 20.86
CA ALA C 274 0.11 -9.84 20.41
C ALA C 274 -1.24 -10.37 20.91
N HIS C 275 -2.33 -9.94 20.28
CA HIS C 275 -3.66 -10.31 20.71
C HIS C 275 -4.66 -10.33 19.54
N ILE C 276 -5.67 -11.18 19.67
CA ILE C 276 -6.86 -11.17 18.82
C ILE C 276 -8.08 -11.06 19.71
N GLU C 277 -9.00 -10.18 19.32
CA GLU C 277 -10.34 -10.11 19.87
C GLU C 277 -11.30 -10.12 18.69
N GLY C 278 -11.78 -11.33 18.35
CA GLY C 278 -12.72 -11.52 17.25
C GLY C 278 -12.09 -11.38 15.88
N THR C 279 -12.47 -10.32 15.17
CA THR C 279 -12.07 -10.08 13.78
C THR C 279 -11.09 -8.90 13.64
N LYS C 280 -10.44 -8.52 14.74
CA LYS C 280 -9.44 -7.46 14.77
C LYS C 280 -8.17 -8.02 15.36
N TYR C 281 -7.10 -8.05 14.57
CA TYR C 281 -5.84 -8.60 15.05
C TYR C 281 -5.05 -7.51 15.76
N HIS C 282 -5.21 -7.47 17.08
CA HIS C 282 -4.62 -6.43 17.92
C HIS C 282 -3.12 -6.64 18.06
N LEU C 283 -2.47 -5.67 18.68
CA LEU C 283 -1.09 -5.82 19.15
C LEU C 283 -1.03 -5.50 20.63
N LYS C 284 0.07 -5.88 21.26
CA LYS C 284 0.36 -5.46 22.63
C LYS C 284 1.60 -4.59 22.75
N SER C 285 2.56 -4.69 21.83
CA SER C 285 3.64 -3.71 21.76
C SER C 285 3.36 -2.71 20.66
N GLY C 286 4.03 -1.56 20.70
CA GLY C 286 3.84 -0.52 19.70
C GLY C 286 4.42 0.82 20.07
N HIS C 287 4.35 1.76 19.12
CA HIS C 287 4.72 3.16 19.34
C HIS C 287 4.20 3.97 18.15
N VAL C 288 3.80 5.21 18.40
CA VAL C 288 3.33 6.09 17.33
C VAL C 288 3.56 7.55 17.69
N THR C 289 4.05 8.33 16.72
CA THR C 289 4.35 9.75 16.93
C THR C 289 3.08 10.58 16.75
N CYS C 290 2.67 11.24 17.83
CA CYS C 290 1.52 12.14 17.80
C CYS C 290 1.92 13.54 18.24
N GLU C 291 1.39 14.54 17.56
CA GLU C 291 1.49 15.94 17.97
C GLU C 291 0.18 16.32 18.63
N VAL C 292 0.29 16.94 19.80
CA VAL C 292 -0.85 17.21 20.67
C VAL C 292 -0.93 18.72 20.89
N GLY C 293 -1.98 19.30 20.30
CA GLY C 293 -2.26 20.72 20.39
C GLY C 293 -3.31 20.97 21.45
N LEU C 294 -2.87 21.59 22.55
CA LEU C 294 -3.72 21.90 23.70
C LEU C 294 -4.41 23.27 23.60
N GLU C 295 -4.36 23.89 22.42
CA GLU C 295 -4.72 25.31 22.25
C GLU C 295 -6.19 25.65 22.49
N LYS C 296 -7.09 24.67 22.43
CA LYS C 296 -8.51 24.89 22.65
C LYS C 296 -9.00 24.34 24.00
N LEU C 297 -8.08 24.21 24.96
CA LEU C 297 -8.41 23.70 26.28
C LEU C 297 -8.48 24.82 27.29
N LYS C 298 -9.20 24.54 28.37
CA LYS C 298 -9.34 25.46 29.49
C LYS C 298 -9.68 24.66 30.73
N MET C 299 -9.43 25.25 31.88
CA MET C 299 -9.70 24.60 33.16
C MET C 299 -11.18 24.80 33.50
N LYS C 300 -11.74 23.80 34.20
CA LYS C 300 -13.14 23.82 34.59
C LYS C 300 -13.25 24.29 36.03
N GLY C 301 -14.32 25.02 36.32
CA GLY C 301 -14.57 25.57 37.64
C GLY C 301 -13.62 26.69 38.04
N LEU C 302 -13.47 27.66 37.13
CA LEU C 302 -12.69 28.86 37.41
C LEU C 302 -13.55 29.98 37.98
N THR C 303 -14.87 29.83 37.86
CA THR C 303 -15.84 30.80 38.37
C THR C 303 -16.62 30.22 39.56
N TYR C 304 -15.95 29.39 40.37
CA TYR C 304 -16.51 28.82 41.59
C TYR C 304 -15.77 29.38 42.81
N THR C 305 -16.15 28.91 43.99
CA THR C 305 -15.57 29.37 45.25
C THR C 305 -14.46 28.43 45.67
N MET C 306 -13.98 28.60 46.90
CA MET C 306 -13.27 27.53 47.59
C MET C 306 -14.26 26.84 48.51
N CYS C 307 -13.92 25.62 48.90
CA CYS C 307 -14.80 24.79 49.73
C CYS C 307 -14.63 25.16 51.20
N ASP C 308 -15.22 24.35 52.09
CA ASP C 308 -14.91 24.37 53.52
C ASP C 308 -13.43 24.07 53.75
N LYS C 309 -12.94 24.44 54.93
CA LYS C 309 -11.61 24.04 55.40
C LYS C 309 -11.62 22.79 56.31
N THR C 310 -12.80 22.25 56.61
CA THR C 310 -12.96 21.19 57.62
C THR C 310 -13.56 19.91 57.03
N LYS C 311 -14.75 20.01 56.43
CA LYS C 311 -15.49 18.84 55.93
C LYS C 311 -14.81 18.12 54.75
N PHE C 312 -13.95 17.15 55.05
CA PHE C 312 -13.35 16.28 54.02
C PHE C 312 -13.16 14.87 54.55
N THR C 313 -14.24 14.09 54.50
CA THR C 313 -14.22 12.69 54.91
C THR C 313 -13.40 11.88 53.90
N TRP C 314 -12.25 11.38 54.36
CA TRP C 314 -11.31 10.66 53.53
C TRP C 314 -11.84 9.28 53.15
N LYS C 315 -12.49 9.20 51.98
CA LYS C 315 -12.95 7.93 51.42
C LYS C 315 -11.74 7.08 51.03
N ARG C 316 -10.72 7.73 50.50
CA ARG C 316 -9.43 7.11 50.26
C ARG C 316 -8.34 8.03 50.80
N ALA C 317 -7.44 7.46 51.61
CA ALA C 317 -6.33 8.21 52.19
C ALA C 317 -5.26 8.44 51.13
N PRO C 318 -4.49 9.54 51.26
CA PRO C 318 -3.36 9.72 50.35
C PRO C 318 -2.25 8.68 50.52
N THR C 319 -1.67 8.28 49.40
CA THR C 319 -0.66 7.24 49.37
C THR C 319 0.35 7.56 48.30
N ASP C 320 1.47 6.85 48.32
CA ASP C 320 2.55 7.06 47.36
C ASP C 320 2.22 6.25 46.12
N SER C 321 2.34 6.87 44.95
CA SER C 321 1.87 6.29 43.69
C SER C 321 3.03 5.82 42.80
N GLY C 322 4.10 5.35 43.42
CA GLY C 322 5.24 4.81 42.70
C GLY C 322 6.08 5.75 41.86
N HIS C 323 5.67 7.02 41.69
CA HIS C 323 6.36 7.94 40.76
C HIS C 323 6.55 9.35 41.32
N ASP C 324 6.76 9.42 42.64
CA ASP C 324 6.84 10.68 43.41
C ASP C 324 5.64 11.61 43.20
N THR C 325 4.47 10.99 43.03
CA THR C 325 3.22 11.70 42.95
C THR C 325 2.29 11.11 43.99
N VAL C 326 1.44 11.97 44.57
CA VAL C 326 0.57 11.58 45.66
C VAL C 326 -0.86 11.85 45.24
N VAL C 327 -1.68 10.82 45.34
CA VAL C 327 -3.10 10.89 45.02
C VAL C 327 -3.92 10.96 46.30
N MET C 328 -5.23 11.13 46.13
CA MET C 328 -6.18 11.09 47.25
C MET C 328 -7.61 10.97 46.74
N GLU C 329 -8.58 10.96 47.66
CA GLU C 329 -9.99 11.06 47.33
C GLU C 329 -10.71 11.73 48.49
N VAL C 330 -10.94 13.02 48.37
CA VAL C 330 -11.76 13.74 49.33
C VAL C 330 -13.23 13.59 48.98
N THR C 331 -14.07 13.35 49.99
CA THR C 331 -15.51 13.35 49.82
C THR C 331 -16.05 14.53 50.59
N PHE C 332 -16.62 15.49 49.85
CA PHE C 332 -17.07 16.75 50.41
C PHE C 332 -18.60 16.79 50.37
N SER C 333 -19.18 16.97 51.56
CA SER C 333 -20.64 16.90 51.73
C SER C 333 -21.25 18.26 52.13
N GLY C 334 -20.53 19.34 51.85
CA GLY C 334 -21.01 20.71 52.12
C GLY C 334 -21.44 21.45 50.85
N THR C 335 -20.97 22.68 50.72
CA THR C 335 -21.39 23.59 49.65
C THR C 335 -20.74 23.24 48.30
N LYS C 336 -21.43 22.42 47.50
CA LYS C 336 -20.95 21.98 46.16
C LYS C 336 -21.57 22.85 45.05
N PRO C 337 -20.93 23.00 43.87
CA PRO C 337 -19.56 22.58 43.55
C PRO C 337 -18.55 23.70 43.85
N CYS C 338 -17.33 23.31 44.24
CA CYS C 338 -16.31 24.29 44.68
C CYS C 338 -14.91 23.79 44.38
N ARG C 339 -13.97 24.72 44.27
CA ARG C 339 -12.55 24.41 44.10
C ARG C 339 -11.95 23.97 45.43
N ILE C 340 -11.21 22.88 45.39
CA ILE C 340 -10.77 22.21 46.60
C ILE C 340 -9.53 22.94 47.12
N PRO C 341 -9.50 23.27 48.43
CA PRO C 341 -8.34 23.96 49.02
C PRO C 341 -7.11 23.05 49.13
N VAL C 342 -6.44 22.86 48.01
CA VAL C 342 -5.29 21.97 47.95
C VAL C 342 -4.03 22.80 48.06
N ARG C 343 -3.21 22.47 49.04
CA ARG C 343 -1.90 23.05 49.20
C ARG C 343 -0.96 22.07 49.89
N ALA C 344 0.32 22.24 49.64
CA ALA C 344 1.31 21.45 50.33
C ALA C 344 2.45 22.39 50.52
N VAL C 345 2.78 22.70 51.77
CA VAL C 345 3.77 23.74 52.06
C VAL C 345 5.17 23.16 52.16
N ALA C 346 6.13 24.08 52.09
CA ALA C 346 7.54 23.74 52.15
C ALA C 346 7.97 23.50 53.60
N HIS C 347 9.04 22.73 53.77
CA HIS C 347 9.60 22.49 55.10
C HIS C 347 10.85 23.30 55.25
N GLY C 348 11.03 23.91 56.43
CA GLY C 348 12.03 24.97 56.61
C GLY C 348 11.46 26.36 56.32
N SER C 349 10.57 26.46 55.33
CA SER C 349 9.71 27.64 55.11
C SER C 349 8.24 27.21 55.10
N PRO C 350 7.53 27.33 56.24
CA PRO C 350 6.15 26.80 56.29
C PRO C 350 5.08 27.60 55.52
N ASP C 351 5.41 28.80 55.04
CA ASP C 351 4.51 29.57 54.18
C ASP C 351 4.52 29.03 52.76
N VAL C 352 5.72 28.85 52.20
CA VAL C 352 5.91 28.72 50.75
C VAL C 352 5.21 27.50 50.15
N ASN C 353 4.35 27.74 49.16
CA ASN C 353 3.66 26.68 48.44
C ASN C 353 4.67 26.03 47.49
N VAL C 354 4.79 24.71 47.58
CA VAL C 354 5.62 23.89 46.68
C VAL C 354 4.84 22.71 46.09
N ALA C 355 3.50 22.79 46.13
CA ALA C 355 2.64 21.74 45.60
C ALA C 355 2.63 21.79 44.07
N MET C 356 3.48 20.97 43.46
CA MET C 356 3.54 20.83 42.00
C MET C 356 2.43 19.90 41.55
N LEU C 357 1.23 20.47 41.41
CA LEU C 357 0.03 19.68 41.14
C LEU C 357 0.06 19.03 39.78
N ILE C 358 -0.71 17.94 39.68
CA ILE C 358 -0.90 17.22 38.43
C ILE C 358 -2.33 17.40 37.96
N THR C 359 -3.30 17.19 38.84
CA THR C 359 -4.70 17.54 38.55
C THR C 359 -4.85 19.04 38.79
N PRO C 360 -5.07 19.82 37.72
CA PRO C 360 -5.15 21.26 37.89
C PRO C 360 -6.59 21.68 38.21
N ASN C 361 -6.71 22.67 39.09
CA ASN C 361 -7.99 23.12 39.59
C ASN C 361 -8.82 21.94 40.12
N PRO C 362 -8.43 21.40 41.29
CA PRO C 362 -9.21 20.31 41.90
C PRO C 362 -10.56 20.84 42.37
N THR C 363 -11.65 20.26 41.85
CA THR C 363 -12.99 20.76 42.14
C THR C 363 -13.94 19.63 42.49
N ILE C 364 -14.57 19.72 43.65
CA ILE C 364 -15.70 18.85 43.98
C ILE C 364 -16.86 19.31 43.10
N GLU C 365 -17.60 18.35 42.57
CA GLU C 365 -18.70 18.62 41.63
C GLU C 365 -20.03 18.07 42.16
N ASN C 366 -21.09 18.19 41.36
CA ASN C 366 -22.43 17.75 41.75
C ASN C 366 -22.52 16.24 41.92
N ASN C 367 -21.91 15.51 40.99
CA ASN C 367 -21.78 14.05 41.08
C ASN C 367 -20.32 13.56 40.93
N GLY C 368 -19.36 14.48 40.93
CA GLY C 368 -17.95 14.14 40.68
C GLY C 368 -16.94 14.93 41.50
N GLY C 369 -15.67 14.85 41.12
CA GLY C 369 -14.56 15.49 41.85
C GLY C 369 -14.08 14.72 43.06
N GLY C 370 -12.77 14.76 43.32
CA GLY C 370 -12.17 14.12 44.50
C GLY C 370 -10.75 13.61 44.33
N PHE C 371 -10.50 12.99 43.18
CA PHE C 371 -9.17 12.50 42.82
C PHE C 371 -8.18 13.62 42.54
N ILE C 372 -7.27 13.85 43.47
CA ILE C 372 -6.29 14.92 43.35
C ILE C 372 -4.90 14.34 43.42
N GLU C 373 -4.31 14.12 42.26
CA GLU C 373 -2.91 13.74 42.18
C GLU C 373 -2.03 14.98 42.15
N MET C 374 -0.94 14.94 42.90
CA MET C 374 0.08 16.00 42.85
C MET C 374 1.47 15.42 42.98
N GLN C 375 2.42 16.08 42.33
CA GLN C 375 3.83 15.75 42.46
C GLN C 375 4.40 16.64 43.56
N LEU C 376 5.32 16.08 44.36
CA LEU C 376 5.86 16.80 45.52
C LEU C 376 7.36 16.81 45.54
N PRO C 377 7.96 17.87 46.14
CA PRO C 377 9.40 17.88 46.36
C PRO C 377 9.77 16.86 47.45
N PRO C 378 11.03 16.42 47.47
CA PRO C 378 11.36 15.30 48.34
C PRO C 378 11.41 15.64 49.84
N GLY C 379 11.08 14.66 50.67
CA GLY C 379 11.15 14.79 52.12
C GLY C 379 9.82 15.16 52.73
N ASP C 380 9.83 16.16 53.62
CA ASP C 380 8.62 16.57 54.37
C ASP C 380 7.70 17.39 53.49
N ASN C 381 6.45 16.93 53.39
CA ASN C 381 5.47 17.56 52.53
C ASN C 381 4.13 17.54 53.24
N ILE C 382 3.69 18.70 53.71
CA ILE C 382 2.52 18.83 54.57
C ILE C 382 1.29 19.08 53.71
N ILE C 383 0.53 18.04 53.41
CA ILE C 383 -0.62 18.14 52.51
C ILE C 383 -1.86 18.51 53.30
N TYR C 384 -2.14 19.82 53.35
CA TYR C 384 -3.41 20.33 53.86
C TYR C 384 -4.52 20.07 52.85
N VAL C 385 -5.74 19.92 53.35
CA VAL C 385 -6.93 20.15 52.56
C VAL C 385 -7.78 21.09 53.41
N GLY C 386 -7.59 22.39 53.20
CA GLY C 386 -8.14 23.42 54.07
C GLY C 386 -7.38 23.41 55.39
N GLU C 387 -8.12 23.31 56.49
CA GLU C 387 -7.55 23.18 57.83
C GLU C 387 -7.39 21.71 58.20
N LEU C 388 -8.18 20.83 57.57
CA LEU C 388 -8.03 19.38 57.75
C LEU C 388 -6.88 18.84 56.92
N SER C 389 -5.71 18.77 57.55
CA SER C 389 -4.50 18.28 56.90
C SER C 389 -4.40 16.77 57.03
N TYR C 390 -4.18 16.11 55.90
CA TYR C 390 -3.58 14.78 55.92
C TYR C 390 -2.06 15.00 55.94
N GLN C 391 -1.53 15.24 57.14
CA GLN C 391 -0.09 15.44 57.33
C GLN C 391 0.71 14.23 56.77
N TRP C 392 1.80 14.53 56.08
CA TRP C 392 2.39 13.60 55.12
C TRP C 392 3.91 13.68 55.00
N PHE C 393 4.51 12.59 54.53
CA PHE C 393 5.94 12.52 54.16
C PHE C 393 6.11 11.79 52.83
N GLN C 394 7.09 12.24 52.03
CA GLN C 394 7.46 11.56 50.78
C GLN C 394 8.91 11.08 50.86
N LYS C 395 9.13 9.87 50.31
CA LYS C 395 10.37 9.09 50.48
C LYS C 395 11.45 9.34 49.44
N GLY C 396 11.17 10.16 48.43
CA GLY C 396 12.15 10.47 47.39
C GLY C 396 13.32 11.30 47.91
N SER C 397 14.29 11.53 47.04
CA SER C 397 15.46 12.38 47.30
C SER C 397 15.57 13.44 46.20
N SER C 398 16.36 14.50 46.42
CA SER C 398 16.46 15.61 45.46
C SER C 398 17.19 15.18 44.16
N ILE C 399 18.46 14.80 44.32
CA ILE C 399 19.23 14.18 43.21
C ILE C 399 18.73 12.79 42.82
N GLY C 400 17.97 12.14 43.71
CA GLY C 400 17.34 10.85 43.42
C GLY C 400 16.27 10.89 42.35
N ARG C 401 15.49 11.97 42.28
CA ARG C 401 14.51 12.17 41.21
C ARG C 401 15.18 12.50 39.88
N VAL C 402 16.27 13.25 39.96
CA VAL C 402 17.06 13.61 38.78
C VAL C 402 17.72 12.35 38.21
N PHE C 403 18.35 11.56 39.09
CA PHE C 403 18.91 10.25 38.73
C PHE C 403 17.82 9.25 38.30
N GLN C 404 16.59 9.38 38.83
CA GLN C 404 15.44 8.63 38.34
C GLN C 404 15.13 8.99 36.88
N LYS C 405 15.17 10.27 36.57
CA LYS C 405 15.01 10.72 35.17
C LYS C 405 16.18 10.30 34.27
N THR C 406 17.37 10.12 34.84
CA THR C 406 18.48 9.50 34.10
C THR C 406 18.21 8.02 33.85
N LYS C 407 17.64 7.33 34.83
CA LYS C 407 17.23 5.92 34.66
C LYS C 407 16.09 5.76 33.65
N LYS C 408 15.20 6.74 33.58
CA LYS C 408 14.22 6.80 32.49
C LYS C 408 14.90 7.09 31.16
N GLY C 409 15.93 7.92 31.18
CA GLY C 409 16.82 8.10 30.04
C GLY C 409 17.61 6.86 29.63
N ILE C 410 17.77 5.91 30.57
CA ILE C 410 18.36 4.59 30.25
C ILE C 410 17.30 3.68 29.62
N GLU C 411 16.20 3.44 30.35
CA GLU C 411 15.25 2.38 29.95
C GLU C 411 14.29 2.76 28.81
N ARG C 412 13.91 4.03 28.71
CA ARG C 412 13.07 4.47 27.58
C ARG C 412 13.84 4.65 26.29
N LEU C 413 15.16 4.83 26.39
CA LEU C 413 16.00 4.91 25.21
C LEU C 413 16.49 3.49 24.88
N THR C 414 15.50 2.63 24.66
CA THR C 414 15.71 1.22 24.33
C THR C 414 15.53 1.10 22.82
N VAL C 415 15.18 -0.09 22.33
CA VAL C 415 14.97 -0.31 20.89
C VAL C 415 13.78 0.52 20.37
N ILE C 416 12.76 0.70 21.22
CA ILE C 416 11.65 1.64 20.99
C ILE C 416 12.21 3.07 20.87
N GLY C 417 13.11 3.43 21.79
CA GLY C 417 13.72 4.77 21.81
C GLY C 417 14.70 5.17 20.72
N GLU C 418 14.96 4.27 19.77
CA GLU C 418 15.79 4.59 18.59
C GLU C 418 15.08 5.60 17.69
N HIS C 419 13.75 5.50 17.65
CA HIS C 419 12.88 6.39 16.90
C HIS C 419 12.17 7.44 17.79
N ALA C 420 11.97 7.12 19.07
CA ALA C 420 11.16 7.94 19.97
C ALA C 420 11.97 9.01 20.69
N TRP C 421 12.59 9.89 19.90
CA TRP C 421 13.34 11.04 20.43
C TRP C 421 12.47 12.28 20.54
N ASP C 422 11.17 12.15 20.23
CA ASP C 422 10.20 13.23 20.40
C ASP C 422 9.45 13.13 21.73
N PHE C 423 10.16 12.76 22.80
CA PHE C 423 9.60 12.80 24.13
C PHE C 423 9.44 14.25 24.61
N GLY C 424 10.32 15.15 24.13
CA GLY C 424 10.22 16.59 24.37
C GLY C 424 9.33 17.28 23.35
N SER C 425 9.71 18.48 22.90
CA SER C 425 8.91 19.21 21.89
C SER C 425 9.79 20.12 21.04
N ALA C 426 10.34 19.55 19.97
CA ALA C 426 11.23 20.26 19.03
C ALA C 426 12.42 20.94 19.73
N GLY C 427 13.28 20.10 20.31
CA GLY C 427 14.41 20.56 21.13
C GLY C 427 15.50 21.39 20.46
N GLY C 428 15.57 21.38 19.13
CA GLY C 428 16.55 22.20 18.41
C GLY C 428 17.92 21.57 18.48
N PHE C 429 18.79 22.13 19.31
CA PHE C 429 20.13 21.56 19.56
C PHE C 429 20.15 20.47 20.65
N LEU C 430 18.97 19.98 21.06
CA LEU C 430 18.83 18.79 21.92
C LEU C 430 18.22 17.58 21.20
N SER C 431 17.21 17.81 20.35
CA SER C 431 16.45 16.71 19.72
C SER C 431 16.91 16.39 18.30
N SER C 432 17.14 17.42 17.49
CA SER C 432 17.50 17.24 16.08
C SER C 432 18.89 16.64 15.94
N ILE C 433 19.87 17.21 16.65
CA ILE C 433 21.24 16.67 16.70
C ILE C 433 21.28 15.23 17.25
N GLY C 434 20.41 14.93 18.22
CA GLY C 434 20.24 13.59 18.77
C GLY C 434 19.71 12.61 17.73
N LYS C 435 18.69 13.04 16.98
CA LYS C 435 18.17 12.26 15.86
C LYS C 435 19.22 11.98 14.78
N ALA C 436 20.08 12.96 14.50
CA ALA C 436 21.14 12.80 13.50
C ALA C 436 22.16 11.76 13.97
N LEU C 437 22.77 12.04 15.13
CA LEU C 437 23.84 11.20 15.68
C LEU C 437 23.38 9.82 16.12
N HIS C 438 22.06 9.61 16.24
CA HIS C 438 21.51 8.30 16.52
C HIS C 438 20.87 7.60 15.31
N THR C 439 20.52 8.33 14.27
CA THR C 439 20.12 7.69 13.01
C THR C 439 21.34 7.04 12.35
N VAL C 440 22.49 7.71 12.42
CA VAL C 440 23.76 7.14 11.94
C VAL C 440 24.24 5.93 12.77
N LEU C 441 23.81 5.85 14.04
CA LEU C 441 24.15 4.73 14.92
C LEU C 441 23.19 3.57 14.74
N GLY C 442 21.89 3.83 14.95
CA GLY C 442 20.84 2.82 14.83
C GLY C 442 20.70 2.26 13.44
N GLY C 443 20.93 3.11 12.43
CA GLY C 443 20.96 2.69 11.03
C GLY C 443 22.10 1.73 10.75
N ALA C 444 23.29 2.05 11.25
CA ALA C 444 24.47 1.21 11.07
C ALA C 444 24.36 -0.12 11.81
N PHE C 445 23.87 -0.10 13.05
CA PHE C 445 23.70 -1.33 13.84
C PHE C 445 22.55 -2.22 13.37
N ASN C 446 21.48 -1.62 12.83
CA ASN C 446 20.42 -2.42 12.19
C ASN C 446 20.90 -2.96 10.84
N SER C 447 21.82 -2.26 10.19
CA SER C 447 22.42 -2.72 8.93
C SER C 447 23.37 -3.89 9.15
N ILE C 448 24.37 -3.70 10.02
CA ILE C 448 25.36 -4.76 10.31
C ILE C 448 24.74 -5.85 11.17
N PHE C 449 25.27 -7.06 11.07
CA PHE C 449 24.82 -8.21 11.89
C PHE C 449 23.39 -8.74 11.62
N GLY C 450 22.45 -7.90 11.18
CA GLY C 450 21.04 -8.26 11.03
C GLY C 450 20.38 -8.78 12.30
N GLY C 451 20.92 -8.39 13.45
CA GLY C 451 20.66 -9.06 14.72
C GLY C 451 21.54 -10.29 14.83
N VAL C 452 22.34 -10.36 15.91
CA VAL C 452 23.34 -11.43 16.08
C VAL C 452 23.20 -12.28 17.37
N GLY C 453 22.57 -11.73 18.40
CA GLY C 453 22.37 -12.45 19.66
C GLY C 453 23.39 -12.05 20.72
N PHE C 454 22.94 -12.05 21.97
CA PHE C 454 23.71 -11.48 23.07
C PHE C 454 25.02 -12.23 23.35
N LEU C 455 25.02 -13.55 23.18
CA LEU C 455 26.25 -14.34 23.31
C LEU C 455 27.25 -14.07 22.16
N PRO C 456 26.77 -13.99 20.90
CA PRO C 456 27.64 -13.43 19.86
C PRO C 456 27.98 -11.94 19.98
N LYS C 457 27.12 -11.17 20.65
CA LYS C 457 27.42 -9.76 20.94
C LYS C 457 28.65 -9.64 21.87
N LEU C 458 28.65 -10.44 22.93
CA LEU C 458 29.79 -10.48 23.86
C LEU C 458 30.98 -11.25 23.31
N LEU C 459 30.74 -12.25 22.45
CA LEU C 459 31.84 -13.02 21.85
C LEU C 459 32.61 -12.15 20.86
N LEU C 460 31.89 -11.57 19.90
CA LEU C 460 32.47 -10.65 18.92
C LEU C 460 33.00 -9.36 19.57
N GLY C 461 32.33 -8.92 20.64
CA GLY C 461 32.77 -7.76 21.41
C GLY C 461 34.10 -7.95 22.10
N VAL C 462 34.23 -9.04 22.85
CA VAL C 462 35.47 -9.37 23.57
C VAL C 462 36.58 -9.79 22.59
N ALA C 463 36.22 -10.43 21.48
CA ALA C 463 37.19 -10.83 20.45
C ALA C 463 37.84 -9.62 19.78
N LEU C 464 37.02 -8.67 19.32
CA LEU C 464 37.52 -7.42 18.74
C LEU C 464 38.19 -6.50 19.77
N ALA C 465 37.77 -6.61 21.04
CA ALA C 465 38.43 -5.90 22.13
C ALA C 465 39.82 -6.47 22.42
N TRP C 466 39.95 -7.79 22.33
CA TRP C 466 41.27 -8.44 22.38
C TRP C 466 42.14 -8.02 21.19
N LEU C 467 41.54 -7.88 20.02
CA LEU C 467 42.22 -7.31 18.85
C LEU C 467 42.53 -5.82 19.04
N GLY C 468 41.78 -5.15 19.92
CA GLY C 468 42.14 -3.82 20.42
C GLY C 468 43.41 -3.82 21.27
N LEU C 469 43.50 -4.76 22.21
CA LEU C 469 44.70 -4.92 23.06
C LEU C 469 45.88 -5.45 22.26
N ASN C 470 45.65 -6.55 21.54
CA ASN C 470 46.67 -7.16 20.67
C ASN C 470 46.66 -6.45 19.31
N MET C 471 47.21 -5.24 19.29
CA MET C 471 47.33 -4.42 18.07
C MET C 471 48.67 -3.69 18.10
N ARG C 472 49.40 -3.73 16.99
CA ARG C 472 50.69 -3.07 16.87
C ARG C 472 50.55 -1.57 16.67
N ASN C 473 49.64 -1.18 15.77
CA ASN C 473 49.45 0.23 15.41
C ASN C 473 48.65 0.97 16.51
N PRO C 474 49.21 2.08 17.05
CA PRO C 474 48.43 2.92 17.98
C PRO C 474 47.20 3.60 17.37
N THR C 475 47.20 3.81 16.05
CA THR C 475 46.02 4.35 15.35
C THR C 475 44.89 3.32 15.31
N MET C 476 45.24 2.05 15.06
CA MET C 476 44.27 0.94 15.08
C MET C 476 44.01 0.37 16.49
N SER C 477 44.61 0.97 17.52
CA SER C 477 44.36 0.58 18.91
C SER C 477 43.01 1.09 19.47
N MET C 478 42.27 1.88 18.68
CA MET C 478 40.88 2.24 19.01
C MET C 478 39.84 1.14 18.72
N SER C 479 40.29 -0.02 18.25
CA SER C 479 39.44 -1.21 18.15
C SER C 479 38.86 -1.68 19.49
N PHE C 480 39.54 -1.37 20.60
CA PHE C 480 38.98 -1.58 21.95
C PHE C 480 37.76 -0.68 22.23
N LEU C 481 37.76 0.54 21.69
CA LEU C 481 36.61 1.45 21.79
C LEU C 481 35.48 1.03 20.85
N LEU C 482 35.84 0.71 19.61
CA LEU C 482 34.86 0.27 18.60
C LEU C 482 34.16 -1.03 18.98
N ALA C 483 34.91 -1.96 19.56
CA ALA C 483 34.35 -3.16 20.18
C ALA C 483 33.68 -2.85 21.53
N GLY C 484 34.19 -1.83 22.22
CA GLY C 484 33.63 -1.33 23.48
C GLY C 484 32.17 -0.91 23.42
N VAL C 485 31.75 -0.36 22.29
CA VAL C 485 30.34 -0.01 22.05
C VAL C 485 29.50 -1.30 21.96
N LEU C 486 30.05 -2.30 21.26
CA LEU C 486 29.40 -3.60 21.10
C LEU C 486 29.28 -4.38 22.42
N VAL C 487 30.25 -4.20 23.32
CA VAL C 487 30.20 -4.81 24.66
C VAL C 487 29.21 -4.07 25.57
N LEU C 488 29.33 -2.75 25.63
CA LEU C 488 28.64 -1.97 26.67
C LEU C 488 27.17 -1.66 26.37
N ALA C 489 26.87 -1.25 25.13
CA ALA C 489 25.55 -0.68 24.80
C ALA C 489 24.38 -1.68 24.80
N MET C 490 24.35 -2.54 23.79
CA MET C 490 23.14 -3.35 23.48
C MET C 490 23.08 -4.70 24.24
N THR C 491 23.20 -4.61 25.56
CA THR C 491 23.15 -5.78 26.45
C THR C 491 22.04 -5.64 27.51
N LEU C 492 20.98 -4.90 27.18
CA LEU C 492 19.81 -4.73 28.06
C LEU C 492 18.54 -5.20 27.35
N VAL D 2 32.13 -27.95 -38.22
CA VAL D 2 31.22 -26.79 -37.89
C VAL D 2 31.78 -26.00 -36.71
N LEU D 3 31.84 -24.69 -36.88
CA LEU D 3 32.21 -23.75 -35.83
C LEU D 3 31.18 -22.63 -35.78
N ILE D 4 30.80 -22.23 -34.57
CA ILE D 4 30.17 -20.93 -34.34
C ILE D 4 30.72 -20.42 -33.03
N PRO D 5 31.30 -19.21 -33.04
CA PRO D 5 31.53 -18.51 -31.78
C PRO D 5 30.25 -17.79 -31.35
N SER D 6 30.13 -17.49 -30.07
CA SER D 6 28.93 -16.87 -29.55
C SER D 6 28.85 -15.38 -29.93
N HIS D 7 27.77 -14.73 -29.49
CA HIS D 7 27.58 -13.29 -29.66
C HIS D 7 28.08 -12.54 -28.39
N ALA D 8 29.07 -13.12 -27.70
CA ALA D 8 29.73 -12.43 -26.60
C ALA D 8 30.54 -11.24 -27.11
N GLN D 9 31.03 -11.35 -28.36
CA GLN D 9 31.73 -10.27 -29.08
C GLN D 9 30.92 -8.98 -29.22
N GLY D 10 29.70 -9.12 -29.70
CA GLY D 10 28.83 -7.97 -29.96
C GLY D 10 28.28 -7.36 -28.68
N GLU D 11 27.32 -8.06 -28.07
CA GLU D 11 26.59 -7.62 -26.87
C GLU D 11 26.19 -6.14 -26.97
N LEU D 12 25.44 -5.87 -28.04
CA LEU D 12 25.32 -4.53 -28.59
C LEU D 12 24.43 -3.63 -27.76
N THR D 13 23.16 -3.99 -27.63
CA THR D 13 22.19 -3.16 -26.91
C THR D 13 21.41 -4.03 -25.92
N GLY D 14 20.31 -3.51 -25.38
CA GLY D 14 19.40 -4.30 -24.56
C GLY D 14 18.81 -3.53 -23.41
N ARG D 15 17.59 -3.07 -23.59
CA ARG D 15 16.73 -2.61 -22.48
C ARG D 15 15.29 -3.13 -22.58
N GLY D 16 15.04 -4.12 -23.45
CA GLY D 16 13.72 -4.71 -23.63
C GLY D 16 13.71 -6.11 -23.07
N HIS D 17 13.55 -7.08 -23.97
CA HIS D 17 13.74 -8.49 -23.63
C HIS D 17 15.02 -8.96 -24.27
N LYS D 18 15.67 -9.91 -23.62
CA LYS D 18 16.95 -10.44 -24.06
C LYS D 18 16.99 -11.95 -23.78
N TRP D 19 18.12 -12.58 -24.08
CA TRP D 19 18.32 -14.02 -23.90
C TRP D 19 18.77 -14.39 -22.48
N LEU D 20 19.54 -15.47 -22.32
CA LEU D 20 19.96 -15.95 -21.00
C LEU D 20 21.24 -15.27 -20.50
N GLU D 21 21.32 -13.93 -20.56
CA GLU D 21 22.51 -13.21 -20.03
C GLU D 21 22.75 -13.43 -18.53
N GLY D 22 21.68 -13.76 -17.80
CA GLY D 22 21.79 -14.22 -16.42
C GLY D 22 22.58 -15.51 -16.26
N ASP D 23 22.48 -16.40 -17.26
CA ASP D 23 23.25 -17.65 -17.29
C ASP D 23 24.11 -17.83 -18.55
N SER D 24 24.64 -16.72 -19.08
CA SER D 24 25.53 -16.74 -20.26
C SER D 24 26.98 -16.76 -19.85
N LEU D 25 27.34 -15.79 -19.00
CA LEU D 25 28.64 -15.80 -18.34
C LEU D 25 28.72 -16.93 -17.33
N ARG D 26 27.58 -17.33 -16.76
CA ARG D 26 27.52 -18.46 -15.84
C ARG D 26 27.44 -19.83 -16.54
N THR D 27 27.58 -19.87 -17.87
CA THR D 27 27.88 -21.12 -18.57
C THR D 27 29.28 -21.58 -18.17
N HIS D 28 30.26 -20.69 -18.36
CA HIS D 28 31.65 -20.95 -17.99
C HIS D 28 31.83 -21.18 -16.48
N LEU D 29 31.08 -20.45 -15.66
CA LEU D 29 31.11 -20.66 -14.21
C LEU D 29 30.53 -22.01 -13.78
N THR D 30 29.74 -22.65 -14.63
CA THR D 30 29.34 -24.06 -14.43
C THR D 30 30.33 -25.03 -15.06
N ARG D 31 30.98 -24.63 -16.15
CA ARG D 31 32.03 -25.45 -16.78
C ARG D 31 33.23 -25.66 -15.86
N VAL D 32 33.77 -24.57 -15.32
CA VAL D 32 35.00 -24.61 -14.50
C VAL D 32 34.73 -25.34 -13.17
N GLU D 33 33.55 -25.12 -12.59
CA GLU D 33 33.11 -25.92 -11.44
C GLU D 33 32.85 -27.37 -11.82
N GLY D 34 32.51 -27.62 -13.09
CA GLY D 34 32.56 -28.97 -13.67
C GLY D 34 33.96 -29.57 -13.70
N TRP D 35 34.97 -28.74 -13.95
CA TRP D 35 36.38 -29.17 -13.84
C TRP D 35 36.83 -29.38 -12.38
N VAL D 36 36.18 -28.71 -11.44
CA VAL D 36 36.50 -28.85 -10.01
C VAL D 36 35.82 -30.08 -9.38
N TRP D 37 34.49 -30.07 -9.35
CA TRP D 37 33.69 -31.10 -8.65
C TRP D 37 33.82 -32.52 -9.22
N LYS D 38 34.21 -32.65 -10.49
CA LYS D 38 34.35 -33.96 -11.15
C LYS D 38 35.80 -34.43 -11.33
N ASN D 39 36.78 -33.56 -11.07
CA ASN D 39 38.20 -33.93 -11.13
C ASN D 39 38.90 -33.47 -9.85
N ARG D 40 38.38 -33.91 -8.72
CA ARG D 40 38.83 -33.46 -7.39
C ARG D 40 40.31 -33.76 -7.10
N LEU D 41 40.84 -34.83 -7.68
CA LEU D 41 42.26 -35.18 -7.55
C LEU D 41 43.14 -34.15 -8.27
N LEU D 42 42.77 -33.80 -9.50
CA LEU D 42 43.46 -32.75 -10.25
C LEU D 42 43.20 -31.35 -9.69
N ALA D 43 42.03 -31.16 -9.08
CA ALA D 43 41.70 -29.90 -8.38
C ALA D 43 42.60 -29.69 -7.15
N LEU D 44 42.93 -30.77 -6.46
CA LEU D 44 43.89 -30.73 -5.36
C LEU D 44 45.36 -30.80 -5.84
N ALA D 45 45.57 -31.21 -7.09
CA ALA D 45 46.88 -31.08 -7.74
C ALA D 45 47.29 -29.63 -7.99
N MET D 46 46.31 -28.73 -8.09
CA MET D 46 46.57 -27.29 -8.28
C MET D 46 47.19 -26.59 -7.07
N VAL D 47 47.03 -27.17 -5.89
CA VAL D 47 47.58 -26.61 -4.65
C VAL D 47 49.12 -26.75 -4.63
N THR D 48 49.65 -27.75 -5.35
CA THR D 48 51.10 -28.00 -5.41
C THR D 48 51.90 -26.96 -6.23
N VAL D 49 51.21 -25.98 -6.83
CA VAL D 49 51.87 -24.84 -7.47
C VAL D 49 51.92 -23.62 -6.52
N VAL D 50 50.94 -23.48 -5.63
CA VAL D 50 50.83 -22.29 -4.77
C VAL D 50 51.92 -22.28 -3.70
N TRP D 51 51.89 -23.26 -2.81
CA TRP D 51 52.78 -23.29 -1.63
C TRP D 51 54.06 -24.13 -1.82
N LEU D 52 54.37 -24.52 -3.07
CA LEU D 52 55.61 -25.27 -3.37
C LEU D 52 56.50 -24.62 -4.44
N THR D 53 55.92 -24.07 -5.50
CA THR D 53 56.69 -23.41 -6.57
C THR D 53 56.90 -21.92 -6.24
N LEU D 54 57.42 -21.14 -7.19
CA LEU D 54 57.68 -19.70 -6.99
C LEU D 54 56.38 -18.92 -6.74
N GLU D 55 56.13 -18.62 -5.47
CA GLU D 55 54.87 -18.01 -5.03
C GLU D 55 54.98 -16.48 -4.95
N SER D 56 55.37 -15.88 -6.07
CA SER D 56 55.45 -14.41 -6.17
C SER D 56 54.03 -13.86 -6.16
N VAL D 57 53.81 -12.84 -5.33
CA VAL D 57 52.49 -12.46 -4.79
C VAL D 57 51.46 -12.16 -5.89
N VAL D 58 51.85 -11.33 -6.85
CA VAL D 58 50.97 -10.92 -7.95
C VAL D 58 50.76 -12.09 -8.92
N THR D 59 51.82 -12.87 -9.18
CA THR D 59 51.76 -13.99 -10.13
C THR D 59 51.32 -15.33 -9.53
N ARG D 60 50.58 -15.32 -8.41
CA ARG D 60 49.92 -16.53 -7.91
C ARG D 60 48.59 -16.72 -8.64
N VAL D 61 47.70 -15.75 -8.47
CA VAL D 61 46.31 -15.84 -8.97
C VAL D 61 46.29 -15.77 -10.50
N ALA D 62 47.19 -14.97 -11.08
CA ALA D 62 47.35 -14.88 -12.54
C ALA D 62 47.87 -16.16 -13.20
N VAL D 63 48.35 -17.12 -12.41
CA VAL D 63 48.60 -18.48 -12.88
C VAL D 63 47.42 -19.42 -12.55
N LEU D 64 46.88 -19.30 -11.33
CA LEU D 64 45.81 -20.19 -10.85
C LEU D 64 44.52 -20.14 -11.66
N VAL D 65 43.89 -18.97 -11.72
CA VAL D 65 42.59 -18.80 -12.37
C VAL D 65 42.72 -19.03 -13.88
N VAL D 66 43.87 -18.63 -14.44
CA VAL D 66 44.21 -18.89 -15.85
C VAL D 66 44.23 -20.39 -16.14
N LEU D 67 45.00 -21.14 -15.36
CA LEU D 67 45.12 -22.59 -15.53
C LEU D 67 43.78 -23.33 -15.33
N LEU D 68 42.96 -22.86 -14.38
CA LEU D 68 41.62 -23.42 -14.18
C LEU D 68 40.69 -23.15 -15.36
N CYS D 69 40.80 -21.96 -15.95
CA CYS D 69 39.96 -21.56 -17.09
C CYS D 69 40.50 -21.99 -18.46
N LEU D 70 41.70 -22.57 -18.50
CA LEU D 70 42.26 -23.14 -19.75
C LEU D 70 41.43 -24.31 -20.27
N ALA D 71 41.08 -25.21 -19.35
CA ALA D 71 40.39 -26.45 -19.69
C ALA D 71 38.94 -26.16 -20.10
N PRO D 72 38.61 -26.36 -21.40
CA PRO D 72 37.29 -25.94 -21.90
C PRO D 72 36.17 -26.89 -21.49
N VAL E 2 22.60 -24.58 -20.25
CA VAL E 2 22.47 -25.88 -20.97
C VAL E 2 23.73 -26.17 -21.78
N LEU E 3 24.42 -27.24 -21.41
CA LEU E 3 25.75 -27.52 -21.94
C LEU E 3 26.03 -29.02 -21.90
N ILE E 4 26.40 -29.57 -23.04
CA ILE E 4 26.92 -30.93 -23.14
C ILE E 4 28.43 -30.83 -23.26
N PRO E 5 29.18 -31.48 -22.36
CA PRO E 5 30.64 -31.48 -22.54
C PRO E 5 31.04 -32.41 -23.67
N SER E 6 32.19 -32.15 -24.26
CA SER E 6 32.68 -32.95 -25.39
C SER E 6 33.42 -34.21 -24.91
N HIS E 7 33.88 -35.01 -25.86
CA HIS E 7 34.81 -36.11 -25.60
C HIS E 7 36.27 -35.70 -25.83
N ALA E 8 36.60 -34.46 -25.49
CA ALA E 8 37.97 -34.11 -25.11
C ALA E 8 38.32 -34.97 -23.90
N GLN E 9 37.36 -35.06 -22.97
CA GLN E 9 37.49 -35.83 -21.72
C GLN E 9 37.62 -37.34 -21.90
N GLY E 10 36.63 -37.94 -22.58
CA GLY E 10 36.51 -39.40 -22.62
C GLY E 10 37.65 -40.14 -23.31
N GLU E 11 37.56 -40.23 -24.63
CA GLU E 11 38.58 -40.88 -25.48
C GLU E 11 38.92 -42.30 -25.01
N LEU E 12 37.94 -43.18 -25.16
CA LEU E 12 38.03 -44.58 -24.73
C LEU E 12 39.05 -45.36 -25.55
N THR E 13 38.70 -45.57 -26.82
CA THR E 13 39.30 -46.61 -27.65
C THR E 13 39.31 -46.18 -29.12
N GLY E 14 39.63 -47.11 -30.02
CA GLY E 14 39.33 -46.93 -31.42
C GLY E 14 40.23 -47.64 -32.41
N ARG E 15 39.66 -48.60 -33.14
CA ARG E 15 40.20 -49.07 -34.42
C ARG E 15 39.13 -49.18 -35.50
N GLY E 16 37.97 -48.57 -35.27
CA GLY E 16 36.83 -48.66 -36.18
C GLY E 16 36.72 -47.42 -37.03
N HIS E 17 35.75 -46.57 -36.71
CA HIS E 17 35.58 -45.27 -37.36
C HIS E 17 35.15 -44.29 -36.29
N LYS E 18 35.67 -43.06 -36.38
CA LYS E 18 35.35 -42.00 -35.43
C LYS E 18 34.83 -40.77 -36.17
N TRP E 19 34.32 -39.80 -35.42
CA TRP E 19 33.70 -38.60 -36.00
C TRP E 19 34.68 -37.65 -36.67
N LEU E 20 35.47 -36.97 -35.84
CA LEU E 20 36.30 -35.87 -36.28
C LEU E 20 37.57 -35.89 -35.42
N GLU E 21 38.55 -36.68 -35.88
CA GLU E 21 39.83 -36.83 -35.18
C GLU E 21 40.87 -35.83 -35.70
N GLY E 22 40.75 -35.44 -36.97
CA GLY E 22 41.52 -34.34 -37.54
C GLY E 22 40.90 -32.95 -37.37
N ASP E 23 39.81 -32.87 -36.62
CA ASP E 23 39.17 -31.57 -36.28
C ASP E 23 38.96 -31.32 -34.77
N SER E 24 38.88 -32.36 -33.94
CA SER E 24 38.75 -32.21 -32.47
C SER E 24 39.87 -31.38 -31.86
N LEU E 25 41.10 -31.67 -32.26
CA LEU E 25 42.27 -30.86 -31.90
C LEU E 25 42.25 -29.51 -32.64
N ARG E 26 41.69 -29.49 -33.86
CA ARG E 26 41.68 -28.30 -34.72
C ARG E 26 40.42 -27.41 -34.70
N THR E 27 39.41 -27.80 -33.92
CA THR E 27 38.28 -26.90 -33.61
C THR E 27 38.82 -25.68 -32.87
N HIS E 28 39.64 -25.93 -31.85
CA HIS E 28 40.28 -24.87 -31.07
C HIS E 28 41.28 -24.05 -31.89
N LEU E 29 42.00 -24.70 -32.80
CA LEU E 29 42.94 -24.00 -33.70
C LEU E 29 42.22 -23.07 -34.68
N THR E 30 41.08 -23.52 -35.22
CA THR E 30 40.22 -22.67 -36.04
C THR E 30 39.54 -21.57 -35.22
N ARG E 31 39.25 -21.83 -33.95
CA ARG E 31 38.78 -20.79 -33.02
C ARG E 31 39.86 -19.73 -32.77
N VAL E 32 41.12 -20.14 -32.70
CA VAL E 32 42.25 -19.20 -32.61
C VAL E 32 42.27 -18.31 -33.86
N GLU E 33 42.05 -18.91 -35.03
CA GLU E 33 41.85 -18.15 -36.28
C GLU E 33 40.62 -17.22 -36.20
N GLY E 34 39.60 -17.62 -35.44
CA GLY E 34 38.52 -16.71 -35.04
C GLY E 34 38.96 -15.50 -34.24
N TRP E 35 39.89 -15.68 -33.29
CA TRP E 35 40.42 -14.56 -32.50
C TRP E 35 41.60 -13.82 -33.16
N VAL E 36 41.98 -14.24 -34.37
CA VAL E 36 43.02 -13.55 -35.15
C VAL E 36 42.43 -12.84 -36.37
N TRP E 37 41.73 -13.58 -37.24
CA TRP E 37 41.18 -13.00 -38.49
C TRP E 37 40.12 -11.93 -38.26
N LYS E 38 39.27 -12.12 -37.25
CA LYS E 38 38.31 -11.08 -36.86
C LYS E 38 38.94 -9.96 -36.03
N ASN E 39 40.09 -10.25 -35.41
CA ASN E 39 40.74 -9.35 -34.47
C ASN E 39 42.19 -9.07 -34.85
N ARG E 40 42.37 -8.57 -36.06
CA ARG E 40 43.70 -8.22 -36.59
C ARG E 40 44.34 -7.07 -35.80
N LEU E 41 43.50 -6.20 -35.26
CA LEU E 41 43.93 -5.15 -34.34
C LEU E 41 44.45 -5.74 -33.02
N LEU E 42 43.83 -6.83 -32.55
CA LEU E 42 44.38 -7.60 -31.42
C LEU E 42 45.60 -8.44 -31.81
N ALA E 43 45.69 -8.83 -33.08
CA ALA E 43 46.92 -9.44 -33.60
C ALA E 43 48.10 -8.48 -33.54
N LEU E 44 47.82 -7.19 -33.75
CA LEU E 44 48.81 -6.13 -33.51
C LEU E 44 48.98 -5.77 -32.03
N ALA E 45 47.91 -5.89 -31.24
CA ALA E 45 47.96 -5.60 -29.79
C ALA E 45 48.82 -6.58 -28.98
N MET E 46 48.93 -7.82 -29.46
CA MET E 46 49.80 -8.81 -28.83
C MET E 46 51.28 -8.69 -29.24
N VAL E 47 51.58 -7.86 -30.23
CA VAL E 47 52.98 -7.58 -30.61
C VAL E 47 53.63 -6.68 -29.55
N THR E 48 52.90 -5.67 -29.09
CA THR E 48 53.38 -4.76 -28.02
C THR E 48 53.54 -5.47 -26.67
N VAL E 49 52.90 -6.63 -26.51
CA VAL E 49 53.16 -7.52 -25.38
C VAL E 49 54.61 -8.03 -25.45
N VAL E 50 55.07 -8.40 -26.65
CA VAL E 50 56.37 -9.07 -26.83
C VAL E 50 57.55 -8.12 -26.59
N TRP E 51 57.69 -7.11 -27.47
CA TRP E 51 58.93 -6.32 -27.56
C TRP E 51 58.98 -5.04 -26.71
N LEU E 52 57.85 -4.58 -26.18
CA LEU E 52 57.81 -3.34 -25.39
C LEU E 52 57.57 -3.51 -23.88
N THR E 53 57.07 -4.67 -23.46
CA THR E 53 56.68 -4.88 -22.05
C THR E 53 57.47 -5.99 -21.35
N LEU E 54 57.51 -7.18 -21.96
CA LEU E 54 58.03 -8.38 -21.28
C LEU E 54 59.54 -8.36 -21.00
N GLU E 55 60.34 -8.36 -22.07
CA GLU E 55 61.80 -8.55 -21.96
C GLU E 55 62.13 -9.87 -21.23
N SER E 56 61.30 -10.89 -21.48
CA SER E 56 61.36 -12.17 -20.76
C SER E 56 61.17 -13.31 -21.77
N VAL E 57 62.11 -13.37 -22.71
CA VAL E 57 62.05 -14.20 -23.95
C VAL E 57 61.50 -15.63 -23.77
N VAL E 58 61.88 -16.29 -22.67
CA VAL E 58 61.42 -17.65 -22.40
C VAL E 58 59.92 -17.67 -22.14
N THR E 59 59.45 -16.76 -21.27
CA THR E 59 58.04 -16.71 -20.87
C THR E 59 57.11 -15.98 -21.85
N ARG E 60 57.63 -15.46 -22.95
CA ARG E 60 56.82 -14.76 -23.97
C ARG E 60 55.81 -15.68 -24.65
N VAL E 61 56.23 -16.89 -24.98
CA VAL E 61 55.35 -17.88 -25.63
C VAL E 61 54.25 -18.31 -24.65
N ALA E 62 54.62 -18.50 -23.39
CA ALA E 62 53.67 -18.82 -22.32
C ALA E 62 52.66 -17.70 -22.03
N VAL E 63 52.97 -16.47 -22.45
CA VAL E 63 52.00 -15.37 -22.41
C VAL E 63 51.10 -15.41 -23.65
N LEU E 64 51.71 -15.39 -24.84
CA LEU E 64 50.97 -15.27 -26.10
C LEU E 64 49.96 -16.40 -26.34
N VAL E 65 50.45 -17.63 -26.26
CA VAL E 65 49.66 -18.82 -26.59
C VAL E 65 48.50 -18.99 -25.60
N VAL E 66 48.78 -18.74 -24.32
CA VAL E 66 47.77 -18.84 -23.26
C VAL E 66 46.68 -17.77 -23.43
N LEU E 67 47.08 -16.53 -23.72
CA LEU E 67 46.11 -15.45 -23.92
C LEU E 67 45.29 -15.59 -25.21
N LEU E 68 45.79 -16.38 -26.18
CA LEU E 68 44.99 -16.76 -27.35
C LEU E 68 44.03 -17.92 -27.06
N CYS E 69 44.53 -18.96 -26.40
CA CYS E 69 43.72 -20.16 -26.09
C CYS E 69 42.63 -19.90 -25.03
N LEU E 70 42.87 -18.95 -24.13
CA LEU E 70 41.86 -18.52 -23.15
C LEU E 70 40.62 -17.91 -23.82
N ALA E 71 40.83 -17.20 -24.93
CA ALA E 71 39.74 -16.67 -25.73
C ALA E 71 38.96 -17.85 -26.34
N PRO E 72 37.70 -18.07 -25.91
CA PRO E 72 36.97 -19.29 -26.27
C PRO E 72 36.43 -19.28 -27.70
N VAL F 2 10.67 -24.87 28.91
CA VAL F 2 12.05 -25.34 29.26
C VAL F 2 12.50 -26.40 28.25
N LEU F 3 13.71 -26.23 27.70
CA LEU F 3 14.22 -27.09 26.63
C LEU F 3 14.53 -28.51 27.09
N ILE F 4 14.59 -29.42 26.12
CA ILE F 4 15.11 -30.77 26.31
C ILE F 4 16.38 -30.86 25.48
N PRO F 5 17.54 -31.16 26.12
CA PRO F 5 18.77 -31.36 25.35
C PRO F 5 18.71 -32.53 24.39
N SER F 6 19.51 -32.46 23.33
CA SER F 6 19.63 -33.54 22.35
C SER F 6 20.59 -34.60 22.88
N HIS F 7 20.40 -35.83 22.44
CA HIS F 7 21.22 -36.96 22.85
C HIS F 7 22.32 -37.25 21.83
N ALA F 8 23.37 -36.43 21.88
CA ALA F 8 24.55 -36.58 21.04
C ALA F 8 25.77 -36.97 21.89
N GLN F 9 25.54 -37.27 23.17
CA GLN F 9 26.62 -37.62 24.10
C GLN F 9 26.49 -39.06 24.65
N GLY F 10 25.81 -39.94 23.91
CA GLY F 10 25.76 -41.37 24.26
C GLY F 10 26.11 -42.39 23.18
N GLU F 11 26.26 -41.95 21.92
CA GLU F 11 26.23 -42.81 20.70
C GLU F 11 26.49 -44.28 20.97
N LEU F 12 25.43 -45.07 20.90
CA LEU F 12 25.40 -46.38 21.54
C LEU F 12 25.81 -47.47 20.59
N THR F 13 25.16 -47.52 19.43
CA THR F 13 25.41 -48.53 18.43
C THR F 13 25.28 -47.88 17.06
N GLY F 14 25.34 -48.69 16.01
CA GLY F 14 24.97 -48.23 14.69
C GLY F 14 24.94 -49.36 13.71
N ARG F 15 23.97 -50.26 13.88
CA ARG F 15 23.73 -51.32 12.91
C ARG F 15 22.28 -51.44 12.48
N GLY F 16 21.35 -51.10 13.37
CA GLY F 16 19.96 -50.90 13.00
C GLY F 16 19.76 -49.59 12.24
N HIS F 17 18.89 -48.73 12.75
CA HIS F 17 18.56 -47.46 12.08
C HIS F 17 18.35 -46.33 13.10
N LYS F 18 19.36 -45.48 13.28
CA LYS F 18 19.15 -44.19 13.96
C LYS F 18 18.32 -43.29 13.00
N TRP F 19 17.90 -42.10 13.46
CA TRP F 19 17.04 -41.22 12.64
C TRP F 19 17.72 -40.71 11.38
N LEU F 20 18.75 -39.89 11.56
CA LEU F 20 19.53 -39.36 10.44
C LEU F 20 20.98 -39.82 10.54
N GLU F 21 21.51 -40.30 9.42
CA GLU F 21 22.92 -40.63 9.28
C GLU F 21 23.71 -39.30 9.17
N GLY F 22 24.99 -39.35 8.78
CA GLY F 22 25.89 -38.17 8.70
C GLY F 22 25.39 -36.75 8.43
N ASP F 23 24.22 -36.59 7.83
CA ASP F 23 23.56 -35.27 7.69
C ASP F 23 23.25 -34.63 9.05
N SER F 24 22.78 -35.42 10.02
CA SER F 24 22.59 -34.95 11.41
C SER F 24 23.92 -34.61 12.08
N LEU F 25 24.98 -35.31 11.71
CA LEU F 25 26.35 -34.92 12.10
C LEU F 25 26.83 -33.67 11.36
N ARG F 26 26.25 -33.40 10.18
CA ARG F 26 26.52 -32.15 9.44
C ARG F 26 25.44 -31.07 9.61
N THR F 27 24.68 -31.09 10.71
CA THR F 27 23.78 -29.98 11.07
C THR F 27 24.60 -28.73 11.33
N HIS F 28 25.62 -28.87 12.18
CA HIS F 28 26.61 -27.81 12.44
C HIS F 28 27.71 -27.69 11.37
N LEU F 29 27.52 -28.34 10.21
CA LEU F 29 28.34 -28.11 9.01
C LEU F 29 27.53 -27.55 7.81
N THR F 30 26.19 -27.57 7.90
CA THR F 30 25.32 -26.86 6.96
C THR F 30 24.79 -25.53 7.52
N ARG F 31 24.61 -25.45 8.84
CA ARG F 31 24.34 -24.17 9.52
C ARG F 31 25.51 -23.19 9.39
N VAL F 32 26.73 -23.71 9.28
CA VAL F 32 27.92 -22.90 8.98
C VAL F 32 27.81 -22.27 7.59
N GLU F 33 27.30 -23.02 6.62
CA GLU F 33 26.97 -22.46 5.31
C GLU F 33 25.79 -21.49 5.40
N GLY F 34 24.92 -21.69 6.39
CA GLY F 34 23.94 -20.68 6.82
C GLY F 34 24.58 -19.37 7.29
N TRP F 35 25.67 -19.48 8.04
CA TRP F 35 26.49 -18.30 8.40
C TRP F 35 27.16 -17.66 7.19
N VAL F 36 27.57 -18.48 6.21
CA VAL F 36 28.28 -17.97 5.02
C VAL F 36 27.34 -17.24 4.06
N TRP F 37 26.36 -17.96 3.52
CA TRP F 37 25.50 -17.45 2.43
C TRP F 37 24.53 -16.33 2.84
N LYS F 38 24.07 -16.35 4.09
CA LYS F 38 23.11 -15.35 4.59
C LYS F 38 23.75 -14.13 5.26
N ASN F 39 25.05 -14.20 5.57
CA ASN F 39 25.79 -13.08 6.17
C ASN F 39 27.10 -12.83 5.41
N ARG F 40 26.95 -12.54 4.12
CA ARG F 40 28.09 -12.23 3.22
C ARG F 40 28.89 -11.01 3.69
N LEU F 41 28.21 -10.08 4.37
CA LEU F 41 28.87 -8.97 5.06
C LEU F 41 29.87 -9.49 6.09
N LEU F 42 29.38 -10.39 6.97
CA LEU F 42 30.23 -11.03 7.99
C LEU F 42 31.20 -12.05 7.41
N ALA F 43 30.80 -12.73 6.34
CA ALA F 43 31.66 -13.72 5.67
C ALA F 43 32.90 -13.06 5.08
N LEU F 44 32.73 -11.86 4.53
CA LEU F 44 33.86 -11.03 4.10
C LEU F 44 34.56 -10.30 5.27
N ALA F 45 33.81 -10.00 6.35
CA ALA F 45 34.40 -9.41 7.56
C ALA F 45 35.36 -10.34 8.33
N MET F 46 35.21 -11.65 8.17
CA MET F 46 36.13 -12.62 8.79
C MET F 46 37.45 -12.85 8.01
N VAL F 47 37.67 -12.12 6.92
CA VAL F 47 38.93 -12.17 6.17
C VAL F 47 39.94 -11.17 6.75
N THR F 48 39.46 -10.01 7.20
CA THR F 48 40.33 -8.97 7.79
C THR F 48 40.97 -9.39 9.12
N VAL F 49 40.41 -10.39 9.78
CA VAL F 49 41.02 -10.98 10.97
C VAL F 49 42.26 -11.82 10.58
N VAL F 50 42.21 -12.47 9.42
CA VAL F 50 43.24 -13.44 8.98
C VAL F 50 44.57 -12.78 8.63
N TRP F 51 44.53 -11.84 7.67
CA TRP F 51 45.75 -11.27 7.08
C TRP F 51 46.13 -9.84 7.54
N LEU F 52 45.46 -9.31 8.57
CA LEU F 52 45.81 -7.98 9.11
C LEU F 52 46.11 -7.94 10.62
N THR F 53 45.43 -8.76 11.41
CA THR F 53 45.56 -8.73 12.88
C THR F 53 46.37 -9.89 13.48
N LEU F 54 46.19 -11.10 12.94
CA LEU F 54 46.80 -12.30 13.51
C LEU F 54 48.31 -12.42 13.24
N GLU F 55 48.69 -12.55 11.97
CA GLU F 55 50.08 -12.83 11.56
C GLU F 55 50.60 -14.13 12.22
N SER F 56 49.71 -15.12 12.32
CA SER F 56 49.95 -16.33 13.11
C SER F 56 49.48 -17.56 12.34
N VAL F 57 50.07 -17.72 11.14
CA VAL F 57 49.62 -18.63 10.06
C VAL F 57 49.05 -19.99 10.51
N VAL F 58 49.78 -20.68 11.39
CA VAL F 58 49.38 -22.03 11.83
C VAL F 58 48.12 -21.97 12.70
N THR F 59 48.10 -21.04 13.66
CA THR F 59 46.98 -20.90 14.61
C THR F 59 45.77 -20.12 14.08
N ARG F 60 45.76 -19.76 12.79
CA ARG F 60 44.61 -19.09 12.18
C ARG F 60 43.40 -20.00 11.95
N VAL F 61 43.61 -21.33 11.91
CA VAL F 61 42.54 -22.29 11.59
C VAL F 61 41.48 -22.33 12.71
N ALA F 62 41.94 -22.42 13.95
CA ALA F 62 41.06 -22.37 15.13
C ALA F 62 40.33 -21.03 15.26
N VAL F 63 40.95 -19.95 14.77
CA VAL F 63 40.32 -18.63 14.77
C VAL F 63 39.22 -18.58 13.69
N LEU F 64 39.44 -19.25 12.55
CA LEU F 64 38.40 -19.38 11.52
C LEU F 64 37.24 -20.29 11.93
N VAL F 65 37.49 -21.27 12.80
CA VAL F 65 36.43 -22.13 13.32
C VAL F 65 35.56 -21.37 14.33
N VAL F 66 36.21 -20.68 15.28
CA VAL F 66 35.50 -19.88 16.30
C VAL F 66 34.83 -18.67 15.65
N LEU F 67 33.74 -18.22 16.25
CA LEU F 67 32.89 -17.12 15.74
C LEU F 67 32.09 -17.48 14.46
N LEU F 68 32.21 -18.72 13.98
CA LEU F 68 31.41 -19.24 12.87
C LEU F 68 30.59 -20.45 13.31
N CYS F 69 31.28 -21.44 13.87
CA CYS F 69 30.67 -22.67 14.37
C CYS F 69 30.19 -22.61 15.84
N LEU F 70 30.66 -21.62 16.60
CA LEU F 70 30.35 -21.51 18.03
C LEU F 70 28.90 -21.05 18.20
N ALA F 71 28.59 -19.88 17.65
CA ALA F 71 27.26 -19.29 17.74
C ALA F 71 26.26 -20.09 16.89
N PRO F 72 24.97 -20.15 17.32
CA PRO F 72 23.98 -20.97 16.61
C PRO F 72 23.56 -20.39 15.26
N GLU G 1 -32.42 29.18 14.37
CA GLU G 1 -33.07 29.72 13.13
C GLU G 1 -32.02 30.34 12.20
N VAL G 2 -31.76 29.67 11.08
CA VAL G 2 -30.76 30.12 10.12
C VAL G 2 -31.32 31.24 9.25
N LYS G 3 -30.67 32.40 9.29
CA LYS G 3 -31.13 33.61 8.61
C LYS G 3 -30.11 34.08 7.59
N LEU G 4 -30.59 34.38 6.38
CA LEU G 4 -29.77 34.94 5.31
C LEU G 4 -30.40 36.25 4.82
N GLU G 5 -30.06 37.34 5.49
CA GLU G 5 -30.65 38.65 5.20
C GLU G 5 -29.95 39.32 4.01
N GLU G 6 -30.61 39.31 2.85
CA GLU G 6 -30.07 39.99 1.66
C GLU G 6 -30.17 41.51 1.84
N SER G 7 -29.22 42.23 1.24
CA SER G 7 -29.23 43.69 1.22
C SER G 7 -28.47 44.24 0.02
N GLY G 8 -28.64 45.54 -0.23
CA GLY G 8 -28.03 46.22 -1.37
C GLY G 8 -28.92 46.34 -2.60
N GLY G 9 -30.24 46.30 -2.40
CA GLY G 9 -31.21 46.39 -3.49
C GLY G 9 -31.50 47.84 -3.85
N GLY G 10 -30.96 48.30 -4.98
CA GLY G 10 -31.10 49.68 -5.43
C GLY G 10 -31.68 49.79 -6.83
N LEU G 11 -31.53 50.98 -7.43
CA LEU G 11 -32.03 51.25 -8.77
C LEU G 11 -30.94 51.99 -9.56
N VAL G 12 -30.13 51.22 -10.28
CA VAL G 12 -28.97 51.74 -11.01
C VAL G 12 -29.13 51.48 -12.52
N GLN G 13 -28.71 52.44 -13.33
CA GLN G 13 -28.79 52.34 -14.80
C GLN G 13 -27.81 51.29 -15.33
N PRO G 14 -28.06 50.74 -16.55
CA PRO G 14 -27.12 49.76 -17.12
C PRO G 14 -25.71 50.30 -17.35
N GLY G 15 -24.73 49.40 -17.20
CA GLY G 15 -23.32 49.78 -17.13
C GLY G 15 -22.92 50.34 -15.78
N GLY G 16 -23.73 50.06 -14.75
CA GLY G 16 -23.47 50.53 -13.37
C GLY G 16 -22.75 49.50 -12.52
N SER G 17 -22.88 49.67 -11.20
CA SER G 17 -22.21 48.81 -10.22
C SER G 17 -22.98 48.74 -8.90
N LEU G 18 -23.09 47.54 -8.34
CA LEU G 18 -23.70 47.31 -7.02
C LEU G 18 -22.73 46.54 -6.12
N LYS G 19 -23.11 46.40 -4.85
CA LYS G 19 -22.36 45.59 -3.89
C LYS G 19 -23.34 44.92 -2.92
N LEU G 20 -23.70 43.67 -3.21
CA LEU G 20 -24.60 42.90 -2.36
C LEU G 20 -23.93 42.44 -1.07
N SER G 21 -24.75 42.19 -0.06
CA SER G 21 -24.30 41.59 1.21
C SER G 21 -25.32 40.54 1.65
N CYS G 22 -24.94 39.74 2.65
CA CYS G 22 -25.82 38.71 3.20
C CYS G 22 -25.49 38.44 4.67
N ALA G 23 -26.34 38.95 5.57
CA ALA G 23 -26.17 38.70 7.00
C ALA G 23 -26.52 37.24 7.32
N ALA G 24 -25.49 36.47 7.67
CA ALA G 24 -25.62 35.04 7.91
C ALA G 24 -25.66 34.75 9.41
N SER G 25 -26.45 33.74 9.80
CA SER G 25 -26.58 33.34 11.19
C SER G 25 -27.08 31.91 11.28
N GLY G 26 -26.89 31.29 12.44
CA GLY G 26 -27.30 29.91 12.68
C GLY G 26 -26.38 28.83 12.15
N PHE G 27 -25.26 29.22 11.51
CA PHE G 27 -24.27 28.28 11.01
C PHE G 27 -22.88 28.91 10.99
N THR G 28 -21.86 28.11 11.31
CA THR G 28 -20.47 28.53 11.16
C THR G 28 -20.12 28.66 9.67
N PHE G 29 -19.20 29.57 9.38
CA PHE G 29 -18.96 30.02 8.01
C PHE G 29 -18.10 29.05 7.18
N SER G 30 -16.83 28.92 7.57
CA SER G 30 -15.83 28.20 6.75
C SER G 30 -16.03 26.68 6.65
N SER G 31 -16.89 26.12 7.50
CA SER G 31 -17.34 24.73 7.34
C SER G 31 -18.32 24.56 6.16
N TYR G 32 -18.99 25.65 5.78
CA TYR G 32 -19.87 25.67 4.61
C TYR G 32 -19.33 26.61 3.53
N GLY G 33 -20.12 26.77 2.47
CA GLY G 33 -19.87 27.71 1.36
C GLY G 33 -21.11 28.54 1.05
N MET G 34 -20.88 29.68 0.41
CA MET G 34 -21.93 30.67 0.12
C MET G 34 -21.92 31.02 -1.37
N SER G 35 -23.10 31.28 -1.94
CA SER G 35 -23.23 31.58 -3.37
C SER G 35 -24.44 32.48 -3.66
N TRP G 36 -24.52 32.96 -4.90
CA TRP G 36 -25.63 33.81 -5.36
C TRP G 36 -26.39 33.12 -6.50
N VAL G 37 -27.72 33.20 -6.45
CA VAL G 37 -28.61 32.67 -7.49
C VAL G 37 -29.65 33.73 -7.83
N ARG G 38 -29.83 34.00 -9.13
CA ARG G 38 -30.81 34.99 -9.59
C ARG G 38 -32.04 34.33 -10.23
N GLN G 39 -33.17 35.03 -10.16
CA GLN G 39 -34.44 34.56 -10.74
C GLN G 39 -35.03 35.68 -11.58
N THR G 40 -35.19 35.41 -12.88
CA THR G 40 -35.75 36.39 -13.79
C THR G 40 -37.26 36.54 -13.50
N PRO G 41 -37.84 37.75 -13.73
CA PRO G 41 -39.26 37.99 -13.45
C PRO G 41 -40.26 37.12 -14.24
N ASP G 42 -39.83 36.50 -15.33
CA ASP G 42 -40.64 35.52 -16.07
C ASP G 42 -40.42 34.06 -15.62
N LYS G 43 -40.00 33.87 -14.37
CA LYS G 43 -39.83 32.54 -13.75
C LYS G 43 -38.86 31.61 -14.52
N ARG G 44 -37.66 32.12 -14.77
CA ARG G 44 -36.55 31.32 -15.30
C ARG G 44 -35.30 31.59 -14.46
N LEU G 45 -34.89 30.58 -13.68
CA LEU G 45 -33.77 30.70 -12.74
C LEU G 45 -32.43 30.69 -13.44
N GLU G 46 -31.42 31.24 -12.76
CA GLU G 46 -30.08 31.38 -13.34
C GLU G 46 -29.03 31.58 -12.23
N LEU G 47 -27.90 30.89 -12.37
CA LEU G 47 -26.80 31.02 -11.42
C LEU G 47 -26.04 32.33 -11.67
N VAL G 48 -25.58 32.96 -10.59
CA VAL G 48 -24.73 34.15 -10.68
C VAL G 48 -23.29 33.74 -10.42
N ALA G 49 -23.00 33.28 -9.20
CA ALA G 49 -21.65 32.90 -8.80
C ALA G 49 -21.66 31.84 -7.72
N ALA G 50 -21.53 30.59 -8.15
CA ALA G 50 -21.34 29.45 -7.23
C ALA G 50 -19.88 29.35 -6.87
N THR G 51 -19.57 29.15 -5.59
CA THR G 51 -18.19 29.00 -5.16
C THR G 51 -18.09 28.12 -3.92
N ASN G 52 -16.93 27.51 -3.75
CA ASN G 52 -16.69 26.52 -2.70
C ASN G 52 -16.47 27.16 -1.31
N SER G 53 -16.11 26.34 -0.33
CA SER G 53 -15.79 26.83 1.02
C SER G 53 -14.47 27.61 1.06
N ASP G 54 -14.29 28.33 2.18
CA ASP G 54 -13.01 28.98 2.53
C ASP G 54 -12.50 30.10 1.59
N GLY G 55 -13.25 30.43 0.54
CA GLY G 55 -12.89 31.54 -0.35
C GLY G 55 -11.72 31.19 -1.23
N ASP G 56 -11.74 29.97 -1.77
CA ASP G 56 -10.64 29.45 -2.56
C ASP G 56 -10.62 30.08 -3.96
N SER G 57 -11.74 30.01 -4.65
CA SER G 57 -11.86 30.53 -6.01
C SER G 57 -13.31 30.86 -6.38
N THR G 58 -13.48 31.48 -7.55
CA THR G 58 -14.76 32.05 -7.97
C THR G 58 -15.17 31.50 -9.34
N TYR G 59 -16.43 31.04 -9.46
CA TYR G 59 -16.98 30.63 -10.76
C TYR G 59 -17.98 31.67 -11.30
N TYR G 60 -17.97 31.83 -12.63
CA TYR G 60 -18.98 32.61 -13.35
C TYR G 60 -19.37 31.91 -14.64
N PRO G 61 -20.70 31.86 -14.95
CA PRO G 61 -21.08 31.42 -16.30
C PRO G 61 -20.65 32.45 -17.34
N ASP G 62 -20.60 32.03 -18.61
CA ASP G 62 -20.10 32.89 -19.69
C ASP G 62 -20.97 34.11 -19.99
N SER G 63 -22.20 34.12 -19.46
CA SER G 63 -23.06 35.31 -19.47
C SER G 63 -22.49 36.47 -18.65
N VAL G 64 -21.84 36.16 -17.52
CA VAL G 64 -21.29 37.18 -16.62
C VAL G 64 -19.81 36.93 -16.28
N LYS G 65 -19.10 36.20 -17.14
CA LYS G 65 -17.72 35.80 -16.86
C LYS G 65 -16.75 36.96 -17.11
N GLY G 66 -16.09 37.42 -16.05
CA GLY G 66 -15.04 38.45 -16.12
C GLY G 66 -15.46 39.87 -15.71
N ARG G 67 -16.72 40.05 -15.31
CA ARG G 67 -17.25 41.35 -14.94
C ARG G 67 -17.48 41.51 -13.43
N PHE G 68 -18.15 40.53 -12.82
CA PHE G 68 -18.44 40.58 -11.39
C PHE G 68 -17.29 40.07 -10.54
N THR G 69 -17.40 40.31 -9.23
CA THR G 69 -16.40 39.86 -8.25
C THR G 69 -17.12 39.44 -6.96
N ILE G 70 -17.19 38.12 -6.75
CA ILE G 70 -17.77 37.54 -5.54
C ILE G 70 -16.65 37.38 -4.52
N SER G 71 -16.88 37.87 -3.31
CA SER G 71 -15.93 37.76 -2.21
C SER G 71 -16.71 37.49 -0.92
N ARG G 72 -15.99 37.30 0.18
CA ARG G 72 -16.60 36.87 1.44
C ARG G 72 -15.88 37.36 2.68
N ASP G 73 -16.46 37.04 3.84
CA ASP G 73 -15.84 37.27 5.14
C ASP G 73 -16.34 36.20 6.11
N ARG G 74 -15.43 35.69 6.95
CA ARG G 74 -15.73 34.52 7.78
C ARG G 74 -16.47 34.88 9.07
N ALA G 75 -15.82 35.66 9.93
CA ALA G 75 -16.35 36.00 11.26
C ALA G 75 -17.49 37.01 11.19
N LYS G 76 -17.41 37.97 10.26
CA LYS G 76 -18.44 38.99 10.06
C LYS G 76 -19.75 38.46 9.43
N ASN G 77 -19.71 37.25 8.85
CA ASN G 77 -20.89 36.58 8.25
C ASN G 77 -21.54 37.42 7.15
N THR G 78 -20.77 37.68 6.09
CA THR G 78 -21.21 38.50 4.97
C THR G 78 -20.69 37.93 3.67
N LEU G 79 -21.61 37.57 2.76
CA LEU G 79 -21.27 37.17 1.40
C LEU G 79 -21.42 38.38 0.48
N TYR G 80 -20.32 38.78 -0.15
CA TYR G 80 -20.30 39.94 -1.04
C TYR G 80 -20.49 39.54 -2.51
N LEU G 81 -20.98 40.47 -3.31
CA LEU G 81 -20.97 40.36 -4.77
C LEU G 81 -20.72 41.75 -5.37
N GLN G 82 -19.45 42.05 -5.61
CA GLN G 82 -19.05 43.32 -6.22
C GLN G 82 -19.33 43.24 -7.72
N MET G 83 -20.48 43.80 -8.12
CA MET G 83 -20.90 43.83 -9.52
C MET G 83 -20.43 45.12 -10.21
N SER G 84 -20.36 45.06 -11.53
CA SER G 84 -19.91 46.17 -12.36
C SER G 84 -20.32 45.91 -13.82
N SER G 85 -20.50 46.99 -14.57
CA SER G 85 -20.95 46.95 -15.97
C SER G 85 -22.27 46.18 -16.12
N LEU G 86 -23.33 46.73 -15.52
CA LEU G 86 -24.64 46.06 -15.49
C LEU G 86 -25.27 45.90 -16.87
N LYS G 87 -25.58 44.66 -17.25
CA LYS G 87 -26.47 44.41 -18.38
C LYS G 87 -27.89 44.81 -17.99
N SER G 88 -28.67 45.22 -18.99
CA SER G 88 -30.06 45.63 -18.77
C SER G 88 -30.98 44.45 -18.39
N GLU G 89 -30.57 43.22 -18.70
CA GLU G 89 -31.32 42.01 -18.29
C GLU G 89 -30.85 41.42 -16.94
N ASP G 90 -30.12 42.22 -16.15
CA ASP G 90 -29.73 41.83 -14.78
C ASP G 90 -30.82 42.10 -13.73
N THR G 91 -31.98 42.62 -14.17
CA THR G 91 -33.16 42.73 -13.30
C THR G 91 -33.66 41.33 -12.93
N ALA G 92 -33.27 40.89 -11.73
CA ALA G 92 -33.59 39.53 -11.25
C ALA G 92 -33.50 39.46 -9.72
N MET G 93 -34.30 38.57 -9.13
CA MET G 93 -34.32 38.37 -7.68
C MET G 93 -33.03 37.67 -7.24
N TYR G 94 -32.10 38.42 -6.66
CA TYR G 94 -30.84 37.88 -6.17
C TYR G 94 -31.01 37.24 -4.79
N TYR G 95 -30.67 35.95 -4.71
CA TYR G 95 -30.85 35.16 -3.50
C TYR G 95 -29.50 34.79 -2.89
N CYS G 96 -29.34 35.08 -1.61
CA CYS G 96 -28.23 34.55 -0.82
C CYS G 96 -28.54 33.10 -0.51
N THR G 97 -27.54 32.24 -0.71
CA THR G 97 -27.71 30.80 -0.55
C THR G 97 -26.90 30.28 0.63
N ARG G 98 -27.13 29.00 0.95
CA ARG G 98 -26.40 28.29 1.99
C ARG G 98 -26.26 26.83 1.54
N VAL G 99 -25.06 26.46 1.09
CA VAL G 99 -24.78 25.10 0.65
C VAL G 99 -24.62 24.21 1.90
N LEU G 100 -24.75 22.91 1.73
CA LEU G 100 -24.68 21.96 2.85
C LEU G 100 -23.24 21.75 3.33
N TYR G 101 -23.06 20.91 4.35
CA TYR G 101 -21.74 20.46 4.78
C TYR G 101 -20.99 19.70 3.68
N ASP G 102 -21.74 18.95 2.87
CA ASP G 102 -21.17 18.19 1.76
C ASP G 102 -20.93 19.00 0.48
N TYR G 103 -21.37 20.27 0.45
CA TYR G 103 -21.31 21.12 -0.76
C TYR G 103 -21.98 20.39 -1.95
N ASP G 104 -23.29 20.20 -1.83
CA ASP G 104 -24.04 19.35 -2.78
C ASP G 104 -24.44 20.03 -4.10
N GLY G 105 -23.92 21.23 -4.38
CA GLY G 105 -24.34 21.99 -5.56
C GLY G 105 -25.61 22.76 -5.26
N GLU G 106 -26.66 22.04 -4.86
CA GLU G 106 -27.88 22.66 -4.33
C GLU G 106 -27.63 23.32 -2.98
N PHE G 107 -28.62 24.09 -2.51
CA PHE G 107 -28.48 24.89 -1.30
C PHE G 107 -29.67 24.63 -0.37
N ALA G 108 -29.37 24.14 0.84
CA ALA G 108 -30.41 23.67 1.76
C ALA G 108 -31.28 24.82 2.28
N TYR G 109 -30.70 25.75 3.03
CA TYR G 109 -31.41 26.95 3.47
C TYR G 109 -31.09 28.14 2.57
N TRP G 110 -31.96 29.15 2.64
CA TRP G 110 -31.99 30.28 1.70
C TRP G 110 -32.32 31.58 2.46
N GLY G 111 -32.52 32.67 1.71
CA GLY G 111 -32.99 33.94 2.27
C GLY G 111 -34.27 34.44 1.61
N GLN G 112 -34.80 35.54 2.13
CA GLN G 112 -36.03 36.17 1.61
C GLN G 112 -35.87 36.77 0.21
N GLY G 113 -34.68 37.26 -0.11
CA GLY G 113 -34.34 37.73 -1.45
C GLY G 113 -34.74 39.18 -1.69
N THR G 114 -33.90 39.90 -2.43
CA THR G 114 -34.18 41.30 -2.81
C THR G 114 -34.31 41.42 -4.33
N LEU G 115 -34.68 42.61 -4.80
CA LEU G 115 -34.80 42.89 -6.23
C LEU G 115 -33.90 44.06 -6.60
N VAL G 116 -32.92 43.79 -7.48
CA VAL G 116 -32.05 44.84 -8.03
C VAL G 116 -32.47 45.06 -9.49
N THR G 117 -33.38 46.02 -9.68
CA THR G 117 -33.87 46.37 -11.01
C THR G 117 -32.83 47.23 -11.73
N VAL G 118 -32.30 46.72 -12.83
CA VAL G 118 -31.41 47.48 -13.69
C VAL G 118 -32.24 48.09 -14.81
N SER G 119 -32.68 49.33 -14.59
CA SER G 119 -33.58 50.02 -15.52
C SER G 119 -32.87 51.19 -16.20
N ALA G 120 -33.21 51.42 -17.47
CA ALA G 120 -32.55 52.43 -18.30
C ALA G 120 -32.93 53.86 -17.89
N ALA G 121 -34.22 54.19 -18.00
CA ALA G 121 -34.71 55.54 -17.75
C ALA G 121 -34.76 55.88 -16.25
N LYS G 122 -35.00 57.15 -15.95
CA LYS G 122 -35.12 57.62 -14.57
C LYS G 122 -36.46 57.20 -13.98
N THR G 123 -36.51 57.10 -12.65
CA THR G 123 -37.71 56.62 -11.93
C THR G 123 -38.84 57.67 -11.89
N THR G 124 -40.09 57.18 -11.87
CA THR G 124 -41.29 58.02 -11.76
C THR G 124 -42.26 57.41 -10.72
N PRO G 125 -42.87 58.26 -9.85
CA PRO G 125 -43.84 57.78 -8.86
C PRO G 125 -45.31 57.75 -9.37
N PRO G 126 -46.14 56.83 -8.85
CA PRO G 126 -47.57 56.81 -9.14
C PRO G 126 -48.41 57.68 -8.19
N SER G 127 -49.74 57.63 -8.35
CA SER G 127 -50.69 58.31 -7.48
C SER G 127 -51.76 57.33 -6.96
N VAL G 128 -52.59 57.81 -6.03
CA VAL G 128 -53.64 57.00 -5.38
C VAL G 128 -55.01 57.32 -5.99
N TYR G 129 -55.76 56.29 -6.38
CA TYR G 129 -57.08 56.46 -7.01
C TYR G 129 -58.08 55.37 -6.56
N PRO G 130 -58.79 55.62 -5.43
CA PRO G 130 -59.92 54.76 -5.02
C PRO G 130 -61.21 55.08 -5.80
N LEU G 131 -61.38 54.43 -6.94
CA LEU G 131 -62.43 54.80 -7.90
C LEU G 131 -63.82 54.30 -7.49
N ALA G 132 -64.85 54.71 -8.24
CA ALA G 132 -66.25 54.38 -7.92
C ALA G 132 -67.10 54.17 -9.18
N PRO G 133 -68.15 53.31 -9.10
CA PRO G 133 -69.01 53.05 -10.26
C PRO G 133 -70.01 54.17 -10.58
N GLY G 134 -70.49 54.16 -11.83
CA GLY G 134 -71.50 55.12 -12.31
C GLY G 134 -72.81 54.41 -12.66
N SER G 135 -73.00 54.15 -13.97
CA SER G 135 -74.15 53.38 -14.46
C SER G 135 -74.00 51.93 -14.05
N ALA G 136 -75.08 51.34 -13.58
CA ALA G 136 -74.97 50.26 -12.60
C ALA G 136 -76.26 49.44 -12.42
N ALA G 137 -76.08 48.14 -12.10
CA ALA G 137 -77.16 47.12 -11.93
C ALA G 137 -77.26 46.49 -10.52
N GLN G 138 -78.18 45.54 -10.35
CA GLN G 138 -78.62 45.07 -9.02
C GLN G 138 -77.55 44.38 -8.14
N THR G 139 -77.86 44.28 -6.84
CA THR G 139 -76.97 43.68 -5.83
C THR G 139 -76.67 42.20 -6.08
N ASN G 140 -75.54 41.76 -5.56
CA ASN G 140 -75.06 40.36 -5.68
C ASN G 140 -74.51 39.90 -4.32
N SER G 141 -73.93 38.70 -4.26
CA SER G 141 -73.31 38.17 -3.02
C SER G 141 -72.11 39.01 -2.58
N MET G 142 -71.20 39.24 -3.53
CA MET G 142 -70.06 40.15 -3.34
C MET G 142 -69.84 41.01 -4.59
N VAL G 143 -69.44 42.25 -4.36
CA VAL G 143 -69.00 43.17 -5.42
C VAL G 143 -67.62 43.70 -5.01
N THR G 144 -66.60 43.34 -5.77
CA THR G 144 -65.21 43.66 -5.42
C THR G 144 -64.86 45.14 -5.58
N LEU G 145 -63.68 45.51 -5.08
CA LEU G 145 -63.22 46.91 -5.02
C LEU G 145 -62.26 47.25 -6.16
N GLY G 146 -61.83 48.51 -6.24
CA GLY G 146 -60.95 48.96 -7.32
C GLY G 146 -60.03 50.12 -6.98
N CYS G 147 -58.75 49.93 -7.32
CA CYS G 147 -57.76 51.01 -7.33
C CYS G 147 -56.68 50.68 -8.36
N LEU G 148 -56.10 51.72 -8.97
CA LEU G 148 -55.13 51.55 -10.03
C LEU G 148 -53.80 52.25 -9.70
N VAL G 149 -52.70 51.54 -9.96
CA VAL G 149 -51.37 52.11 -9.88
C VAL G 149 -50.90 52.25 -11.34
N LYS G 150 -50.91 53.49 -11.83
CA LYS G 150 -50.58 53.78 -13.24
C LYS G 150 -49.56 54.92 -13.35
N GLY G 151 -48.85 54.93 -14.47
CA GLY G 151 -47.88 55.99 -14.78
C GLY G 151 -46.69 56.02 -13.84
N TYR G 152 -46.09 54.86 -13.61
CA TYR G 152 -44.93 54.73 -12.72
C TYR G 152 -43.81 53.94 -13.38
N PHE G 153 -42.64 54.00 -12.76
CA PHE G 153 -41.44 53.30 -13.25
C PHE G 153 -40.36 53.32 -12.16
N PRO G 154 -39.75 52.18 -11.79
CA PRO G 154 -40.21 50.80 -12.06
C PRO G 154 -40.50 50.06 -10.75
N GLU G 155 -40.91 48.79 -10.88
CA GLU G 155 -41.20 47.85 -9.75
C GLU G 155 -40.02 47.77 -8.75
N PRO G 156 -40.20 47.34 -7.48
CA PRO G 156 -41.36 46.58 -6.93
C PRO G 156 -42.54 47.42 -6.39
N VAL G 157 -43.47 46.77 -5.68
CA VAL G 157 -44.72 47.39 -5.23
C VAL G 157 -45.16 46.86 -3.85
N THR G 158 -45.79 47.74 -3.06
CA THR G 158 -46.50 47.36 -1.83
C THR G 158 -47.88 48.01 -1.81
N VAL G 159 -48.92 47.24 -2.14
CA VAL G 159 -50.31 47.72 -2.16
C VAL G 159 -51.20 46.81 -1.32
N THR G 160 -51.92 47.41 -0.38
CA THR G 160 -52.92 46.72 0.44
C THR G 160 -54.22 47.53 0.45
N TRP G 161 -55.23 47.05 1.18
CA TRP G 161 -56.55 47.69 1.23
C TRP G 161 -56.89 48.15 2.65
N ASN G 162 -57.00 49.47 2.84
CA ASN G 162 -57.36 50.10 4.12
C ASN G 162 -56.46 49.68 5.29
N SER G 163 -55.15 49.81 5.08
CA SER G 163 -54.11 49.46 6.07
C SER G 163 -54.23 48.03 6.64
N GLY G 164 -54.62 47.09 5.78
CA GLY G 164 -54.72 45.67 6.12
C GLY G 164 -55.95 45.21 6.88
N SER G 165 -57.02 46.00 6.85
CA SER G 165 -58.28 45.63 7.51
C SER G 165 -59.10 44.70 6.62
N LEU G 166 -59.38 45.15 5.40
CA LEU G 166 -60.08 44.34 4.40
C LEU G 166 -59.06 43.60 3.54
N SER G 167 -58.86 42.32 3.84
CA SER G 167 -57.97 41.45 3.04
C SER G 167 -58.63 40.15 2.57
N SER G 168 -59.96 40.04 2.70
CA SER G 168 -60.68 38.83 2.31
C SER G 168 -60.90 38.82 0.80
N GLY G 169 -60.19 37.92 0.11
CA GLY G 169 -60.33 37.75 -1.35
C GLY G 169 -59.42 38.67 -2.15
N VAL G 170 -58.12 38.55 -1.91
CA VAL G 170 -57.13 39.36 -2.63
C VAL G 170 -56.77 38.75 -3.98
N HIS G 171 -56.47 39.62 -4.95
CA HIS G 171 -56.01 39.20 -6.29
C HIS G 171 -54.89 40.15 -6.74
N THR G 172 -53.66 39.79 -6.37
CA THR G 172 -52.50 40.65 -6.59
C THR G 172 -51.80 40.33 -7.92
N PHE G 173 -51.49 41.38 -8.69
CA PHE G 173 -50.76 41.27 -9.95
C PHE G 173 -49.37 41.90 -9.77
N PRO G 174 -48.29 41.15 -10.07
CA PRO G 174 -46.94 41.75 -9.94
C PRO G 174 -46.64 42.91 -10.89
N ALA G 175 -46.69 42.66 -12.20
CA ALA G 175 -46.26 43.65 -13.20
C ALA G 175 -46.70 43.29 -14.62
N VAL G 176 -46.88 44.31 -15.45
CA VAL G 176 -47.07 44.17 -16.89
C VAL G 176 -46.17 45.18 -17.60
N LEU G 177 -45.14 44.69 -18.29
CA LEU G 177 -44.20 45.54 -19.03
C LEU G 177 -44.91 46.10 -20.28
N GLN G 178 -44.99 47.43 -20.37
CA GLN G 178 -45.66 48.10 -21.49
C GLN G 178 -45.01 49.46 -21.79
N SER G 179 -44.25 49.53 -22.88
CA SER G 179 -43.59 50.76 -23.36
C SER G 179 -42.68 51.41 -22.30
N ASP G 180 -41.78 50.61 -21.74
CA ASP G 180 -40.92 51.00 -20.61
C ASP G 180 -41.70 51.59 -19.42
N LEU G 181 -42.87 51.02 -19.16
CA LEU G 181 -43.71 51.38 -18.01
C LEU G 181 -44.45 50.13 -17.54
N TYR G 182 -44.81 50.11 -16.25
CA TYR G 182 -45.58 49.02 -15.67
C TYR G 182 -46.94 49.52 -15.20
N THR G 183 -47.84 48.57 -14.95
CA THR G 183 -49.18 48.87 -14.44
C THR G 183 -49.77 47.60 -13.81
N LEU G 184 -50.04 47.67 -12.50
CA LEU G 184 -50.62 46.56 -11.76
C LEU G 184 -52.01 46.94 -11.24
N SER G 185 -52.66 45.98 -10.58
CA SER G 185 -53.90 46.22 -9.85
C SER G 185 -54.02 45.24 -8.68
N SER G 186 -55.04 45.45 -7.84
CA SER G 186 -55.34 44.54 -6.74
C SER G 186 -56.83 44.54 -6.43
N SER G 187 -57.28 43.52 -5.71
CA SER G 187 -58.71 43.34 -5.41
C SER G 187 -58.97 43.00 -3.94
N VAL G 188 -60.20 43.28 -3.52
CA VAL G 188 -60.74 42.79 -2.24
C VAL G 188 -62.27 42.71 -2.39
N THR G 189 -62.87 41.66 -1.82
CA THR G 189 -64.27 41.33 -2.12
C THR G 189 -65.17 41.50 -0.90
N VAL G 190 -66.10 42.45 -0.99
CA VAL G 190 -67.14 42.67 0.02
C VAL G 190 -68.52 42.64 -0.64
N PRO G 191 -69.61 42.43 0.13
CA PRO G 191 -70.95 42.61 -0.41
C PRO G 191 -71.32 44.07 -0.76
N SER G 192 -72.47 44.24 -1.40
CA SER G 192 -72.97 45.57 -1.83
C SER G 192 -73.45 46.46 -0.67
N LYS G 193 -73.60 45.90 0.53
CA LYS G 193 -73.95 46.68 1.72
C LYS G 193 -72.77 47.44 2.33
N THR G 194 -71.55 46.91 2.15
CA THR G 194 -70.35 47.47 2.78
C THR G 194 -69.84 48.76 2.10
N TRP G 195 -69.82 48.79 0.76
CA TRP G 195 -69.22 49.91 0.01
C TRP G 195 -69.86 51.30 0.19
N PRO G 196 -71.20 51.42 0.04
CA PRO G 196 -71.80 52.75 0.21
C PRO G 196 -71.94 53.20 1.67
N SER G 197 -72.01 52.26 2.61
CA SER G 197 -72.17 52.58 4.03
C SER G 197 -70.83 52.92 4.70
N GLU G 198 -69.87 51.99 4.61
CA GLU G 198 -68.50 52.24 5.09
C GLU G 198 -67.70 52.98 4.00
N THR G 199 -66.42 53.27 4.29
CA THR G 199 -65.53 53.93 3.33
C THR G 199 -64.31 53.07 3.03
N VAL G 200 -63.93 52.99 1.75
CA VAL G 200 -62.78 52.22 1.30
C VAL G 200 -61.86 53.13 0.48
N THR G 201 -60.60 53.22 0.91
CA THR G 201 -59.57 53.96 0.19
C THR G 201 -58.32 53.08 0.08
N CYS G 202 -57.93 52.79 -1.16
CA CYS G 202 -56.76 51.96 -1.45
C CYS G 202 -55.45 52.67 -1.10
N ASN G 203 -54.40 51.89 -0.91
CA ASN G 203 -53.09 52.39 -0.54
C ASN G 203 -52.08 52.09 -1.65
N VAL G 204 -51.58 53.14 -2.29
CA VAL G 204 -50.54 53.03 -3.30
C VAL G 204 -49.23 53.54 -2.67
N ALA G 205 -48.48 52.62 -2.10
CA ALA G 205 -47.14 52.89 -1.56
C ALA G 205 -46.14 52.10 -2.40
N HIS G 206 -45.78 52.68 -3.54
CA HIS G 206 -44.91 52.02 -4.52
C HIS G 206 -43.47 52.51 -4.35
N PRO G 207 -42.53 51.60 -4.01
CA PRO G 207 -41.13 52.00 -3.77
C PRO G 207 -40.27 52.24 -5.03
N ALA G 208 -40.80 52.98 -6.01
CA ALA G 208 -40.01 53.51 -7.12
C ALA G 208 -39.35 54.81 -6.64
N SER G 209 -40.17 55.70 -6.08
CA SER G 209 -39.69 56.87 -5.32
C SER G 209 -40.17 56.87 -3.86
N SER G 210 -40.93 55.84 -3.46
CA SER G 210 -41.43 55.67 -2.08
C SER G 210 -42.27 56.84 -1.60
N THR G 211 -43.39 57.06 -2.28
CA THR G 211 -44.36 58.10 -1.94
C THR G 211 -45.79 57.58 -2.05
N LYS G 212 -46.74 58.38 -1.60
CA LYS G 212 -48.17 58.04 -1.61
C LYS G 212 -48.95 59.09 -2.39
N GLU H 1 -22.45 35.22 76.17
CA GLU H 1 -23.47 35.76 75.21
C GLU H 1 -22.79 36.22 73.92
N VAL H 2 -23.30 35.73 72.79
CA VAL H 2 -22.74 36.04 71.47
C VAL H 2 -23.49 37.24 70.89
N LYS H 3 -22.74 38.29 70.54
CA LYS H 3 -23.30 39.55 70.06
C LYS H 3 -23.02 39.76 68.58
N LEU H 4 -24.06 40.11 67.82
CA LEU H 4 -23.96 40.42 66.40
C LEU H 4 -24.79 41.67 66.09
N GLU H 5 -24.12 42.83 66.11
CA GLU H 5 -24.75 44.14 65.88
C GLU H 5 -24.54 44.58 64.43
N GLU H 6 -25.59 45.13 63.82
CA GLU H 6 -25.55 45.58 62.42
C GLU H 6 -26.02 47.03 62.26
N SER H 7 -25.58 47.66 61.18
CA SER H 7 -25.99 49.04 60.84
C SER H 7 -25.77 49.27 59.33
N GLY H 8 -25.86 50.52 58.88
CA GLY H 8 -25.54 50.90 57.49
C GLY H 8 -26.71 50.99 56.52
N GLY H 9 -27.88 50.49 56.91
CA GLY H 9 -29.09 50.55 56.08
C GLY H 9 -29.76 51.91 56.15
N GLY H 10 -30.02 52.50 54.98
CA GLY H 10 -30.65 53.81 54.88
C GLY H 10 -31.70 53.86 53.77
N LEU H 11 -31.65 54.91 52.95
CA LEU H 11 -32.53 55.07 51.79
C LEU H 11 -31.69 55.62 50.64
N VAL H 12 -31.37 54.76 49.68
CA VAL H 12 -30.49 55.09 48.56
C VAL H 12 -31.18 54.75 47.25
N GLN H 13 -31.09 55.67 46.28
CA GLN H 13 -31.73 55.50 44.97
C GLN H 13 -30.98 54.46 44.13
N PRO H 14 -31.62 53.96 43.05
CA PRO H 14 -30.90 53.07 42.12
C PRO H 14 -29.69 53.75 41.46
N GLY H 15 -28.61 52.99 41.28
CA GLY H 15 -27.32 53.51 40.83
C GLY H 15 -26.43 54.07 41.93
N GLY H 16 -26.73 53.73 43.18
CA GLY H 16 -25.96 54.20 44.35
C GLY H 16 -24.95 53.18 44.85
N SER H 17 -24.50 53.38 46.09
CA SER H 17 -23.53 52.49 46.73
C SER H 17 -23.69 52.45 48.25
N LEU H 18 -23.61 51.26 48.84
CA LEU H 18 -23.69 51.06 50.30
C LEU H 18 -22.43 50.37 50.82
N LYS H 19 -22.31 50.37 52.15
CA LYS H 19 -21.22 49.68 52.85
C LYS H 19 -21.73 49.12 54.19
N LEU H 20 -22.20 47.87 54.17
CA LEU H 20 -22.79 47.25 55.37
C LEU H 20 -21.73 46.86 56.38
N SER H 21 -22.09 46.91 57.67
CA SER H 21 -21.22 46.54 58.77
C SER H 21 -21.85 45.42 59.58
N CYS H 22 -21.00 44.63 60.26
CA CYS H 22 -21.46 43.56 61.13
C CYS H 22 -20.41 43.25 62.20
N ALA H 23 -20.62 43.78 63.41
CA ALA H 23 -19.74 43.52 64.55
C ALA H 23 -19.90 42.08 65.02
N ALA H 24 -18.85 41.56 65.67
CA ALA H 24 -18.81 40.17 66.11
C ALA H 24 -18.11 40.04 67.46
N SER H 25 -18.79 39.38 68.40
CA SER H 25 -18.23 39.08 69.72
C SER H 25 -18.94 37.87 70.32
N GLY H 26 -18.21 37.13 71.16
CA GLY H 26 -18.71 35.87 71.75
C GLY H 26 -18.23 34.61 71.06
N PHE H 27 -17.50 34.74 69.95
CA PHE H 27 -16.86 33.61 69.27
C PHE H 27 -15.54 34.04 68.66
N THR H 28 -14.60 33.11 68.55
CA THR H 28 -13.36 33.35 67.80
C THR H 28 -13.71 33.54 66.31
N PHE H 29 -13.10 34.54 65.69
CA PHE H 29 -13.52 35.03 64.38
C PHE H 29 -12.76 34.36 63.22
N SER H 30 -11.48 34.06 63.41
CA SER H 30 -10.67 33.42 62.36
C SER H 30 -10.93 31.93 62.17
N SER H 31 -11.72 31.31 63.06
CA SER H 31 -12.12 29.90 62.93
C SER H 31 -13.54 29.71 62.35
N TYR H 32 -14.36 30.75 62.34
CA TYR H 32 -15.66 30.71 61.67
C TYR H 32 -15.66 31.56 60.40
N GLY H 33 -16.68 31.32 59.59
CA GLY H 33 -16.94 32.07 58.35
C GLY H 33 -18.16 32.97 58.43
N MET H 34 -18.35 33.79 57.40
CA MET H 34 -19.37 34.83 57.34
C MET H 34 -20.06 34.83 55.98
N SER H 35 -21.19 35.53 55.90
CA SER H 35 -21.96 35.66 54.65
C SER H 35 -22.97 36.82 54.77
N TRP H 36 -23.81 37.00 53.75
CA TRP H 36 -24.95 37.94 53.80
C TRP H 36 -26.19 37.29 53.19
N VAL H 37 -27.35 37.56 53.76
CA VAL H 37 -28.63 37.00 53.32
C VAL H 37 -29.69 38.09 53.25
N ARG H 38 -30.49 38.10 52.18
CA ARG H 38 -31.60 39.05 52.03
C ARG H 38 -32.96 38.35 52.04
N GLN H 39 -33.96 39.05 52.56
CA GLN H 39 -35.35 38.60 52.58
C GLN H 39 -36.18 39.63 51.83
N THR H 40 -36.77 39.22 50.72
CA THR H 40 -37.59 40.12 49.91
C THR H 40 -38.91 40.40 50.65
N PRO H 41 -39.53 41.58 50.40
CA PRO H 41 -40.79 41.95 51.09
C PRO H 41 -42.00 40.99 50.93
N ASP H 42 -41.98 40.15 49.89
CA ASP H 42 -42.99 39.09 49.72
C ASP H 42 -42.63 37.77 50.45
N LYS H 43 -41.77 37.85 51.47
CA LYS H 43 -41.33 36.70 52.28
C LYS H 43 -40.65 35.56 51.48
N ARG H 44 -40.00 35.93 50.37
CA ARG H 44 -39.14 35.01 49.63
C ARG H 44 -37.68 35.35 49.93
N LEU H 45 -36.86 34.30 50.05
CA LEU H 45 -35.48 34.42 50.50
C LEU H 45 -34.48 34.17 49.37
N GLU H 46 -33.27 34.70 49.55
CA GLU H 46 -32.24 34.68 48.52
C GLU H 46 -30.89 35.07 49.12
N LEU H 47 -29.83 34.39 48.70
CA LEU H 47 -28.48 34.67 49.20
C LEU H 47 -27.91 35.92 48.56
N VAL H 48 -27.26 36.77 49.36
CA VAL H 48 -26.59 37.96 48.86
C VAL H 48 -25.17 37.61 48.45
N ALA H 49 -24.41 37.04 49.39
CA ALA H 49 -23.02 36.69 49.17
C ALA H 49 -22.59 35.58 50.12
N ALA H 50 -21.40 35.04 49.87
CA ALA H 50 -20.83 34.01 50.74
C ALA H 50 -19.31 34.05 50.71
N THR H 51 -18.71 33.61 51.81
CA THR H 51 -17.27 33.42 51.87
C THR H 51 -16.94 32.35 52.92
N ASN H 52 -15.75 31.78 52.80
CA ASN H 52 -15.28 30.74 53.70
C ASN H 52 -14.75 31.35 55.01
N SER H 53 -14.17 30.51 55.88
CA SER H 53 -13.51 30.99 57.10
C SER H 53 -12.25 31.81 56.76
N ASP H 54 -12.03 32.87 57.53
CA ASP H 54 -10.93 33.83 57.32
C ASP H 54 -10.92 34.62 55.98
N GLY H 55 -11.98 34.49 55.16
CA GLY H 55 -12.15 35.32 53.97
C GLY H 55 -11.09 35.18 52.88
N ASP H 56 -11.01 34.00 52.27
CA ASP H 56 -10.06 33.76 51.19
C ASP H 56 -10.68 34.09 49.86
N SER H 57 -11.80 33.41 49.57
CA SER H 57 -12.53 33.59 48.31
C SER H 57 -13.95 34.06 48.57
N THR H 58 -14.50 34.76 47.60
CA THR H 58 -15.83 35.35 47.70
C THR H 58 -16.85 34.47 46.98
N TYR H 59 -18.11 34.90 47.02
CA TYR H 59 -19.18 34.31 46.22
C TYR H 59 -20.28 35.33 45.93
N TYR H 60 -20.83 35.27 44.72
CA TYR H 60 -22.04 36.01 44.38
C TYR H 60 -22.93 35.14 43.50
N PRO H 61 -24.25 35.13 43.76
CA PRO H 61 -25.16 34.52 42.79
C PRO H 61 -25.20 35.33 41.49
N ASP H 62 -25.60 34.69 40.40
CA ASP H 62 -25.57 35.31 39.07
C ASP H 62 -26.56 36.48 38.88
N SER H 63 -27.52 36.61 39.81
CA SER H 63 -28.41 37.77 39.83
C SER H 63 -27.71 39.09 40.20
N VAL H 64 -26.73 39.01 41.11
CA VAL H 64 -26.00 40.20 41.58
C VAL H 64 -24.48 40.02 41.50
N LYS H 65 -24.02 39.22 40.53
CA LYS H 65 -22.59 38.87 40.41
C LYS H 65 -21.77 39.99 39.77
N GLY H 66 -20.63 40.31 40.38
CA GLY H 66 -19.67 41.25 39.81
C GLY H 66 -19.78 42.70 40.25
N ARG H 67 -20.98 43.11 40.68
CA ARG H 67 -21.26 44.50 41.02
C ARG H 67 -20.99 44.86 42.50
N PHE H 68 -20.78 43.85 43.35
CA PHE H 68 -20.53 44.08 44.78
C PHE H 68 -19.06 43.85 45.14
N THR H 69 -18.73 44.06 46.41
CA THR H 69 -17.41 43.74 46.96
C THR H 69 -17.56 43.37 48.44
N ILE H 70 -17.35 42.09 48.73
CA ILE H 70 -17.43 41.55 50.10
C ILE H 70 -16.03 41.39 50.67
N SER H 71 -15.89 41.70 51.95
CA SER H 71 -14.63 41.54 52.67
C SER H 71 -14.92 41.49 54.16
N ARG H 72 -13.95 41.02 54.92
CA ARG H 72 -14.03 41.01 56.38
C ARG H 72 -12.80 41.68 56.97
N ASP H 73 -12.95 42.14 58.22
CA ASP H 73 -11.83 42.68 58.98
C ASP H 73 -11.61 41.78 60.19
N ARG H 74 -10.53 41.00 60.13
CA ARG H 74 -10.13 40.11 61.23
C ARG H 74 -9.73 40.89 62.50
N ALA H 75 -9.21 42.10 62.33
CA ALA H 75 -8.78 42.94 63.47
C ALA H 75 -9.97 43.47 64.28
N LYS H 76 -10.85 44.22 63.61
CA LYS H 76 -12.01 44.85 64.25
C LYS H 76 -13.27 43.95 64.38
N ASN H 77 -13.19 42.69 63.94
CA ASN H 77 -14.33 41.75 63.90
C ASN H 77 -15.54 42.31 63.14
N THR H 78 -15.28 43.03 62.06
CA THR H 78 -16.30 43.74 61.31
C THR H 78 -16.38 43.17 59.89
N LEU H 79 -17.54 42.61 59.56
CA LEU H 79 -17.81 42.11 58.21
C LEU H 79 -18.32 43.26 57.34
N TYR H 80 -17.74 43.38 56.14
CA TYR H 80 -18.09 44.43 55.20
C TYR H 80 -18.80 43.88 53.97
N LEU H 81 -19.56 44.75 53.31
CA LEU H 81 -20.14 44.46 52.01
C LEU H 81 -20.31 45.76 51.23
N GLN H 82 -19.33 46.05 50.38
CA GLN H 82 -19.32 47.24 49.54
C GLN H 82 -20.10 46.96 48.25
N MET H 83 -21.37 47.40 48.23
CA MET H 83 -22.23 47.26 47.05
C MET H 83 -22.09 48.49 46.17
N SER H 84 -22.21 48.29 44.85
CA SER H 84 -22.05 49.37 43.88
C SER H 84 -22.89 49.12 42.62
N SER H 85 -23.28 50.19 41.94
CA SER H 85 -24.16 50.14 40.76
C SER H 85 -25.46 49.39 41.07
N LEU H 86 -26.24 49.96 41.98
CA LEU H 86 -27.44 49.30 42.50
C LEU H 86 -28.55 49.23 41.45
N LYS H 87 -28.98 48.00 41.14
CA LYS H 87 -30.22 47.79 40.38
C LYS H 87 -31.40 48.17 41.26
N SER H 88 -32.52 48.51 40.61
CA SER H 88 -33.73 48.95 41.32
C SER H 88 -34.44 47.85 42.14
N GLU H 89 -34.15 46.57 41.86
CA GLU H 89 -34.76 45.44 42.57
C GLU H 89 -33.88 44.88 43.71
N ASP H 90 -33.13 45.74 44.40
CA ASP H 90 -32.33 45.34 45.56
C ASP H 90 -33.01 45.67 46.90
N THR H 91 -34.28 46.05 46.88
CA THR H 91 -35.04 46.34 48.09
C THR H 91 -35.44 45.04 48.79
N ALA H 92 -34.68 44.68 49.83
CA ALA H 92 -34.89 43.46 50.60
C ALA H 92 -34.29 43.62 51.99
N MET H 93 -34.83 42.87 52.95
CA MET H 93 -34.33 42.86 54.32
C MET H 93 -33.01 42.07 54.42
N TYR H 94 -31.89 42.80 54.45
CA TYR H 94 -30.56 42.18 54.57
C TYR H 94 -30.33 41.63 55.97
N TYR H 95 -29.42 40.65 56.07
CA TYR H 95 -29.08 40.01 57.34
C TYR H 95 -27.61 39.62 57.32
N CYS H 96 -26.93 39.81 58.45
CA CYS H 96 -25.58 39.28 58.65
C CYS H 96 -25.69 37.87 59.24
N THR H 97 -24.67 37.06 58.99
CA THR H 97 -24.71 35.64 59.30
C THR H 97 -23.65 35.24 60.32
N ARG H 98 -23.74 33.98 60.74
CA ARG H 98 -22.70 33.32 61.51
C ARG H 98 -22.79 31.82 61.19
N VAL H 99 -21.91 31.35 60.31
CA VAL H 99 -21.88 29.94 59.90
C VAL H 99 -21.29 29.09 61.05
N LEU H 100 -21.57 27.79 61.02
CA LEU H 100 -21.09 26.86 62.06
C LEU H 100 -19.58 26.61 61.95
N TYR H 101 -19.05 25.84 62.90
CA TYR H 101 -17.66 25.33 62.83
C TYR H 101 -17.44 24.41 61.62
N ASP H 102 -18.49 23.70 61.21
CA ASP H 102 -18.43 22.78 60.07
C ASP H 102 -18.70 23.43 58.70
N TYR H 103 -19.09 24.71 58.69
CA TYR H 103 -19.41 25.44 57.44
C TYR H 103 -20.48 24.72 56.61
N ASP H 104 -21.63 24.48 57.24
CA ASP H 104 -22.68 23.63 56.67
C ASP H 104 -23.62 24.32 55.67
N GLY H 105 -23.33 25.56 55.28
CA GLY H 105 -24.20 26.32 54.38
C GLY H 105 -25.22 27.14 55.15
N GLU H 106 -25.89 26.52 56.11
CA GLU H 106 -26.79 27.24 57.03
C GLU H 106 -26.01 28.07 58.04
N PHE H 107 -26.74 28.90 58.80
CA PHE H 107 -26.14 29.84 59.74
C PHE H 107 -26.88 29.79 61.07
N ALA H 108 -26.16 29.40 62.13
CA ALA H 108 -26.76 29.15 63.44
C ALA H 108 -27.27 30.44 64.08
N TYR H 109 -26.36 31.37 64.40
CA TYR H 109 -26.75 32.68 64.91
C TYR H 109 -26.91 33.69 63.76
N TRP H 110 -27.58 34.81 64.09
CA TRP H 110 -27.99 35.82 63.12
C TRP H 110 -27.95 37.21 63.77
N GLY H 111 -28.35 38.24 63.01
CA GLY H 111 -28.52 39.59 63.52
C GLY H 111 -29.94 40.11 63.38
N GLN H 112 -30.17 41.30 63.92
CA GLN H 112 -31.49 41.97 63.82
C GLN H 112 -31.83 42.41 62.39
N GLY H 113 -30.81 42.66 61.57
CA GLY H 113 -30.99 42.99 60.15
C GLY H 113 -31.33 44.44 59.89
N THR H 114 -30.85 44.95 58.76
CA THR H 114 -31.12 46.31 58.31
C THR H 114 -31.94 46.28 57.02
N LEU H 115 -32.36 47.45 56.55
CA LEU H 115 -33.12 47.58 55.31
C LEU H 115 -32.49 48.64 54.41
N VAL H 116 -32.06 48.22 53.21
CA VAL H 116 -31.65 49.13 52.15
C VAL H 116 -32.78 49.19 51.14
N THR H 117 -33.65 50.19 51.28
CA THR H 117 -34.75 50.40 50.34
C THR H 117 -34.20 51.12 49.11
N VAL H 118 -34.21 50.40 47.97
CA VAL H 118 -33.75 50.95 46.70
C VAL H 118 -34.95 51.39 45.89
N SER H 119 -35.26 52.69 45.96
CA SER H 119 -36.42 53.27 45.27
C SER H 119 -36.03 54.58 44.58
N ALA H 120 -36.61 54.80 43.40
CA ALA H 120 -36.31 56.00 42.58
C ALA H 120 -36.89 57.28 43.17
N ALA H 121 -38.08 57.19 43.78
CA ALA H 121 -38.75 58.35 44.38
C ALA H 121 -38.06 58.82 45.66
N LYS H 122 -38.31 60.07 46.04
CA LYS H 122 -37.73 60.68 47.25
C LYS H 122 -38.66 60.55 48.45
N THR H 123 -38.07 60.55 49.64
CA THR H 123 -38.80 60.38 50.90
C THR H 123 -39.70 61.56 51.28
N THR H 124 -40.81 61.25 51.94
CA THR H 124 -41.71 62.24 52.55
C THR H 124 -42.08 61.74 53.96
N PRO H 125 -41.88 62.57 55.00
CA PRO H 125 -42.30 62.17 56.35
C PRO H 125 -43.79 62.38 56.61
N PRO H 126 -44.44 61.48 57.38
CA PRO H 126 -45.87 61.65 57.70
C PRO H 126 -46.13 62.67 58.82
N SER H 127 -47.41 62.81 59.16
CA SER H 127 -47.87 63.62 60.29
C SER H 127 -48.61 62.71 61.27
N VAL H 128 -49.17 63.29 62.34
CA VAL H 128 -49.90 62.54 63.36
C VAL H 128 -51.39 62.91 63.31
N TYR H 129 -52.25 61.89 63.13
CA TYR H 129 -53.69 62.09 63.00
C TYR H 129 -54.47 61.22 64.00
N PRO H 130 -54.62 61.70 65.25
CA PRO H 130 -55.40 60.96 66.25
C PRO H 130 -56.91 61.04 65.96
N LEU H 131 -57.40 60.11 65.13
CA LEU H 131 -58.78 60.13 64.67
C LEU H 131 -59.77 59.78 65.79
N ALA H 132 -60.80 60.61 65.95
CA ALA H 132 -61.85 60.40 66.94
C ALA H 132 -63.22 60.50 66.24
N PRO H 133 -64.12 59.52 66.45
CA PRO H 133 -65.41 59.53 65.74
C PRO H 133 -66.41 60.54 66.29
N GLY H 134 -67.45 60.80 65.51
CA GLY H 134 -68.63 61.52 65.96
C GLY H 134 -69.62 60.50 66.48
N SER H 135 -70.71 60.30 65.73
CA SER H 135 -71.63 59.19 65.97
C SER H 135 -70.97 57.88 65.54
N ALA H 136 -71.39 56.77 66.14
CA ALA H 136 -70.77 55.47 65.91
C ALA H 136 -71.75 54.33 66.23
N ALA H 137 -71.27 53.09 66.20
CA ALA H 137 -72.03 51.93 66.65
C ALA H 137 -72.30 52.02 68.16
N GLN H 138 -73.28 51.26 68.63
CA GLN H 138 -73.74 51.31 70.02
C GLN H 138 -72.72 50.68 70.98
N THR H 139 -72.96 50.84 72.29
CA THR H 139 -72.06 50.30 73.32
C THR H 139 -71.96 48.77 73.27
N ASN H 140 -70.74 48.27 73.47
CA ASN H 140 -70.42 46.84 73.38
C ASN H 140 -69.44 46.47 74.50
N SER H 141 -68.92 45.24 74.48
CA SER H 141 -67.87 44.80 75.39
C SER H 141 -66.56 45.55 75.15
N MET H 142 -66.11 45.56 73.89
CA MET H 142 -64.91 46.30 73.47
C MET H 142 -65.17 47.03 72.15
N VAL H 143 -64.76 48.31 72.11
CA VAL H 143 -64.85 49.15 70.91
C VAL H 143 -63.45 49.61 70.52
N THR H 144 -63.03 49.25 69.30
CA THR H 144 -61.68 49.55 68.82
C THR H 144 -61.47 51.03 68.49
N LEU H 145 -60.20 51.43 68.47
CA LEU H 145 -59.76 52.78 68.09
C LEU H 145 -58.76 52.67 66.94
N GLY H 146 -58.25 53.81 66.48
CA GLY H 146 -57.27 53.84 65.38
C GLY H 146 -56.88 55.24 64.93
N CYS H 147 -55.76 55.31 64.21
CA CYS H 147 -55.19 56.58 63.74
C CYS H 147 -54.73 56.46 62.30
N LEU H 148 -54.55 57.61 61.64
CA LEU H 148 -54.13 57.66 60.24
C LEU H 148 -52.66 58.06 60.11
N VAL H 149 -51.92 57.29 59.31
CA VAL H 149 -50.57 57.65 58.87
C VAL H 149 -50.61 57.64 57.35
N LYS H 150 -50.54 58.82 56.74
CA LYS H 150 -50.67 58.98 55.28
C LYS H 150 -49.64 59.94 54.71
N GLY H 151 -49.52 59.94 53.38
CA GLY H 151 -48.59 60.80 52.65
C GLY H 151 -47.12 60.57 52.94
N TYR H 152 -46.76 59.32 53.22
CA TYR H 152 -45.39 58.98 53.66
C TYR H 152 -44.67 58.10 52.64
N PHE H 153 -43.35 58.12 52.74
CA PHE H 153 -42.46 57.32 51.90
C PHE H 153 -41.05 57.36 52.51
N PRO H 154 -40.29 56.27 52.52
CA PRO H 154 -40.70 54.91 52.15
C PRO H 154 -41.04 54.07 53.39
N GLU H 155 -41.18 52.76 53.20
CA GLU H 155 -41.18 51.78 54.31
C GLU H 155 -39.77 51.77 54.95
N PRO H 156 -39.62 51.42 56.23
CA PRO H 156 -40.67 50.87 57.11
C PRO H 156 -41.46 51.93 57.90
N VAL H 157 -42.28 51.46 58.84
CA VAL H 157 -43.09 52.33 59.70
C VAL H 157 -43.41 51.62 61.02
N THR H 158 -43.30 52.36 62.13
CA THR H 158 -43.66 51.86 63.46
C THR H 158 -44.64 52.83 64.12
N VAL H 159 -45.75 52.29 64.64
CA VAL H 159 -46.80 53.09 65.29
C VAL H 159 -46.96 52.64 66.73
N THR H 160 -46.78 53.58 67.67
CA THR H 160 -47.04 53.34 69.11
C THR H 160 -48.39 53.95 69.50
N TRP H 161 -48.77 53.75 70.77
CA TRP H 161 -50.04 54.27 71.31
C TRP H 161 -49.86 54.83 72.72
N ASN H 162 -49.75 56.17 72.81
CA ASN H 162 -49.50 56.90 74.07
C ASN H 162 -48.26 56.35 74.80
N SER H 163 -47.15 56.29 74.06
CA SER H 163 -45.91 55.61 74.50
C SER H 163 -46.15 54.16 74.92
N GLY H 164 -46.98 53.47 74.13
CA GLY H 164 -47.32 52.06 74.34
C GLY H 164 -48.10 51.71 75.60
N SER H 165 -48.97 52.61 76.05
CA SER H 165 -49.79 52.37 77.25
C SER H 165 -50.92 51.38 76.94
N LEU H 166 -51.83 51.78 76.06
CA LEU H 166 -52.91 50.90 75.58
C LEU H 166 -52.42 50.14 74.35
N SER H 167 -51.76 49.01 74.59
CA SER H 167 -51.18 48.16 73.52
C SER H 167 -51.83 46.77 73.41
N SER H 168 -52.91 46.53 74.16
CA SER H 168 -53.60 45.24 74.13
C SER H 168 -54.46 45.12 72.86
N GLY H 169 -54.01 44.26 71.94
CA GLY H 169 -54.73 44.00 70.69
C GLY H 169 -54.38 44.99 69.58
N VAL H 170 -53.10 45.10 69.29
CA VAL H 170 -52.60 45.94 68.19
C VAL H 170 -52.49 45.11 66.91
N HIS H 171 -52.76 45.75 65.77
CA HIS H 171 -52.73 45.13 64.45
C HIS H 171 -52.10 46.10 63.45
N THR H 172 -50.76 46.12 63.45
CA THR H 172 -49.98 47.04 62.61
C THR H 172 -49.78 46.44 61.22
N PHE H 173 -50.13 47.20 60.17
CA PHE H 173 -50.05 46.75 58.79
C PHE H 173 -48.71 47.16 58.18
N PRO H 174 -48.02 46.22 57.48
CA PRO H 174 -46.70 46.57 56.91
C PRO H 174 -46.75 47.64 55.80
N ALA H 175 -47.42 47.32 54.69
CA ALA H 175 -47.32 48.15 53.47
C ALA H 175 -48.44 47.86 52.48
N VAL H 176 -48.86 48.89 51.75
CA VAL H 176 -49.69 48.74 50.55
C VAL H 176 -48.98 49.40 49.36
N LEU H 177 -48.48 48.58 48.44
CA LEU H 177 -47.76 49.05 47.26
C LEU H 177 -48.73 49.70 46.26
N GLN H 178 -48.75 51.03 46.22
CA GLN H 178 -49.64 51.78 45.32
C GLN H 178 -49.03 53.13 44.92
N SER H 179 -48.38 53.17 43.75
CA SER H 179 -47.92 54.40 43.09
C SER H 179 -47.00 55.27 43.96
N ASP H 180 -45.88 54.69 44.39
CA ASP H 180 -44.89 55.33 45.27
C ASP H 180 -45.50 55.88 46.59
N LEU H 181 -46.54 55.22 47.09
CA LEU H 181 -47.19 55.59 48.34
C LEU H 181 -47.62 54.34 49.11
N TYR H 182 -47.74 54.48 50.42
CA TYR H 182 -48.19 53.41 51.31
C TYR H 182 -49.22 53.95 52.30
N THR H 183 -50.01 53.04 52.86
CA THR H 183 -51.02 53.39 53.87
C THR H 183 -51.22 52.22 54.82
N LEU H 184 -51.05 52.48 56.12
CA LEU H 184 -51.24 51.47 57.16
C LEU H 184 -52.24 51.95 58.22
N SER H 185 -52.56 51.04 59.13
CA SER H 185 -53.43 51.29 60.27
C SER H 185 -52.90 50.51 61.48
N SER H 186 -53.50 50.78 62.65
CA SER H 186 -53.27 50.00 63.85
C SER H 186 -54.41 50.25 64.84
N SER H 187 -54.69 49.24 65.67
CA SER H 187 -55.89 49.20 66.50
C SER H 187 -55.56 48.92 67.97
N VAL H 188 -56.61 48.86 68.80
CA VAL H 188 -56.50 48.53 70.22
C VAL H 188 -57.81 47.88 70.66
N THR H 189 -57.77 47.11 71.74
CA THR H 189 -58.97 46.45 72.28
C THR H 189 -59.34 47.03 73.64
N VAL H 190 -60.19 48.06 73.63
CA VAL H 190 -60.61 48.78 74.83
C VAL H 190 -62.15 48.86 74.91
N PRO H 191 -62.72 48.87 76.13
CA PRO H 191 -64.19 49.02 76.25
C PRO H 191 -64.75 50.41 75.92
N SER H 192 -66.06 50.57 76.08
CA SER H 192 -66.74 51.86 75.87
C SER H 192 -66.51 52.88 76.99
N LYS H 193 -65.94 52.44 78.11
CA LYS H 193 -65.53 53.33 79.21
C LYS H 193 -64.24 54.12 78.90
N THR H 194 -63.39 53.58 78.03
CA THR H 194 -62.06 54.14 77.77
C THR H 194 -62.07 55.46 76.98
N TRP H 195 -62.80 55.50 75.86
CA TRP H 195 -62.73 56.64 74.94
C TRP H 195 -63.34 57.97 75.44
N PRO H 196 -64.65 58.00 75.74
CA PRO H 196 -65.30 59.31 75.99
C PRO H 196 -64.97 60.01 77.33
N SER H 197 -64.12 59.41 78.17
CA SER H 197 -63.66 60.04 79.41
C SER H 197 -62.17 60.41 79.41
N GLU H 198 -61.32 59.49 78.95
CA GLU H 198 -59.87 59.72 78.85
C GLU H 198 -59.50 60.24 77.45
N THR H 199 -58.20 60.46 77.21
CA THR H 199 -57.71 60.86 75.88
C THR H 199 -56.76 59.80 75.32
N VAL H 200 -57.02 59.37 74.09
CA VAL H 200 -56.18 58.40 73.37
C VAL H 200 -55.62 59.09 72.14
N THR H 201 -54.31 59.34 72.16
CA THR H 201 -53.61 60.02 71.08
C THR H 201 -52.56 59.11 70.46
N CYS H 202 -52.66 58.89 69.14
CA CYS H 202 -51.67 58.15 68.37
C CYS H 202 -50.36 58.92 68.28
N ASN H 203 -49.28 58.17 68.03
CA ASN H 203 -47.94 58.76 67.86
C ASN H 203 -47.21 57.99 66.76
N VAL H 204 -46.65 58.73 65.81
CA VAL H 204 -46.03 58.16 64.61
C VAL H 204 -44.50 58.23 64.73
N ALA H 205 -43.87 57.05 64.78
CA ALA H 205 -42.41 56.92 64.76
C ALA H 205 -41.99 56.34 63.42
N HIS H 206 -41.83 57.22 62.43
CA HIS H 206 -41.44 56.86 61.07
C HIS H 206 -40.00 57.32 60.81
N PRO H 207 -39.02 56.40 60.90
CA PRO H 207 -37.60 56.80 60.83
C PRO H 207 -37.01 56.97 59.40
N ALA H 208 -37.73 57.68 58.53
CA ALA H 208 -37.21 58.05 57.21
C ALA H 208 -36.55 59.42 57.31
N SER H 209 -37.31 60.41 57.78
CA SER H 209 -36.78 61.73 58.18
C SER H 209 -36.77 61.94 59.69
N SER H 210 -37.38 61.02 60.45
CA SER H 210 -37.40 61.04 61.92
C SER H 210 -38.02 62.31 62.51
N THR H 211 -39.31 62.50 62.23
CA THR H 211 -40.11 63.61 62.79
C THR H 211 -41.43 63.08 63.35
N LYS H 212 -42.14 63.94 64.08
CA LYS H 212 -43.41 63.58 64.71
C LYS H 212 -44.26 64.82 64.96
N ASP I 1 -24.13 23.83 -22.68
CA ASP I 1 -24.61 23.54 -21.28
C ASP I 1 -25.70 22.47 -21.28
N ILE I 2 -25.79 21.74 -20.17
CA ILE I 2 -26.78 20.68 -20.01
C ILE I 2 -28.11 21.30 -19.58
N VAL I 3 -29.10 21.24 -20.48
CA VAL I 3 -30.45 21.75 -20.20
C VAL I 3 -31.24 20.78 -19.31
N MET I 4 -32.09 21.35 -18.45
CA MET I 4 -32.93 20.59 -17.53
C MET I 4 -34.39 20.95 -17.79
N THR I 5 -35.01 20.22 -18.72
CA THR I 5 -36.38 20.50 -19.15
C THR I 5 -37.36 19.70 -18.31
N GLN I 6 -38.26 20.41 -17.62
CA GLN I 6 -39.33 19.78 -16.86
C GLN I 6 -40.50 19.46 -17.81
N SER I 7 -40.99 18.23 -17.74
CA SER I 7 -42.18 17.82 -18.51
C SER I 7 -43.47 18.38 -17.91
N GLN I 8 -43.51 18.49 -16.59
CA GLN I 8 -44.65 19.07 -15.88
C GLN I 8 -44.44 20.58 -15.67
N LYS I 9 -45.03 21.37 -16.55
CA LYS I 9 -45.01 22.83 -16.41
C LYS I 9 -46.08 23.29 -15.41
N PHE I 10 -47.35 23.07 -15.77
CA PHE I 10 -48.49 23.50 -14.94
C PHE I 10 -49.35 22.28 -14.65
N MET I 11 -49.09 21.64 -13.51
CA MET I 11 -49.82 20.45 -13.08
C MET I 11 -50.62 20.73 -11.81
N SER I 12 -51.72 19.99 -11.64
CA SER I 12 -52.60 20.11 -10.47
C SER I 12 -52.78 18.76 -9.77
N THR I 13 -53.13 18.82 -8.49
CA THR I 13 -53.38 17.64 -7.66
C THR I 13 -54.36 17.95 -6.53
N SER I 14 -54.82 16.91 -5.85
CA SER I 14 -55.70 17.05 -4.67
C SER I 14 -54.83 17.10 -3.40
N VAL I 15 -55.48 17.06 -2.23
CA VAL I 15 -54.77 17.06 -0.95
C VAL I 15 -54.17 15.68 -0.66
N GLY I 16 -55.02 14.65 -0.65
CA GLY I 16 -54.61 13.30 -0.27
C GLY I 16 -53.84 12.47 -1.29
N ASP I 17 -53.68 12.97 -2.52
CA ASP I 17 -53.03 12.20 -3.60
C ASP I 17 -51.50 12.35 -3.59
N ARG I 18 -50.83 11.33 -4.15
CA ARG I 18 -49.37 11.33 -4.31
C ARG I 18 -49.04 11.52 -5.78
N VAL I 19 -48.30 12.60 -6.09
CA VAL I 19 -47.88 12.92 -7.46
C VAL I 19 -46.37 13.03 -7.55
N THR I 20 -45.85 13.11 -8.77
CA THR I 20 -44.41 13.22 -9.01
C THR I 20 -44.08 14.14 -10.18
N VAL I 21 -42.87 14.68 -10.16
CA VAL I 21 -42.37 15.59 -11.21
C VAL I 21 -41.07 15.01 -11.77
N THR I 22 -41.00 14.93 -13.10
CA THR I 22 -39.79 14.47 -13.82
C THR I 22 -39.08 15.65 -14.46
N CYS I 23 -37.84 15.41 -14.88
CA CYS I 23 -36.99 16.44 -15.45
C CYS I 23 -35.95 15.84 -16.38
N LYS I 24 -35.85 16.41 -17.58
CA LYS I 24 -34.94 15.90 -18.61
C LYS I 24 -33.51 16.37 -18.36
N ALA I 25 -32.58 15.77 -19.11
CA ALA I 25 -31.18 16.16 -19.10
C ALA I 25 -30.61 15.91 -20.48
N SER I 26 -29.73 16.81 -20.94
CA SER I 26 -29.10 16.68 -22.27
C SER I 26 -28.20 15.45 -22.38
N GLN I 27 -27.60 15.02 -21.28
CA GLN I 27 -26.79 13.81 -21.23
C GLN I 27 -26.88 13.11 -19.87
N ASN I 28 -26.25 11.94 -19.77
CA ASN I 28 -26.27 11.12 -18.55
C ASN I 28 -25.48 11.81 -17.42
N VAL I 29 -26.22 12.39 -16.48
CA VAL I 29 -25.62 13.05 -15.30
C VAL I 29 -25.66 12.20 -14.03
N GLY I 30 -26.46 11.14 -14.03
CA GLY I 30 -26.46 10.15 -12.94
C GLY I 30 -27.06 10.69 -11.65
N THR I 31 -26.27 10.69 -10.58
CA THR I 31 -26.73 11.09 -9.24
C THR I 31 -26.41 12.57 -8.91
N ASN I 32 -26.45 13.43 -9.93
CA ASN I 32 -26.35 14.88 -9.74
C ASN I 32 -27.78 15.44 -9.75
N VAL I 33 -28.53 15.07 -8.73
CA VAL I 33 -29.97 15.31 -8.65
C VAL I 33 -30.27 16.38 -7.62
N ALA I 34 -31.13 17.33 -8.00
CA ALA I 34 -31.48 18.42 -7.10
C ALA I 34 -32.87 18.99 -7.42
N TRP I 35 -33.66 19.23 -6.38
CA TRP I 35 -35.01 19.79 -6.51
C TRP I 35 -35.21 20.94 -5.51
N TYR I 36 -36.30 21.66 -5.67
CA TYR I 36 -36.64 22.79 -4.79
C TYR I 36 -38.14 22.93 -4.56
N GLN I 37 -38.50 23.86 -3.68
CA GLN I 37 -39.88 24.21 -3.36
C GLN I 37 -39.91 25.67 -2.85
N GLN I 38 -40.29 26.59 -3.74
CA GLN I 38 -40.38 28.02 -3.40
C GLN I 38 -41.82 28.52 -3.53
N LYS I 39 -42.28 29.26 -2.52
CA LYS I 39 -43.56 29.96 -2.56
C LYS I 39 -43.33 31.43 -3.00
N PRO I 40 -44.34 32.09 -3.60
CA PRO I 40 -44.14 33.48 -4.04
C PRO I 40 -43.94 34.45 -2.87
N GLY I 41 -42.79 35.13 -2.86
CA GLY I 41 -42.40 36.01 -1.76
C GLY I 41 -41.51 35.36 -0.71
N GLN I 42 -41.61 34.03 -0.58
CA GLN I 42 -40.84 33.26 0.40
C GLN I 42 -39.63 32.57 -0.28
N SER I 43 -38.92 31.72 0.46
CA SER I 43 -37.67 31.11 -0.01
C SER I 43 -37.88 29.72 -0.65
N PRO I 44 -36.92 29.30 -1.52
CA PRO I 44 -36.86 27.89 -1.90
C PRO I 44 -36.42 26.98 -0.75
N LYS I 45 -36.50 25.66 -0.99
CA LYS I 45 -36.15 24.62 -0.02
C LYS I 45 -35.40 23.49 -0.73
N GLY I 46 -34.09 23.38 -0.47
CA GLY I 46 -33.26 22.31 -1.04
C GLY I 46 -33.53 20.98 -0.37
N LEU I 47 -34.61 20.33 -0.82
CA LEU I 47 -35.14 19.15 -0.15
C LEU I 47 -34.26 17.92 -0.31
N ILE I 48 -34.07 17.47 -1.55
CA ILE I 48 -33.45 16.19 -1.84
C ILE I 48 -32.20 16.38 -2.69
N TYR I 49 -31.09 15.79 -2.26
CA TYR I 49 -29.85 15.75 -3.04
C TYR I 49 -29.47 14.30 -3.29
N SER I 50 -28.91 14.06 -4.48
CA SER I 50 -28.60 12.71 -4.99
C SER I 50 -29.81 11.76 -5.03
N ALA I 51 -31.02 12.33 -5.17
CA ALA I 51 -32.28 11.57 -5.33
C ALA I 51 -32.74 10.67 -4.17
N SER I 52 -31.97 10.58 -3.08
CA SER I 52 -32.34 9.72 -1.95
C SER I 52 -32.01 10.25 -0.54
N TYR I 53 -31.39 11.43 -0.43
CA TYR I 53 -30.99 11.99 0.86
C TYR I 53 -31.88 13.16 1.22
N ARG I 54 -31.89 13.52 2.51
CA ARG I 54 -32.66 14.67 3.01
C ARG I 54 -31.80 15.55 3.90
N TYR I 55 -32.34 16.71 4.24
CA TYR I 55 -31.78 17.58 5.28
C TYR I 55 -32.71 17.54 6.49
N SER I 56 -32.17 17.82 7.68
CA SER I 56 -32.98 17.87 8.91
C SER I 56 -33.94 19.05 8.85
N GLY I 57 -35.24 18.76 8.88
CA GLY I 57 -36.29 19.74 8.60
C GLY I 57 -37.20 19.39 7.43
N VAL I 58 -36.88 18.30 6.72
CA VAL I 58 -37.69 17.79 5.61
C VAL I 58 -38.39 16.51 6.08
N PRO I 59 -39.74 16.47 6.03
CA PRO I 59 -40.46 15.29 6.52
C PRO I 59 -40.44 14.09 5.55
N ASP I 60 -41.15 13.02 5.91
CA ASP I 60 -41.30 11.84 5.05
C ASP I 60 -42.34 12.00 3.92
N ARG I 61 -42.99 13.16 3.86
CA ARG I 61 -43.85 13.53 2.72
C ARG I 61 -43.08 13.73 1.41
N PHE I 62 -41.77 14.02 1.52
CA PHE I 62 -40.92 14.26 0.36
C PHE I 62 -39.92 13.13 0.16
N ILE I 63 -40.22 12.24 -0.79
CA ILE I 63 -39.29 11.20 -1.24
C ILE I 63 -38.81 11.57 -2.64
N GLY I 64 -37.94 10.74 -3.22
CA GLY I 64 -37.45 10.98 -4.58
C GLY I 64 -36.73 9.79 -5.17
N SER I 65 -36.42 9.90 -6.45
CA SER I 65 -35.75 8.84 -7.21
C SER I 65 -35.15 9.44 -8.49
N GLY I 66 -34.72 8.57 -9.42
CA GLY I 66 -34.23 8.99 -10.72
C GLY I 66 -32.73 9.22 -10.74
N SER I 67 -31.99 8.27 -11.32
CA SER I 67 -30.55 8.38 -11.52
C SER I 67 -30.25 8.18 -13.00
N GLY I 68 -29.73 9.23 -13.64
CA GLY I 68 -29.48 9.24 -15.07
C GLY I 68 -29.88 10.58 -15.68
N THR I 69 -30.70 10.54 -16.73
CA THR I 69 -31.20 11.76 -17.39
C THR I 69 -32.54 12.20 -16.80
N ASP I 70 -33.47 11.26 -16.67
CA ASP I 70 -34.79 11.54 -16.08
C ASP I 70 -34.74 11.37 -14.56
N PHE I 71 -35.19 12.40 -13.85
CA PHE I 71 -35.27 12.37 -12.38
C PHE I 71 -36.70 12.17 -11.90
N THR I 72 -36.86 12.02 -10.59
CA THR I 72 -38.17 11.76 -9.97
C THR I 72 -38.26 12.42 -8.59
N LEU I 73 -39.22 13.33 -8.42
CA LEU I 73 -39.53 13.95 -7.13
C LEU I 73 -40.97 13.62 -6.75
N THR I 74 -41.15 12.47 -6.10
CA THR I 74 -42.47 12.01 -5.69
C THR I 74 -42.83 12.62 -4.33
N ILE I 75 -43.97 13.29 -4.26
CA ILE I 75 -44.46 13.88 -3.01
C ILE I 75 -45.77 13.23 -2.61
N SER I 76 -45.79 12.59 -1.44
CA SER I 76 -47.00 12.04 -0.83
C SER I 76 -47.59 13.03 0.16
N ASN I 77 -48.91 12.97 0.34
CA ASN I 77 -49.67 13.81 1.28
C ASN I 77 -49.46 15.31 0.98
N VAL I 78 -50.02 15.75 -0.14
CA VAL I 78 -49.84 17.13 -0.61
C VAL I 78 -50.63 18.09 0.29
N GLN I 79 -49.92 18.79 1.18
CA GLN I 79 -50.53 19.72 2.14
C GLN I 79 -50.90 21.05 1.48
N SER I 80 -51.49 21.95 2.29
CA SER I 80 -51.67 23.35 1.90
C SER I 80 -50.33 24.10 1.81
N GLY I 81 -49.32 23.62 2.54
CA GLY I 81 -47.95 24.15 2.45
C GLY I 81 -47.10 23.59 1.33
N ASP I 82 -47.71 22.80 0.42
CA ASP I 82 -47.05 22.32 -0.81
C ASP I 82 -47.49 23.08 -2.06
N LEU I 83 -48.39 24.05 -1.88
CA LEU I 83 -48.77 24.97 -2.95
C LEU I 83 -47.61 25.94 -3.16
N ALA I 84 -46.72 25.57 -4.09
CA ALA I 84 -45.45 26.26 -4.30
C ALA I 84 -44.94 26.04 -5.73
N GLU I 85 -43.69 26.42 -5.97
CA GLU I 85 -43.04 26.25 -7.28
C GLU I 85 -41.83 25.32 -7.11
N TYR I 86 -41.83 24.24 -7.88
CA TYR I 86 -40.80 23.20 -7.80
C TYR I 86 -39.77 23.35 -8.91
N PHE I 87 -38.53 23.62 -8.53
CA PHE I 87 -37.45 23.75 -9.51
C PHE I 87 -36.73 22.42 -9.73
N CYS I 88 -36.08 22.32 -10.89
CA CYS I 88 -35.20 21.22 -11.24
C CYS I 88 -33.78 21.76 -11.30
N GLN I 89 -32.81 20.88 -11.13
CA GLN I 89 -31.40 21.28 -11.14
C GLN I 89 -30.50 20.07 -11.36
N GLN I 90 -29.52 20.23 -12.24
CA GLN I 90 -28.34 19.37 -12.27
C GLN I 90 -27.19 20.13 -11.62
N TYR I 91 -26.38 19.43 -10.85
CA TYR I 91 -25.12 20.00 -10.35
C TYR I 91 -23.90 19.21 -10.85
N ASN I 92 -24.09 18.48 -11.95
CA ASN I 92 -22.99 17.84 -12.67
C ASN I 92 -22.15 18.93 -13.33
N ASN I 93 -22.73 19.60 -14.30
CA ASN I 93 -22.02 20.50 -15.18
C ASN I 93 -21.79 21.85 -14.55
N HIS I 94 -20.76 22.55 -15.04
CA HIS I 94 -20.62 23.97 -14.84
C HIS I 94 -21.08 24.69 -16.12
N PRO I 95 -22.08 25.59 -16.06
CA PRO I 95 -22.79 25.98 -14.83
C PRO I 95 -23.85 24.98 -14.40
N LEU I 96 -24.15 24.96 -13.11
CA LEU I 96 -25.23 24.12 -12.57
C LEU I 96 -26.58 24.72 -12.98
N THR I 97 -27.04 24.31 -14.16
CA THR I 97 -28.27 24.81 -14.78
C THR I 97 -29.51 24.42 -13.99
N PHE I 98 -30.61 25.12 -14.29
CA PHE I 98 -31.86 25.00 -13.51
C PHE I 98 -33.07 24.68 -14.37
N GLY I 99 -34.12 24.21 -13.70
CA GLY I 99 -35.43 24.01 -14.30
C GLY I 99 -36.19 25.32 -14.24
N ALA I 100 -37.15 25.49 -15.16
CA ALA I 100 -37.97 26.71 -15.20
C ALA I 100 -38.88 26.86 -13.98
N GLY I 101 -39.51 25.75 -13.57
CA GLY I 101 -40.31 25.69 -12.34
C GLY I 101 -41.65 25.02 -12.54
N THR I 102 -41.92 23.97 -11.76
CA THR I 102 -43.20 23.25 -11.78
C THR I 102 -44.13 23.87 -10.74
N LYS I 103 -45.16 24.58 -11.21
CA LYS I 103 -46.18 25.15 -10.35
C LYS I 103 -47.21 24.09 -10.02
N LEU I 104 -47.06 23.45 -8.86
CA LEU I 104 -48.04 22.46 -8.40
C LEU I 104 -49.30 23.21 -7.97
N GLU I 105 -50.43 22.73 -8.46
CA GLU I 105 -51.71 23.40 -8.27
C GLU I 105 -52.69 22.51 -7.49
N LEU I 106 -53.72 23.14 -6.93
CA LEU I 106 -54.79 22.45 -6.23
C LEU I 106 -56.00 22.26 -7.16
N LYS I 107 -56.54 21.03 -7.17
CA LYS I 107 -57.67 20.69 -8.04
C LYS I 107 -58.95 21.38 -7.56
N ARG I 108 -59.66 21.97 -8.52
CA ARG I 108 -60.85 22.78 -8.26
C ARG I 108 -61.71 22.78 -9.53
N ALA I 109 -63.03 22.90 -9.38
CA ALA I 109 -63.99 22.80 -10.50
C ALA I 109 -63.92 24.02 -11.44
N ASP I 110 -64.78 24.05 -12.46
CA ASP I 110 -64.90 25.21 -13.34
C ASP I 110 -65.94 26.20 -12.81
N ALA I 111 -65.49 27.40 -12.45
CA ALA I 111 -66.33 28.43 -11.86
C ALA I 111 -66.55 29.59 -12.83
N ALA I 112 -67.52 30.44 -12.50
CA ALA I 112 -67.85 31.62 -13.28
C ALA I 112 -67.24 32.88 -12.64
N PRO I 113 -66.72 33.82 -13.46
CA PRO I 113 -66.08 35.02 -12.91
C PRO I 113 -67.06 36.12 -12.50
N THR I 114 -66.51 37.26 -12.05
CA THR I 114 -67.31 38.45 -11.71
C THR I 114 -66.50 39.72 -12.00
N VAL I 115 -67.21 40.78 -12.38
CA VAL I 115 -66.58 42.04 -12.79
C VAL I 115 -67.24 43.22 -12.07
N SER I 116 -66.41 44.05 -11.42
CA SER I 116 -66.84 45.37 -10.93
C SER I 116 -66.08 46.42 -11.74
N ILE I 117 -66.58 46.70 -12.94
CA ILE I 117 -65.99 47.72 -13.83
C ILE I 117 -66.20 49.13 -13.24
N PHE I 118 -65.09 49.82 -12.95
CA PHE I 118 -65.14 51.14 -12.31
C PHE I 118 -64.54 52.22 -13.22
N PRO I 119 -65.39 53.11 -13.77
CA PRO I 119 -64.90 54.34 -14.40
C PRO I 119 -64.28 55.31 -13.39
N PRO I 120 -63.41 56.24 -13.86
CA PRO I 120 -62.79 57.20 -12.93
C PRO I 120 -63.75 58.23 -12.30
N SER I 121 -63.51 58.54 -11.03
CA SER I 121 -64.27 59.54 -10.29
C SER I 121 -63.57 60.91 -10.41
N SER I 122 -63.96 61.87 -9.57
CA SER I 122 -63.39 63.23 -9.61
C SER I 122 -61.93 63.35 -9.12
N GLU I 123 -61.38 62.31 -8.51
CA GLU I 123 -59.98 62.31 -8.05
C GLU I 123 -58.94 62.18 -9.18
N GLN I 124 -59.35 61.65 -10.34
CA GLN I 124 -58.45 61.49 -11.50
C GLN I 124 -58.65 62.57 -12.59
N LEU I 125 -59.82 63.21 -12.62
CA LEU I 125 -60.11 64.29 -13.57
C LEU I 125 -59.26 65.56 -13.36
N THR I 126 -58.69 65.72 -12.15
CA THR I 126 -57.74 66.81 -11.87
C THR I 126 -56.46 66.66 -12.71
N SER I 127 -55.94 65.44 -12.81
CA SER I 127 -54.73 65.15 -13.57
C SER I 127 -54.90 65.19 -15.10
N GLY I 128 -56.14 65.30 -15.59
CA GLY I 128 -56.43 65.38 -17.02
C GLY I 128 -56.63 64.05 -17.72
N GLY I 129 -56.35 62.95 -17.02
CA GLY I 129 -56.51 61.59 -17.55
C GLY I 129 -57.66 60.86 -16.91
N ALA I 130 -58.06 59.74 -17.55
CA ALA I 130 -59.14 58.89 -17.05
C ALA I 130 -58.90 57.44 -17.45
N SER I 131 -58.52 56.61 -16.47
CA SER I 131 -58.13 55.23 -16.68
C SER I 131 -59.22 54.34 -16.08
N VAL I 132 -60.00 53.70 -16.96
CA VAL I 132 -61.13 52.86 -16.54
C VAL I 132 -60.57 51.50 -16.09
N VAL I 133 -61.00 51.01 -14.93
CA VAL I 133 -60.38 49.85 -14.28
C VAL I 133 -61.36 48.68 -14.24
N CYS I 134 -60.93 47.56 -14.82
CA CYS I 134 -61.68 46.28 -14.81
C CYS I 134 -60.97 45.26 -13.92
N PHE I 135 -61.70 44.18 -13.61
CA PHE I 135 -61.17 43.04 -12.87
C PHE I 135 -61.81 41.74 -13.34
N LEU I 136 -60.97 40.72 -13.56
CA LEU I 136 -61.43 39.36 -13.79
C LEU I 136 -60.94 38.53 -12.61
N ASN I 137 -61.89 38.10 -11.77
CA ASN I 137 -61.58 37.38 -10.53
C ASN I 137 -62.43 36.11 -10.42
N ASN I 138 -61.98 35.20 -9.57
CA ASN I 138 -62.71 33.98 -9.22
C ASN I 138 -63.05 33.09 -10.42
N PHE I 139 -62.03 32.53 -11.06
CA PHE I 139 -62.23 31.64 -12.22
C PHE I 139 -61.16 30.54 -12.35
N TYR I 140 -61.60 29.36 -12.76
CA TYR I 140 -60.73 28.23 -13.14
C TYR I 140 -61.31 27.59 -14.41
N PRO I 141 -60.50 27.25 -15.42
CA PRO I 141 -59.03 27.40 -15.45
C PRO I 141 -58.55 28.83 -15.81
N LYS I 142 -57.26 28.99 -16.07
CA LYS I 142 -56.68 30.29 -16.46
C LYS I 142 -57.17 30.87 -17.80
N ASP I 143 -57.72 30.02 -18.68
CA ASP I 143 -58.22 30.46 -19.98
C ASP I 143 -59.50 31.31 -19.83
N ILE I 144 -59.37 32.61 -20.10
CA ILE I 144 -60.48 33.56 -20.00
C ILE I 144 -60.24 34.73 -20.96
N ASN I 145 -61.31 35.35 -21.45
CA ASN I 145 -61.22 36.43 -22.45
C ASN I 145 -61.19 37.80 -21.76
N VAL I 146 -60.32 38.67 -22.26
CA VAL I 146 -60.19 40.06 -21.78
C VAL I 146 -60.46 41.01 -22.95
N LYS I 147 -61.58 41.73 -22.86
CA LYS I 147 -62.01 42.67 -23.90
C LYS I 147 -62.62 43.93 -23.25
N TRP I 148 -63.16 44.84 -24.06
CA TRP I 148 -63.81 46.06 -23.57
C TRP I 148 -65.11 46.37 -24.32
N LYS I 149 -66.11 46.88 -23.60
CA LYS I 149 -67.35 47.38 -24.19
C LYS I 149 -67.51 48.86 -23.82
N ILE I 150 -66.86 49.72 -24.60
CA ILE I 150 -67.06 51.17 -24.51
C ILE I 150 -68.23 51.48 -25.45
N ASP I 151 -69.43 51.56 -24.86
CA ASP I 151 -70.71 51.54 -25.60
C ASP I 151 -70.82 50.33 -26.54
N GLY I 152 -70.36 49.16 -26.05
CA GLY I 152 -70.37 47.91 -26.80
C GLY I 152 -69.39 47.77 -27.97
N SER I 153 -68.47 48.73 -28.13
CA SER I 153 -67.52 48.71 -29.24
C SER I 153 -66.29 47.87 -28.87
N GLU I 154 -65.84 47.04 -29.82
CA GLU I 154 -64.66 46.19 -29.63
C GLU I 154 -63.39 47.05 -29.65
N ARG I 155 -62.50 46.83 -28.69
CA ARG I 155 -61.27 47.62 -28.54
C ARG I 155 -60.17 46.80 -27.86
N GLN I 156 -59.13 46.44 -28.62
CA GLN I 156 -57.97 45.70 -28.10
C GLN I 156 -56.99 46.62 -27.33
N ASP I 157 -57.15 47.94 -27.45
CA ASP I 157 -56.39 48.89 -26.64
C ASP I 157 -56.85 48.80 -25.18
N GLY I 158 -55.92 48.48 -24.29
CA GLY I 158 -56.21 48.28 -22.86
C GLY I 158 -56.33 46.83 -22.44
N VAL I 159 -55.57 45.94 -23.07
CA VAL I 159 -55.52 44.53 -22.68
C VAL I 159 -54.12 44.26 -22.13
N LEU I 160 -54.01 44.25 -20.81
CA LEU I 160 -52.77 43.98 -20.11
C LEU I 160 -53.00 42.83 -19.14
N ASN I 161 -52.40 41.68 -19.44
CA ASN I 161 -52.66 40.43 -18.73
C ASN I 161 -51.48 40.05 -17.84
N SER I 162 -51.77 39.86 -16.56
CA SER I 162 -50.81 39.31 -15.59
C SER I 162 -51.45 38.13 -14.86
N TRP I 163 -50.62 37.15 -14.53
CA TRP I 163 -51.08 35.93 -13.89
C TRP I 163 -50.94 36.02 -12.37
N THR I 164 -51.59 35.09 -11.67
CA THR I 164 -51.60 35.07 -10.20
C THR I 164 -51.63 33.62 -9.75
N ASP I 165 -50.88 33.32 -8.69
CA ASP I 165 -50.81 31.97 -8.13
C ASP I 165 -52.15 31.60 -7.49
N GLN I 166 -52.41 30.31 -7.37
CA GLN I 166 -53.65 29.79 -6.78
C GLN I 166 -53.74 30.19 -5.30
N ASP I 167 -54.91 30.68 -4.90
CA ASP I 167 -55.08 31.27 -3.58
C ASP I 167 -55.15 30.19 -2.49
N SER I 168 -54.59 30.49 -1.33
CA SER I 168 -54.58 29.55 -0.20
C SER I 168 -55.96 29.34 0.43
N LYS I 169 -56.83 30.35 0.32
CA LYS I 169 -58.19 30.31 0.89
C LYS I 169 -59.27 30.07 -0.17
N ASP I 170 -59.22 30.83 -1.27
CA ASP I 170 -60.25 30.81 -2.31
C ASP I 170 -59.95 29.85 -3.48
N SER I 171 -58.67 29.48 -3.66
CA SER I 171 -58.22 28.60 -4.74
C SER I 171 -58.61 29.05 -6.16
N THR I 172 -58.34 30.32 -6.46
CA THR I 172 -58.71 30.95 -7.75
C THR I 172 -57.48 31.35 -8.56
N TYR I 173 -57.71 31.77 -9.81
CA TYR I 173 -56.68 32.39 -10.65
C TYR I 173 -57.17 33.73 -11.18
N SER I 174 -56.24 34.60 -11.54
CA SER I 174 -56.58 35.98 -11.93
C SER I 174 -55.83 36.44 -13.18
N MET I 175 -56.54 37.18 -14.03
CA MET I 175 -55.97 37.80 -15.22
C MET I 175 -56.42 39.26 -15.25
N SER I 176 -55.44 40.18 -15.25
CA SER I 176 -55.69 41.61 -15.17
C SER I 176 -56.33 42.20 -16.42
N SER I 177 -56.89 43.39 -16.25
CA SER I 177 -57.55 44.13 -17.32
C SER I 177 -57.62 45.60 -16.92
N THR I 178 -56.95 46.47 -17.69
CA THR I 178 -56.86 47.90 -17.36
C THR I 178 -56.80 48.75 -18.63
N LEU I 179 -57.53 49.86 -18.61
CA LEU I 179 -57.67 50.76 -19.75
C LEU I 179 -56.99 52.09 -19.43
N THR I 180 -56.48 52.76 -20.47
CA THR I 180 -55.78 54.05 -20.32
C THR I 180 -56.31 55.04 -21.36
N LEU I 181 -57.16 55.97 -20.93
CA LEU I 181 -57.75 56.99 -21.79
C LEU I 181 -57.50 58.40 -21.20
N THR I 182 -58.13 59.41 -21.80
CA THR I 182 -58.05 60.79 -21.35
C THR I 182 -59.41 61.27 -20.81
N LYS I 183 -59.48 62.55 -20.41
CA LYS I 183 -60.73 63.16 -19.94
C LYS I 183 -61.76 63.36 -21.06
N ASP I 184 -61.29 63.71 -22.27
CA ASP I 184 -62.18 63.92 -23.42
C ASP I 184 -62.89 62.63 -23.84
N GLU I 185 -62.12 61.55 -23.97
CA GLU I 185 -62.66 60.23 -24.28
C GLU I 185 -63.51 59.66 -23.13
N TYR I 186 -63.24 60.11 -21.90
CA TYR I 186 -64.14 59.84 -20.77
C TYR I 186 -65.50 60.53 -20.93
N GLU I 187 -65.50 61.75 -21.46
CA GLU I 187 -66.72 62.54 -21.66
C GLU I 187 -67.39 62.39 -23.05
N ARG I 188 -66.89 61.48 -23.88
CA ARG I 188 -67.51 61.16 -25.18
C ARG I 188 -68.41 59.90 -25.17
N HIS I 189 -68.21 59.01 -24.21
CA HIS I 189 -68.98 57.76 -24.10
C HIS I 189 -69.59 57.63 -22.70
N ASN I 190 -70.87 57.28 -22.64
CA ASN I 190 -71.63 57.24 -21.38
C ASN I 190 -71.45 55.93 -20.63
N SER I 191 -71.92 54.83 -21.23
CA SER I 191 -71.90 53.52 -20.57
C SER I 191 -70.53 52.86 -20.70
N TYR I 192 -69.97 52.43 -19.57
CA TYR I 192 -68.70 51.69 -19.54
C TYR I 192 -68.89 50.29 -18.96
N THR I 193 -68.38 49.31 -19.70
CA THR I 193 -68.65 47.90 -19.46
C THR I 193 -67.41 47.09 -19.86
N CYS I 194 -66.99 46.18 -18.98
CA CYS I 194 -65.86 45.28 -19.25
C CYS I 194 -66.39 43.88 -19.57
N GLU I 195 -65.68 43.16 -20.44
CA GLU I 195 -66.08 41.83 -20.91
C GLU I 195 -65.19 40.75 -20.30
N ALA I 196 -65.82 39.72 -19.75
CA ALA I 196 -65.14 38.56 -19.18
C ALA I 196 -65.84 37.27 -19.61
N THR I 197 -65.27 36.60 -20.62
CA THR I 197 -65.83 35.35 -21.15
C THR I 197 -64.94 34.17 -20.73
N HIS I 198 -65.48 33.36 -19.81
CA HIS I 198 -64.81 32.13 -19.34
C HIS I 198 -64.81 31.07 -20.46
N LYS I 199 -63.88 30.11 -20.35
CA LYS I 199 -63.72 29.04 -21.34
C LYS I 199 -64.98 28.17 -21.49
N THR I 200 -65.54 27.74 -20.37
CA THR I 200 -66.81 27.00 -20.34
C THR I 200 -68.02 27.95 -20.38
N SER I 201 -68.11 28.83 -19.39
CA SER I 201 -69.22 29.79 -19.32
C SER I 201 -68.98 30.94 -20.31
N THR I 202 -69.76 30.96 -21.39
CA THR I 202 -69.58 31.92 -22.48
C THR I 202 -70.34 33.26 -22.28
N SER I 203 -70.67 33.60 -21.04
CA SER I 203 -71.45 34.80 -20.74
C SER I 203 -70.59 35.88 -20.06
N PRO I 204 -70.50 37.09 -20.67
CA PRO I 204 -69.96 38.24 -19.93
C PRO I 204 -70.86 38.67 -18.77
N ILE I 205 -70.34 38.56 -17.55
CA ILE I 205 -71.09 38.88 -16.32
C ILE I 205 -70.67 40.28 -15.88
N VAL I 206 -71.64 41.18 -15.75
CA VAL I 206 -71.37 42.61 -15.68
C VAL I 206 -72.20 43.38 -14.66
N LYS I 207 -71.72 44.59 -14.37
CA LYS I 207 -72.48 45.66 -13.76
C LYS I 207 -72.56 46.70 -14.88
N SER I 208 -73.63 46.62 -15.69
CA SER I 208 -73.64 47.15 -17.08
C SER I 208 -73.43 48.65 -17.26
N ASP J 1 -29.86 26.04 38.12
CA ASP J 1 -30.05 26.20 39.60
C ASP J 1 -31.00 25.12 40.16
N ILE J 2 -31.16 25.12 41.48
CA ILE J 2 -32.08 24.22 42.17
C ILE J 2 -33.02 25.06 43.03
N VAL J 3 -34.32 25.00 42.72
CA VAL J 3 -35.35 25.70 43.49
C VAL J 3 -35.87 24.80 44.62
N MET J 4 -36.32 25.42 45.71
CA MET J 4 -36.86 24.71 46.86
C MET J 4 -38.33 25.06 47.05
N THR J 5 -39.19 24.30 46.37
CA THR J 5 -40.63 24.56 46.35
C THR J 5 -41.29 24.08 47.65
N GLN J 6 -41.65 25.04 48.49
CA GLN J 6 -42.50 24.76 49.66
C GLN J 6 -43.96 24.75 49.19
N SER J 7 -44.58 23.57 49.18
CA SER J 7 -45.99 23.43 48.82
C SER J 7 -46.96 23.80 49.95
N GLN J 8 -46.43 24.13 51.12
CA GLN J 8 -47.23 24.60 52.26
C GLN J 8 -46.81 26.03 52.60
N LYS J 9 -47.44 26.99 51.91
CA LYS J 9 -47.16 28.42 52.11
C LYS J 9 -47.67 28.90 53.47
N PHE J 10 -48.99 28.85 53.66
CA PHE J 10 -49.63 29.29 54.90
C PHE J 10 -50.41 28.12 55.51
N MET J 11 -49.81 27.51 56.53
CA MET J 11 -50.40 26.35 57.23
C MET J 11 -50.62 26.68 58.71
N SER J 12 -51.57 25.97 59.31
CA SER J 12 -51.95 26.16 60.72
C SER J 12 -51.81 24.86 61.51
N THR J 13 -51.83 25.00 62.83
CA THR J 13 -51.69 23.87 63.76
C THR J 13 -52.36 24.14 65.11
N SER J 14 -52.50 23.09 65.90
CA SER J 14 -52.96 23.19 67.29
C SER J 14 -51.74 23.22 68.22
N VAL J 15 -51.99 23.25 69.53
CA VAL J 15 -50.92 23.26 70.55
C VAL J 15 -50.39 21.84 70.77
N GLY J 16 -51.28 20.94 71.18
CA GLY J 16 -50.90 19.57 71.56
C GLY J 16 -50.59 18.58 70.44
N ASP J 17 -50.74 18.99 69.19
CA ASP J 17 -50.50 18.10 68.03
C ASP J 17 -49.06 18.20 67.51
N ARG J 18 -48.63 17.15 66.80
CA ARG J 18 -47.31 17.07 66.18
C ARG J 18 -47.45 17.15 64.67
N VAL J 19 -47.43 18.39 64.15
CA VAL J 19 -47.46 18.63 62.69
C VAL J 19 -46.04 18.67 62.12
N THR J 20 -45.93 18.41 60.82
CA THR J 20 -44.66 18.44 60.10
C THR J 20 -44.71 19.40 58.92
N VAL J 21 -43.54 19.85 58.47
CA VAL J 21 -43.40 20.73 57.31
C VAL J 21 -42.48 20.05 56.30
N THR J 22 -43.01 19.76 55.12
CA THR J 22 -42.25 19.13 54.03
C THR J 22 -41.77 20.17 53.01
N CYS J 23 -40.74 19.80 52.26
CA CYS J 23 -40.11 20.68 51.28
C CYS J 23 -39.68 19.88 50.05
N LYS J 24 -39.77 20.50 48.88
CA LYS J 24 -39.40 19.86 47.61
C LYS J 24 -38.06 20.38 47.09
N ALA J 25 -37.42 19.57 46.24
CA ALA J 25 -36.20 19.96 45.53
C ALA J 25 -36.35 19.62 44.05
N SER J 26 -35.68 20.38 43.20
CA SER J 26 -35.70 20.15 41.75
C SER J 26 -35.04 18.83 41.35
N GLN J 27 -34.03 18.41 42.11
CA GLN J 27 -33.36 17.12 41.87
C GLN J 27 -32.78 16.53 43.16
N ASN J 28 -32.14 15.36 43.04
CA ASN J 28 -31.51 14.66 44.17
C ASN J 28 -30.36 15.49 44.73
N VAL J 29 -30.63 16.21 45.83
CA VAL J 29 -29.61 16.99 46.53
C VAL J 29 -29.06 16.26 47.78
N GLY J 30 -29.49 15.02 48.01
CA GLY J 30 -28.92 14.17 49.03
C GLY J 30 -29.23 14.62 50.45
N THR J 31 -28.19 14.64 51.29
CA THR J 31 -28.32 15.06 52.71
C THR J 31 -27.80 16.48 52.93
N ASN J 32 -28.01 17.36 51.96
CA ASN J 32 -27.68 18.78 52.09
C ASN J 32 -28.97 19.52 52.45
N VAL J 33 -29.50 19.19 53.63
CA VAL J 33 -30.79 19.68 54.10
C VAL J 33 -30.55 20.62 55.28
N ALA J 34 -31.28 21.72 55.32
CA ALA J 34 -31.21 22.66 56.43
C ALA J 34 -32.54 23.39 56.62
N TRP J 35 -32.76 23.88 57.84
CA TRP J 35 -34.01 24.56 58.20
C TRP J 35 -33.76 25.81 59.03
N TYR J 36 -34.79 26.63 59.15
CA TYR J 36 -34.75 27.83 59.99
C TYR J 36 -36.05 28.02 60.76
N GLN J 37 -36.03 29.00 61.67
CA GLN J 37 -37.22 29.48 62.39
C GLN J 37 -37.05 30.98 62.68
N GLN J 38 -37.73 31.82 61.90
CA GLN J 38 -37.71 33.27 62.09
C GLN J 38 -39.09 33.76 62.56
N LYS J 39 -39.12 34.37 63.75
CA LYS J 39 -40.31 35.05 64.25
C LYS J 39 -40.51 36.36 63.49
N PRO J 40 -41.77 36.81 63.29
CA PRO J 40 -42.02 38.09 62.59
C PRO J 40 -41.44 39.31 63.31
N GLY J 41 -40.43 39.93 62.68
CA GLY J 41 -39.74 41.10 63.22
C GLY J 41 -38.53 40.81 64.11
N GLN J 42 -38.03 39.57 64.05
CA GLN J 42 -36.85 39.15 64.83
C GLN J 42 -35.89 38.38 63.92
N SER J 43 -34.82 37.81 64.50
CA SER J 43 -33.80 37.06 63.77
C SER J 43 -34.20 35.58 63.53
N PRO J 44 -33.72 34.97 62.42
CA PRO J 44 -33.91 33.51 62.26
C PRO J 44 -33.11 32.66 63.27
N LYS J 45 -33.43 31.37 63.32
CA LYS J 45 -32.77 30.39 64.18
C LYS J 45 -32.33 29.18 63.35
N GLY J 46 -31.02 29.01 63.19
CA GLY J 46 -30.45 27.87 62.43
C GLY J 46 -30.54 26.58 63.21
N LEU J 47 -31.73 25.95 63.15
CA LEU J 47 -32.05 24.81 64.00
C LEU J 47 -31.31 23.52 63.62
N ILE J 48 -31.63 22.97 62.45
CA ILE J 48 -31.22 21.62 62.07
C ILE J 48 -30.42 21.64 60.77
N TYR J 49 -29.23 21.04 60.79
CA TYR J 49 -28.43 20.81 59.58
C TYR J 49 -28.30 19.32 59.32
N SER J 50 -28.30 18.96 58.04
CA SER J 50 -28.29 17.57 57.56
C SER J 50 -29.46 16.69 58.08
N ALA J 51 -30.60 17.33 58.39
CA ALA J 51 -31.84 16.65 58.80
C ALA J 51 -31.80 15.79 60.08
N SER J 52 -30.67 15.73 60.78
CA SER J 52 -30.54 14.88 61.97
C SER J 52 -29.68 15.44 63.12
N TYR J 53 -29.18 16.68 62.98
CA TYR J 53 -28.26 17.27 63.97
C TYR J 53 -28.82 18.59 64.49
N ARG J 54 -28.66 18.84 65.78
CA ARG J 54 -29.07 20.10 66.40
C ARG J 54 -27.86 21.01 66.60
N TYR J 55 -28.13 22.25 67.03
CA TYR J 55 -27.11 23.18 67.49
C TYR J 55 -27.24 23.33 69.01
N SER J 56 -26.14 23.68 69.68
CA SER J 56 -26.15 23.95 71.12
C SER J 56 -26.95 25.21 71.44
N GLY J 57 -28.12 25.03 72.03
CA GLY J 57 -29.13 26.10 72.19
C GLY J 57 -30.50 25.78 71.62
N VAL J 58 -30.61 24.63 70.93
CA VAL J 58 -31.86 24.18 70.33
C VAL J 58 -32.49 23.11 71.24
N PRO J 59 -33.78 23.26 71.61
CA PRO J 59 -34.42 22.26 72.48
C PRO J 59 -34.71 20.92 71.79
N ASP J 60 -35.14 19.94 72.58
CA ASP J 60 -35.40 18.56 72.09
C ASP J 60 -36.79 18.36 71.43
N ARG J 61 -37.49 19.45 71.14
CA ARG J 61 -38.78 19.40 70.42
C ARG J 61 -38.64 19.42 68.89
N PHE J 62 -37.42 19.64 68.39
CA PHE J 62 -37.20 19.77 66.94
C PHE J 62 -36.40 18.59 66.38
N ILE J 63 -37.09 17.76 65.60
CA ILE J 63 -36.47 16.69 64.81
C ILE J 63 -36.89 16.84 63.33
N GLY J 64 -36.38 15.96 62.48
CA GLY J 64 -36.77 15.96 61.07
C GLY J 64 -36.11 14.83 60.29
N SER J 65 -36.24 14.88 58.98
CA SER J 65 -35.68 13.87 58.07
C SER J 65 -35.59 14.45 56.67
N GLY J 66 -35.34 13.59 55.68
CA GLY J 66 -35.31 13.99 54.28
C GLY J 66 -33.95 13.76 53.65
N SER J 67 -33.94 12.96 52.58
CA SER J 67 -32.74 12.71 51.79
C SER J 67 -33.12 12.52 50.33
N GLY J 68 -32.77 13.49 49.49
CA GLY J 68 -33.17 13.54 48.08
C GLY J 68 -33.94 14.81 47.78
N THR J 69 -35.25 14.67 47.55
CA THR J 69 -36.12 15.81 47.22
C THR J 69 -37.14 16.07 48.33
N ASP J 70 -37.95 15.06 48.64
CA ASP J 70 -38.99 15.17 49.68
C ASP J 70 -38.34 15.21 51.06
N PHE J 71 -38.47 16.35 51.75
CA PHE J 71 -37.86 16.55 53.07
C PHE J 71 -38.88 16.60 54.19
N THR J 72 -38.38 16.61 55.43
CA THR J 72 -39.21 16.50 56.62
C THR J 72 -38.68 17.36 57.77
N LEU J 73 -39.56 18.17 58.36
CA LEU J 73 -39.29 18.86 59.62
C LEU J 73 -40.49 18.64 60.56
N THR J 74 -40.41 17.58 61.36
CA THR J 74 -41.48 17.21 62.30
C THR J 74 -41.19 17.83 63.66
N ILE J 75 -42.04 18.78 64.07
CA ILE J 75 -41.92 19.46 65.36
C ILE J 75 -43.00 18.92 66.31
N SER J 76 -42.56 18.31 67.42
CA SER J 76 -43.46 17.86 68.49
C SER J 76 -43.60 18.95 69.56
N ASN J 77 -44.74 18.94 70.24
CA ASN J 77 -45.04 19.87 71.34
C ASN J 77 -44.95 21.34 70.88
N VAL J 78 -45.87 21.70 69.99
CA VAL J 78 -45.89 23.04 69.39
C VAL J 78 -46.39 24.06 70.43
N GLN J 79 -45.49 24.93 70.87
CA GLN J 79 -45.79 25.92 71.92
C GLN J 79 -46.49 27.16 71.35
N SER J 80 -46.82 28.10 72.24
CA SER J 80 -47.32 29.43 71.83
C SER J 80 -46.23 30.29 71.19
N GLY J 81 -44.97 30.05 71.54
CA GLY J 81 -43.82 30.73 70.94
C GLY J 81 -43.46 30.30 69.53
N ASP J 82 -44.06 29.21 69.03
CA ASP J 82 -43.82 28.72 67.66
C ASP J 82 -44.65 29.41 66.56
N LEU J 83 -45.37 30.48 66.93
CA LEU J 83 -46.05 31.34 65.95
C LEU J 83 -45.00 32.15 65.19
N ALA J 84 -44.40 31.52 64.19
CA ALA J 84 -43.26 32.06 63.47
C ALA J 84 -43.26 31.61 62.00
N GLU J 85 -42.17 31.89 61.29
CA GLU J 85 -42.00 31.51 59.89
C GLU J 85 -40.85 30.51 59.75
N TYR J 86 -41.06 29.49 58.92
CA TYR J 86 -40.10 28.41 58.72
C TYR J 86 -39.52 28.44 57.32
N PHE J 87 -38.20 28.30 57.22
CA PHE J 87 -37.51 28.26 55.93
C PHE J 87 -36.87 26.91 55.69
N CYS J 88 -36.97 26.46 54.43
CA CYS J 88 -36.32 25.26 53.93
C CYS J 88 -34.99 25.72 53.35
N GLN J 89 -34.09 24.78 53.06
CA GLN J 89 -32.78 25.11 52.51
C GLN J 89 -32.12 23.91 51.86
N GLN J 90 -31.55 24.13 50.67
CA GLN J 90 -30.57 23.23 50.08
C GLN J 90 -29.20 23.92 50.10
N TYR J 91 -28.14 23.11 50.16
CA TYR J 91 -26.78 23.60 49.98
C TYR J 91 -25.91 22.60 49.19
N ASN J 92 -26.51 21.99 48.18
CA ASN J 92 -25.81 21.10 47.25
C ASN J 92 -25.43 21.82 45.95
N ASN J 93 -26.06 22.97 45.66
CA ASN J 93 -25.73 23.75 44.48
C ASN J 93 -25.68 25.23 44.85
N HIS J 94 -24.82 25.95 44.14
CA HIS J 94 -24.71 27.40 44.28
C HIS J 94 -25.63 28.06 43.25
N PRO J 95 -26.50 29.01 43.66
CA PRO J 95 -26.60 29.55 45.02
C PRO J 95 -27.39 28.65 45.99
N LEU J 96 -27.01 28.66 47.26
CA LEU J 96 -27.77 27.94 48.29
C LEU J 96 -29.14 28.61 48.50
N THR J 97 -30.12 28.16 47.72
CA THR J 97 -31.48 28.71 47.77
C THR J 97 -32.24 28.22 49.00
N PHE J 98 -33.22 29.01 49.43
CA PHE J 98 -34.07 28.69 50.59
C PHE J 98 -35.50 28.35 50.14
N GLY J 99 -36.36 28.05 51.12
CA GLY J 99 -37.78 27.79 50.85
C GLY J 99 -38.58 29.05 50.59
N ALA J 100 -39.87 28.86 50.31
CA ALA J 100 -40.80 29.95 50.02
C ALA J 100 -41.40 30.65 51.25
N GLY J 101 -41.04 30.19 52.46
CA GLY J 101 -41.55 30.79 53.71
C GLY J 101 -42.83 30.11 54.19
N THR J 102 -42.73 29.39 55.31
CA THR J 102 -43.87 28.68 55.89
C THR J 102 -44.25 29.31 57.23
N LYS J 103 -45.25 30.19 57.20
CA LYS J 103 -45.80 30.78 58.42
C LYS J 103 -46.61 29.73 59.16
N LEU J 104 -46.20 29.40 60.40
CA LEU J 104 -46.97 28.50 61.25
C LEU J 104 -48.03 29.30 61.99
N GLU J 105 -49.26 28.81 61.94
CA GLU J 105 -50.42 29.51 62.49
C GLU J 105 -51.12 28.66 63.55
N LEU J 106 -51.88 29.33 64.41
CA LEU J 106 -52.71 28.68 65.44
C LEU J 106 -54.15 28.49 64.94
N LYS J 107 -54.69 27.29 65.14
CA LYS J 107 -56.05 26.96 64.70
C LYS J 107 -57.09 27.65 65.60
N ARG J 108 -58.14 28.16 64.97
CA ARG J 108 -59.16 28.96 65.65
C ARG J 108 -60.46 28.91 64.82
N ALA J 109 -61.60 29.00 65.48
CA ALA J 109 -62.91 28.83 64.83
C ALA J 109 -63.29 30.02 63.92
N ASP J 110 -64.49 29.96 63.33
CA ASP J 110 -65.01 31.08 62.54
C ASP J 110 -65.33 32.28 63.44
N ALA J 111 -64.86 33.46 63.02
CA ALA J 111 -65.02 34.71 63.79
C ALA J 111 -65.87 35.73 63.04
N ALA J 112 -66.31 36.75 63.77
CA ALA J 112 -67.16 37.82 63.23
C ALA J 112 -66.40 39.15 63.32
N PRO J 113 -66.24 39.87 62.19
CA PRO J 113 -65.49 41.14 62.21
C PRO J 113 -66.23 42.30 62.86
N THR J 114 -65.60 43.49 62.82
CA THR J 114 -66.21 44.73 63.29
C THR J 114 -65.74 45.90 62.42
N VAL J 115 -66.56 46.94 62.37
CA VAL J 115 -66.28 48.14 61.56
C VAL J 115 -66.38 49.38 62.44
N SER J 116 -65.28 50.15 62.49
CA SER J 116 -65.27 51.46 63.15
C SER J 116 -64.78 52.49 62.14
N ILE J 117 -65.70 52.97 61.30
CA ILE J 117 -65.41 54.03 60.32
C ILE J 117 -65.19 55.37 61.02
N PHE J 118 -64.04 56.00 60.75
CA PHE J 118 -63.69 57.28 61.40
C PHE J 118 -63.58 58.39 60.35
N PRO J 119 -64.45 59.43 60.46
CA PRO J 119 -64.26 60.63 59.64
C PRO J 119 -62.97 61.41 60.00
N PRO J 120 -62.44 62.23 59.07
CA PRO J 120 -61.29 63.09 59.37
C PRO J 120 -61.58 64.15 60.44
N SER J 121 -60.57 64.47 61.25
CA SER J 121 -60.68 65.45 62.33
C SER J 121 -60.37 66.87 61.82
N SER J 122 -60.32 67.83 62.73
CA SER J 122 -59.94 69.22 62.41
C SER J 122 -58.46 69.38 62.02
N GLU J 123 -57.60 68.48 62.50
CA GLU J 123 -56.16 68.52 62.20
C GLU J 123 -55.82 68.02 60.78
N GLN J 124 -56.77 67.33 60.14
CA GLN J 124 -56.58 66.78 58.79
C GLN J 124 -57.17 67.66 57.68
N LEU J 125 -58.21 68.44 57.99
CA LEU J 125 -58.88 69.30 56.99
C LEU J 125 -58.15 70.62 56.67
N THR J 126 -56.95 70.83 57.23
CA THR J 126 -56.14 72.03 56.96
C THR J 126 -55.51 71.97 55.57
N SER J 127 -54.85 70.84 55.26
CA SER J 127 -54.17 70.64 53.97
C SER J 127 -55.11 70.48 52.78
N GLY J 128 -56.32 69.93 53.02
CA GLY J 128 -57.33 69.73 51.97
C GLY J 128 -57.70 68.27 51.75
N GLY J 129 -56.73 67.38 51.91
CA GLY J 129 -56.94 65.94 51.79
C GLY J 129 -57.73 65.37 52.95
N ALA J 130 -58.93 64.87 52.66
CA ALA J 130 -59.82 64.27 53.66
C ALA J 130 -59.95 62.77 53.40
N SER J 131 -58.96 62.01 53.85
CA SER J 131 -58.97 60.55 53.76
C SER J 131 -59.88 59.92 54.80
N VAL J 132 -60.99 59.33 54.36
CA VAL J 132 -61.91 58.62 55.24
C VAL J 132 -61.35 57.22 55.45
N VAL J 133 -61.12 56.85 56.71
CA VAL J 133 -60.37 55.64 57.06
C VAL J 133 -61.26 54.62 57.77
N CYS J 134 -61.24 53.39 57.27
CA CYS J 134 -62.00 52.26 57.84
C CYS J 134 -61.06 51.31 58.58
N PHE J 135 -61.63 50.55 59.52
CA PHE J 135 -60.87 49.64 60.39
C PHE J 135 -61.58 48.29 60.53
N LEU J 136 -61.18 47.32 59.70
CA LEU J 136 -61.66 45.94 59.80
C LEU J 136 -60.76 45.17 60.76
N ASN J 137 -61.35 44.56 61.78
CA ASN J 137 -60.59 43.82 62.81
C ASN J 137 -61.30 42.54 63.21
N ASN J 138 -60.52 41.60 63.75
CA ASN J 138 -61.03 40.41 64.46
C ASN J 138 -61.91 39.48 63.62
N PHE J 139 -61.31 38.87 62.59
CA PHE J 139 -62.01 37.90 61.74
C PHE J 139 -61.12 36.72 61.33
N TYR J 140 -61.77 35.63 60.91
CA TYR J 140 -61.10 34.42 60.43
C TYR J 140 -62.07 33.65 59.50
N PRO J 141 -61.64 33.17 58.33
CA PRO J 141 -60.29 33.31 57.76
C PRO J 141 -60.05 34.68 57.10
N LYS J 142 -58.92 34.83 56.38
CA LYS J 142 -58.53 36.10 55.75
C LYS J 142 -59.40 36.63 54.59
N ASP J 143 -60.36 35.83 54.11
CA ASP J 143 -61.22 36.22 52.98
C ASP J 143 -62.32 37.19 53.45
N ILE J 144 -62.13 38.47 53.14
CA ILE J 144 -63.11 39.52 53.45
C ILE J 144 -63.06 40.60 52.36
N ASN J 145 -64.17 41.31 52.16
CA ASN J 145 -64.28 42.34 51.13
C ASN J 145 -64.22 43.74 51.77
N VAL J 146 -63.69 44.70 51.02
CA VAL J 146 -63.70 46.12 51.41
C VAL J 146 -64.21 46.94 50.22
N LYS J 147 -65.34 47.61 50.41
CA LYS J 147 -65.89 48.55 49.43
C LYS J 147 -66.22 49.88 50.09
N TRP J 148 -66.43 50.91 49.27
CA TRP J 148 -66.65 52.27 49.73
C TRP J 148 -67.92 52.86 49.13
N LYS J 149 -68.88 53.18 50.00
CA LYS J 149 -70.13 53.83 49.60
C LYS J 149 -70.03 55.35 49.79
N ILE J 150 -69.97 56.08 48.67
CA ILE J 150 -70.07 57.54 48.67
C ILE J 150 -71.44 57.85 48.06
N ASP J 151 -72.45 57.94 48.93
CA ASP J 151 -73.88 57.92 48.54
C ASP J 151 -74.20 56.68 47.66
N GLY J 152 -73.71 55.53 48.11
CA GLY J 152 -73.95 54.25 47.43
C GLY J 152 -73.26 54.04 46.10
N SER J 153 -72.29 54.89 45.75
CA SER J 153 -71.57 54.79 44.48
C SER J 153 -70.33 53.92 44.65
N GLU J 154 -70.16 52.95 43.77
CA GLU J 154 -68.99 52.05 43.79
C GLU J 154 -67.74 52.80 43.31
N ARG J 155 -66.66 52.68 44.08
CA ARG J 155 -65.39 53.34 43.75
C ARG J 155 -64.21 52.41 44.11
N GLN J 156 -63.51 51.91 43.09
CA GLN J 156 -62.30 51.10 43.29
C GLN J 156 -61.09 51.94 43.74
N ASP J 157 -61.15 53.26 43.54
CA ASP J 157 -60.13 54.18 44.06
C ASP J 157 -60.24 54.26 45.59
N GLY J 158 -59.39 53.47 46.27
CA GLY J 158 -59.43 53.33 47.72
C GLY J 158 -59.64 51.91 48.26
N VAL J 159 -59.45 50.89 47.41
CA VAL J 159 -59.40 49.51 47.86
C VAL J 159 -57.91 49.16 48.03
N LEU J 160 -57.41 49.42 49.24
CA LEU J 160 -55.99 49.29 49.56
C LEU J 160 -55.83 48.30 50.71
N ASN J 161 -55.84 47.02 50.37
CA ASN J 161 -55.86 45.93 51.36
C ASN J 161 -54.45 45.58 51.83
N SER J 162 -54.37 45.22 53.11
CA SER J 162 -53.12 44.73 53.71
C SER J 162 -53.44 43.62 54.71
N TRP J 163 -52.62 42.57 54.71
CA TRP J 163 -52.79 41.43 55.60
C TRP J 163 -51.90 41.58 56.83
N THR J 164 -52.22 40.81 57.86
CA THR J 164 -51.47 40.82 59.12
C THR J 164 -51.35 39.40 59.64
N ASP J 165 -50.22 39.10 60.28
CA ASP J 165 -50.00 37.77 60.86
C ASP J 165 -50.94 37.57 62.06
N GLN J 166 -51.19 36.30 62.39
CA GLN J 166 -52.04 35.94 63.52
C GLN J 166 -51.47 36.44 64.84
N ASP J 167 -52.33 36.96 65.71
CA ASP J 167 -51.88 37.55 66.98
C ASP J 167 -51.60 36.44 67.99
N SER J 168 -50.60 36.67 68.85
CA SER J 168 -50.21 35.71 69.88
C SER J 168 -51.26 35.54 70.98
N LYS J 169 -52.05 36.59 71.23
CA LYS J 169 -53.13 36.58 72.23
C LYS J 169 -54.53 36.56 71.59
N ASP J 170 -54.78 37.48 70.66
CA ASP J 170 -56.09 37.62 70.01
C ASP J 170 -56.40 36.50 69.01
N SER J 171 -55.38 35.99 68.32
CA SER J 171 -55.50 34.94 67.29
C SER J 171 -56.49 35.29 66.17
N THR J 172 -56.29 36.45 65.54
CA THR J 172 -57.15 36.92 64.44
C THR J 172 -56.31 37.35 63.23
N TYR J 173 -57.02 37.69 62.15
CA TYR J 173 -56.44 38.42 61.02
C TYR J 173 -56.95 39.86 61.07
N SER J 174 -56.47 40.70 60.14
CA SER J 174 -56.98 42.07 59.99
C SER J 174 -56.79 42.58 58.56
N MET J 175 -57.59 43.59 58.20
CA MET J 175 -57.46 44.29 56.93
C MET J 175 -57.78 45.77 57.12
N SER J 176 -57.12 46.62 56.33
CA SER J 176 -57.36 48.07 56.37
C SER J 176 -57.64 48.61 54.98
N SER J 177 -58.05 49.87 54.96
CA SER J 177 -58.20 50.65 53.74
C SER J 177 -58.31 52.13 54.09
N THR J 178 -58.24 52.97 53.06
CA THR J 178 -58.56 54.39 53.17
C THR J 178 -59.32 54.84 51.93
N LEU J 179 -59.99 55.98 52.05
CA LEU J 179 -60.76 56.55 50.94
C LEU J 179 -60.10 57.86 50.51
N THR J 180 -59.31 57.80 49.45
CA THR J 180 -58.60 58.97 48.93
C THR J 180 -59.57 59.97 48.32
N LEU J 181 -59.75 61.10 49.00
CA LEU J 181 -60.66 62.16 48.56
C LEU J 181 -59.93 63.51 48.54
N THR J 182 -60.66 64.55 48.15
CA THR J 182 -60.24 65.94 48.28
C THR J 182 -61.21 66.62 49.27
N LYS J 183 -61.09 67.93 49.44
CA LYS J 183 -62.05 68.71 50.24
C LYS J 183 -63.44 68.74 49.61
N ASP J 184 -63.49 68.93 48.29
CA ASP J 184 -64.76 69.02 47.54
C ASP J 184 -65.50 67.68 47.49
N GLU J 185 -64.77 66.60 47.22
CA GLU J 185 -65.36 65.25 47.16
C GLU J 185 -65.82 64.75 48.54
N TYR J 186 -65.19 65.26 49.61
CA TYR J 186 -65.64 65.00 50.99
C TYR J 186 -66.86 65.86 51.38
N GLU J 187 -66.96 67.06 50.82
CA GLU J 187 -68.05 68.00 51.16
C GLU J 187 -69.11 68.17 50.05
N ARG J 188 -69.33 67.12 49.25
CA ARG J 188 -70.46 67.06 48.30
C ARG J 188 -71.36 65.81 48.46
N HIS J 189 -71.08 64.97 49.48
CA HIS J 189 -71.86 63.77 49.77
C HIS J 189 -71.99 63.59 51.28
N ASN J 190 -73.17 63.13 51.73
CA ASN J 190 -73.47 63.03 53.17
C ASN J 190 -73.23 61.62 53.71
N SER J 191 -73.95 60.66 53.15
CA SER J 191 -73.91 59.28 53.64
C SER J 191 -72.61 58.58 53.26
N TYR J 192 -71.78 58.30 54.27
CA TYR J 192 -70.54 57.53 54.09
C TYR J 192 -70.59 56.22 54.86
N THR J 193 -70.24 55.13 54.17
CA THR J 193 -70.37 53.77 54.71
C THR J 193 -69.21 52.90 54.22
N CYS J 194 -68.49 52.32 55.17
CA CYS J 194 -67.49 51.29 54.88
C CYS J 194 -68.19 49.93 54.80
N GLU J 195 -68.08 49.28 53.65
CA GLU J 195 -68.67 47.96 53.43
C GLU J 195 -67.63 46.88 53.73
N ALA J 196 -67.96 45.96 54.63
CA ALA J 196 -67.09 44.85 55.01
C ALA J 196 -67.86 43.53 54.95
N THR J 197 -67.71 42.80 53.84
CA THR J 197 -68.40 41.53 53.62
C THR J 197 -67.45 40.36 53.88
N HIS J 198 -67.73 39.61 54.95
CA HIS J 198 -66.93 38.44 55.35
C HIS J 198 -67.59 37.15 54.83
N LYS J 199 -66.78 36.09 54.72
CA LYS J 199 -67.25 34.79 54.21
C LYS J 199 -68.29 34.14 55.14
N THR J 200 -67.97 34.05 56.42
CA THR J 200 -68.88 33.53 57.44
C THR J 200 -69.95 34.56 57.81
N SER J 201 -69.52 35.69 58.36
CA SER J 201 -70.43 36.80 58.68
C SER J 201 -70.80 37.53 57.38
N THR J 202 -71.84 37.03 56.74
CA THR J 202 -72.25 37.51 55.41
C THR J 202 -72.89 38.92 55.42
N SER J 203 -73.50 39.30 56.56
CA SER J 203 -74.10 40.62 56.71
C SER J 203 -73.03 41.69 56.92
N PRO J 204 -72.92 42.69 56.01
CA PRO J 204 -71.93 43.75 56.24
C PRO J 204 -72.33 44.72 57.36
N ILE J 205 -71.41 44.94 58.31
CA ILE J 205 -71.63 45.91 59.39
C ILE J 205 -71.46 47.31 58.79
N VAL J 206 -72.54 48.08 58.80
CA VAL J 206 -72.61 49.36 58.08
C VAL J 206 -72.91 50.53 59.03
N LYS J 207 -72.52 51.73 58.60
CA LYS J 207 -72.78 52.98 59.35
C LYS J 207 -73.28 54.04 58.37
N SER J 208 -74.32 54.79 58.78
CA SER J 208 -74.94 55.82 57.95
C SER J 208 -74.33 57.20 58.24
#